data_7Z9H
# 
_entry.id   7Z9H 
# 
_audit_conform.dict_name       mmcif_pdbx.dic 
_audit_conform.dict_version    5.384 
_audit_conform.dict_location   http://mmcif.pdb.org/dictionaries/ascii/mmcif_pdbx.dic 
# 
loop_
_database_2.database_id 
_database_2.database_code 
_database_2.pdbx_database_accession 
_database_2.pdbx_DOI 
PDB   7Z9H         pdb_00007z9h 10.2210/pdb7z9h/pdb 
WWPDB D_1292121828 ?            ?                   
# 
loop_
_pdbx_audit_revision_history.ordinal 
_pdbx_audit_revision_history.data_content_type 
_pdbx_audit_revision_history.major_revision 
_pdbx_audit_revision_history.minor_revision 
_pdbx_audit_revision_history.revision_date 
1 'Structure model' 1 0 2022-11-23 
2 'Structure model' 1 1 2022-12-07 
3 'Structure model' 1 2 2023-01-11 
4 'Structure model' 1 3 2024-01-31 
# 
_pdbx_audit_revision_details.ordinal             1 
_pdbx_audit_revision_details.revision_ordinal    1 
_pdbx_audit_revision_details.data_content_type   'Structure model' 
_pdbx_audit_revision_details.provider            repository 
_pdbx_audit_revision_details.type                'Initial release' 
_pdbx_audit_revision_details.description         ? 
_pdbx_audit_revision_details.details             ? 
# 
loop_
_pdbx_audit_revision_group.ordinal 
_pdbx_audit_revision_group.revision_ordinal 
_pdbx_audit_revision_group.data_content_type 
_pdbx_audit_revision_group.group 
1 2 'Structure model' 'Database references'    
2 3 'Structure model' 'Database references'    
3 4 'Structure model' 'Data collection'        
4 4 'Structure model' 'Refinement description' 
# 
loop_
_pdbx_audit_revision_category.ordinal 
_pdbx_audit_revision_category.revision_ordinal 
_pdbx_audit_revision_category.data_content_type 
_pdbx_audit_revision_category.category 
1 2 'Structure model' citation                      
2 2 'Structure model' citation_author               
3 3 'Structure model' citation_author               
4 4 'Structure model' chem_comp_atom                
5 4 'Structure model' chem_comp_bond                
6 4 'Structure model' pdbx_initial_refinement_model 
# 
loop_
_pdbx_audit_revision_item.ordinal 
_pdbx_audit_revision_item.revision_ordinal 
_pdbx_audit_revision_item.data_content_type 
_pdbx_audit_revision_item.item 
1 2 'Structure model' '_citation.journal_volume'          
2 2 'Structure model' '_citation.page_first'              
3 2 'Structure model' '_citation.page_last'               
4 2 'Structure model' '_citation_author.identifier_ORCID' 
5 3 'Structure model' '_citation_author.identifier_ORCID' 
# 
_pdbx_database_status.status_code                     REL 
_pdbx_database_status.status_code_sf                  REL 
_pdbx_database_status.status_code_mr                  ? 
_pdbx_database_status.entry_id                        7Z9H 
_pdbx_database_status.recvd_initial_deposition_date   2022-03-21 
_pdbx_database_status.SG_entry                        N 
_pdbx_database_status.deposit_site                    PDBE 
_pdbx_database_status.process_site                    PDBE 
_pdbx_database_status.status_code_cs                  ? 
_pdbx_database_status.status_code_nmr_data            ? 
_pdbx_database_status.methods_development_category    ? 
_pdbx_database_status.pdb_format_compatible           N 
# 
_pdbx_contact_author.id                 2 
_pdbx_contact_author.email              martin.noble@ncl.ac.uk 
_pdbx_contact_author.name_first         Martin 
_pdbx_contact_author.name_last          Noble 
_pdbx_contact_author.name_mi            E.M 
_pdbx_contact_author.role               'principal investigator/group leader' 
_pdbx_contact_author.identifier_ORCID   0000-0002-3595-9807 
# 
loop_
_audit_author.name 
_audit_author.pdbx_ordinal 
_audit_author.identifier_ORCID 
'Turberville, S.' 1 0000-0003-2173-9675 
'Martin, M.P.'    2 0000-0003-4810-3351 
'Hope, I.'        3 ?                   
'Noble, M.E.M.'   4 0000-0002-3595-9807 
# 
_citation.abstract                  ? 
_citation.abstract_id_CAS           ? 
_citation.book_id_ISBN              ? 
_citation.book_publisher            ? 
_citation.book_publisher_city       ? 
_citation.book_title                ? 
_citation.coordinate_linkage        ? 
_citation.country                   US 
_citation.database_id_Medline       ? 
_citation.details                   ? 
_citation.id                        primary 
_citation.journal_abbrev            J.Med.Chem. 
_citation.journal_id_ASTM           JMCMAR 
_citation.journal_id_CSD            0151 
_citation.journal_id_ISSN           0022-2623 
_citation.journal_full              ? 
_citation.journal_issue             ? 
_citation.journal_volume            65 
_citation.language                  ? 
_citation.page_first                15416 
_citation.page_last                 15432 
_citation.title                     
;Mapping Ligand Interactions of Bromodomains BRD4 and ATAD2 with FragLites and PepLites&#9472;Halogenated Probes of Druglike and Peptide-like Molecular Interactions.
;
_citation.year                      2022 
_citation.database_id_CSD           ? 
_citation.pdbx_database_id_DOI      10.1021/acs.jmedchem.2c01357 
_citation.pdbx_database_id_PubMed   36367089 
_citation.pdbx_database_id_patent   ? 
_citation.unpublished_flag          ? 
# 
loop_
_citation_author.citation_id 
_citation_author.name 
_citation_author.ordinal 
_citation_author.identifier_ORCID 
primary 'Davison, G.'       1  0000-0001-5466-2702 
primary 'Martin, M.P.'      2  ?                   
primary 'Turberville, S.'   3  ?                   
primary 'Dormen, S.'        4  ?                   
primary 'Heath, R.'         5  ?                   
primary 'Heptinstall, A.B.' 6  ?                   
primary 'Lawson, M.'        7  ?                   
primary 'Miller, D.C.'      8  0000-0001-6846-2007 
primary 'Ng, Y.M.'          9  ?                   
primary 'Sanderson, J.N.'   10 0000-0003-1000-2897 
primary 'Hope, I.'          11 0000-0002-8002-5026 
primary 'Wood, D.J.'        12 ?                   
primary 'Cano, C.'          13 0000-0002-2032-2272 
primary 'Endicott, J.A.'    14 ?                   
primary 'Hardcastle, I.R.'  15 0000-0001-7495-3769 
primary 'Noble, M.E.M.'     16 ?                   
primary 'Waring, M.J.'      17 0000-0002-9110-8783 
# 
loop_
_entity.id 
_entity.type 
_entity.src_method 
_entity.pdbx_description 
_entity.formula_weight 
_entity.pdbx_number_of_molecules 
_entity.pdbx_ec 
_entity.pdbx_mutation 
_entity.pdbx_fragment 
_entity.details 
1 polymer     man 'ATPase family AAA domain-containing protein 2'                 15453.514 1   3.6.1.3 ? bromodomain ? 
2 non-polymer syn 'SULFATE ION'                                                   96.063    2   ?       ? ?           ? 
3 non-polymer syn 'CHLORIDE ION'                                                  35.453    1   ?       ? ?           ? 
4 non-polymer syn 1,2-ETHANEDIOL                                                  62.068    4   ?       ? ?           ? 
5 non-polymer syn '(2~{S})-2-acetamido-~{N}-(3-bromanylprop-2-ynyl)butanediamide' 290.114   1   ?       ? ?           ? 
6 water       nat water                                                           18.015    180 ?       ? ?           ? 
# 
_entity_name_com.entity_id   1 
_entity_name_com.name        'AAA nuclear coregulator cancer-associated protein,ANCCA' 
# 
_entity_poly.entity_id                      1 
_entity_poly.type                           'polypeptide(L)' 
_entity_poly.nstd_linkage                   no 
_entity_poly.nstd_monomer                   no 
_entity_poly.pdbx_seq_one_letter_code       
;SMQEEDTFRELRIFLRNVTHRLAIDKRFRVFTKPVDPDEVPDYVTVIKQPMDLSSVISKIDLHKYLTVKDYLRDIDLICS
NALEYNPDRDPGDRLIRHRACALRDTAYAIIKEELDEDFEQLCEEIQESR
;
_entity_poly.pdbx_seq_one_letter_code_can   
;SMQEEDTFRELRIFLRNVTHRLAIDKRFRVFTKPVDPDEVPDYVTVIKQPMDLSSVISKIDLHKYLTVKDYLRDIDLICS
NALEYNPDRDPGDRLIRHRACALRDTAYAIIKEELDEDFEQLCEEIQESR
;
_entity_poly.pdbx_strand_id                 AAA 
_entity_poly.pdbx_target_identifier         ? 
# 
loop_
_pdbx_entity_nonpoly.entity_id 
_pdbx_entity_nonpoly.name 
_pdbx_entity_nonpoly.comp_id 
2 'SULFATE ION'                                                   SO4 
3 'CHLORIDE ION'                                                  CL  
4 1,2-ETHANEDIOL                                                  EDO 
5 '(2~{S})-2-acetamido-~{N}-(3-bromanylprop-2-ynyl)butanediamide' IIV 
6 water                                                           HOH 
# 
loop_
_entity_poly_seq.entity_id 
_entity_poly_seq.num 
_entity_poly_seq.mon_id 
_entity_poly_seq.hetero 
1 1   SER n 
1 2   MET n 
1 3   GLN n 
1 4   GLU n 
1 5   GLU n 
1 6   ASP n 
1 7   THR n 
1 8   PHE n 
1 9   ARG n 
1 10  GLU n 
1 11  LEU n 
1 12  ARG n 
1 13  ILE n 
1 14  PHE n 
1 15  LEU n 
1 16  ARG n 
1 17  ASN n 
1 18  VAL n 
1 19  THR n 
1 20  HIS n 
1 21  ARG n 
1 22  LEU n 
1 23  ALA n 
1 24  ILE n 
1 25  ASP n 
1 26  LYS n 
1 27  ARG n 
1 28  PHE n 
1 29  ARG n 
1 30  VAL n 
1 31  PHE n 
1 32  THR n 
1 33  LYS n 
1 34  PRO n 
1 35  VAL n 
1 36  ASP n 
1 37  PRO n 
1 38  ASP n 
1 39  GLU n 
1 40  VAL n 
1 41  PRO n 
1 42  ASP n 
1 43  TYR n 
1 44  VAL n 
1 45  THR n 
1 46  VAL n 
1 47  ILE n 
1 48  LYS n 
1 49  GLN n 
1 50  PRO n 
1 51  MET n 
1 52  ASP n 
1 53  LEU n 
1 54  SER n 
1 55  SER n 
1 56  VAL n 
1 57  ILE n 
1 58  SER n 
1 59  LYS n 
1 60  ILE n 
1 61  ASP n 
1 62  LEU n 
1 63  HIS n 
1 64  LYS n 
1 65  TYR n 
1 66  LEU n 
1 67  THR n 
1 68  VAL n 
1 69  LYS n 
1 70  ASP n 
1 71  TYR n 
1 72  LEU n 
1 73  ARG n 
1 74  ASP n 
1 75  ILE n 
1 76  ASP n 
1 77  LEU n 
1 78  ILE n 
1 79  CYS n 
1 80  SER n 
1 81  ASN n 
1 82  ALA n 
1 83  LEU n 
1 84  GLU n 
1 85  TYR n 
1 86  ASN n 
1 87  PRO n 
1 88  ASP n 
1 89  ARG n 
1 90  ASP n 
1 91  PRO n 
1 92  GLY n 
1 93  ASP n 
1 94  ARG n 
1 95  LEU n 
1 96  ILE n 
1 97  ARG n 
1 98  HIS n 
1 99  ARG n 
1 100 ALA n 
1 101 CYS n 
1 102 ALA n 
1 103 LEU n 
1 104 ARG n 
1 105 ASP n 
1 106 THR n 
1 107 ALA n 
1 108 TYR n 
1 109 ALA n 
1 110 ILE n 
1 111 ILE n 
1 112 LYS n 
1 113 GLU n 
1 114 GLU n 
1 115 LEU n 
1 116 ASP n 
1 117 GLU n 
1 118 ASP n 
1 119 PHE n 
1 120 GLU n 
1 121 GLN n 
1 122 LEU n 
1 123 CYS n 
1 124 GLU n 
1 125 GLU n 
1 126 ILE n 
1 127 GLN n 
1 128 GLU n 
1 129 SER n 
1 130 ARG n 
# 
_entity_src_gen.entity_id                          1 
_entity_src_gen.pdbx_src_id                        1 
_entity_src_gen.pdbx_alt_source_flag               sample 
_entity_src_gen.pdbx_seq_type                      'Biological sequence' 
_entity_src_gen.pdbx_beg_seq_num                   1 
_entity_src_gen.pdbx_end_seq_num                   130 
_entity_src_gen.gene_src_common_name               human 
_entity_src_gen.gene_src_genus                     ? 
_entity_src_gen.pdbx_gene_src_gene                 'ATAD2, L16, PRO2000' 
_entity_src_gen.gene_src_species                   ? 
_entity_src_gen.gene_src_strain                    ? 
_entity_src_gen.gene_src_tissue                    ? 
_entity_src_gen.gene_src_tissue_fraction           ? 
_entity_src_gen.gene_src_details                   ? 
_entity_src_gen.pdbx_gene_src_fragment             ? 
_entity_src_gen.pdbx_gene_src_scientific_name      'Homo sapiens' 
_entity_src_gen.pdbx_gene_src_ncbi_taxonomy_id     9606 
_entity_src_gen.pdbx_gene_src_variant              ? 
_entity_src_gen.pdbx_gene_src_cell_line            ? 
_entity_src_gen.pdbx_gene_src_atcc                 ? 
_entity_src_gen.pdbx_gene_src_organ                ? 
_entity_src_gen.pdbx_gene_src_organelle            ? 
_entity_src_gen.pdbx_gene_src_cell                 ? 
_entity_src_gen.pdbx_gene_src_cellular_location    ? 
_entity_src_gen.host_org_common_name               ? 
_entity_src_gen.pdbx_host_org_scientific_name      'Escherichia coli BL21(DE3)' 
_entity_src_gen.pdbx_host_org_ncbi_taxonomy_id     469008 
_entity_src_gen.host_org_genus                     ? 
_entity_src_gen.pdbx_host_org_gene                 ? 
_entity_src_gen.pdbx_host_org_organ                ? 
_entity_src_gen.host_org_species                   ? 
_entity_src_gen.pdbx_host_org_tissue               ? 
_entity_src_gen.pdbx_host_org_tissue_fraction      ? 
_entity_src_gen.pdbx_host_org_strain               ? 
_entity_src_gen.pdbx_host_org_variant              ? 
_entity_src_gen.pdbx_host_org_cell_line            ? 
_entity_src_gen.pdbx_host_org_atcc                 ? 
_entity_src_gen.pdbx_host_org_culture_collection   ? 
_entity_src_gen.pdbx_host_org_cell                 ? 
_entity_src_gen.pdbx_host_org_organelle            ? 
_entity_src_gen.pdbx_host_org_cellular_location    ? 
_entity_src_gen.pdbx_host_org_vector_type          pET28b 
_entity_src_gen.pdbx_host_org_vector               ? 
_entity_src_gen.host_org_details                   ? 
_entity_src_gen.expression_system_id               ? 
_entity_src_gen.plasmid_name                       ? 
_entity_src_gen.plasmid_details                    ? 
_entity_src_gen.pdbx_description                   ? 
# 
loop_
_chem_comp.id 
_chem_comp.type 
_chem_comp.mon_nstd_flag 
_chem_comp.name 
_chem_comp.pdbx_synonyms 
_chem_comp.formula 
_chem_comp.formula_weight 
ALA 'L-peptide linking' y ALANINE                                                         ?                 'C3 H7 N O2'      
89.093  
ARG 'L-peptide linking' y ARGININE                                                        ?                 'C6 H15 N4 O2 1'  
175.209 
ASN 'L-peptide linking' y ASPARAGINE                                                      ?                 'C4 H8 N2 O3'     
132.118 
ASP 'L-peptide linking' y 'ASPARTIC ACID'                                                 ?                 'C4 H7 N O4'      
133.103 
CL  non-polymer         . 'CHLORIDE ION'                                                  ?                 'Cl -1'           
35.453  
CYS 'L-peptide linking' y CYSTEINE                                                        ?                 'C3 H7 N O2 S'    
121.158 
EDO non-polymer         . 1,2-ETHANEDIOL                                                  'ETHYLENE GLYCOL' 'C2 H6 O2'        
62.068  
GLN 'L-peptide linking' y GLUTAMINE                                                       ?                 'C5 H10 N2 O3'    
146.144 
GLU 'L-peptide linking' y 'GLUTAMIC ACID'                                                 ?                 'C5 H9 N O4'      
147.129 
GLY 'peptide linking'   y GLYCINE                                                         ?                 'C2 H5 N O2'      
75.067  
HIS 'L-peptide linking' y HISTIDINE                                                       ?                 'C6 H10 N3 O2 1'  
156.162 
HOH non-polymer         . WATER                                                           ?                 'H2 O'            
18.015  
IIV non-polymer         . '(2~{S})-2-acetamido-~{N}-(3-bromanylprop-2-ynyl)butanediamide' ?                 'C9 H12 Br N3 O3' 
290.114 
ILE 'L-peptide linking' y ISOLEUCINE                                                      ?                 'C6 H13 N O2'     
131.173 
LEU 'L-peptide linking' y LEUCINE                                                         ?                 'C6 H13 N O2'     
131.173 
LYS 'L-peptide linking' y LYSINE                                                          ?                 'C6 H15 N2 O2 1'  
147.195 
MET 'L-peptide linking' y METHIONINE                                                      ?                 'C5 H11 N O2 S'   
149.211 
PHE 'L-peptide linking' y PHENYLALANINE                                                   ?                 'C9 H11 N O2'     
165.189 
PRO 'L-peptide linking' y PROLINE                                                         ?                 'C5 H9 N O2'      
115.130 
SER 'L-peptide linking' y SERINE                                                          ?                 'C3 H7 N O3'      
105.093 
SO4 non-polymer         . 'SULFATE ION'                                                   ?                 'O4 S -2'         
96.063  
THR 'L-peptide linking' y THREONINE                                                       ?                 'C4 H9 N O3'      
119.119 
TYR 'L-peptide linking' y TYROSINE                                                        ?                 'C9 H11 N O3'     
181.189 
VAL 'L-peptide linking' y VALINE                                                          ?                 'C5 H11 N O2'     
117.146 
# 
loop_
_pdbx_poly_seq_scheme.asym_id 
_pdbx_poly_seq_scheme.entity_id 
_pdbx_poly_seq_scheme.seq_id 
_pdbx_poly_seq_scheme.mon_id 
_pdbx_poly_seq_scheme.ndb_seq_num 
_pdbx_poly_seq_scheme.pdb_seq_num 
_pdbx_poly_seq_scheme.auth_seq_num 
_pdbx_poly_seq_scheme.pdb_mon_id 
_pdbx_poly_seq_scheme.auth_mon_id 
_pdbx_poly_seq_scheme.pdb_strand_id 
_pdbx_poly_seq_scheme.pdb_ins_code 
_pdbx_poly_seq_scheme.hetero 
A 1 1   SER 1   979  979  SER SER AAA . n 
A 1 2   MET 2   980  980  MET MET AAA . n 
A 1 3   GLN 3   981  981  GLN GLN AAA . n 
A 1 4   GLU 4   982  982  GLU GLU AAA . n 
A 1 5   GLU 5   983  983  GLU GLU AAA . n 
A 1 6   ASP 6   984  984  ASP ASP AAA . n 
A 1 7   THR 7   985  985  THR THR AAA . n 
A 1 8   PHE 8   986  986  PHE PHE AAA . n 
A 1 9   ARG 9   987  987  ARG ARG AAA . n 
A 1 10  GLU 10  988  988  GLU GLU AAA . n 
A 1 11  LEU 11  989  989  LEU LEU AAA . n 
A 1 12  ARG 12  990  990  ARG ARG AAA . n 
A 1 13  ILE 13  991  991  ILE ILE AAA . n 
A 1 14  PHE 14  992  992  PHE PHE AAA . n 
A 1 15  LEU 15  993  993  LEU LEU AAA . n 
A 1 16  ARG 16  994  994  ARG ARG AAA . n 
A 1 17  ASN 17  995  995  ASN ASN AAA . n 
A 1 18  VAL 18  996  996  VAL VAL AAA . n 
A 1 19  THR 19  997  997  THR THR AAA . n 
A 1 20  HIS 20  998  998  HIS HIS AAA . n 
A 1 21  ARG 21  999  999  ARG ARG AAA . n 
A 1 22  LEU 22  1000 1000 LEU LEU AAA . n 
A 1 23  ALA 23  1001 1001 ALA ALA AAA . n 
A 1 24  ILE 24  1002 1002 ILE ILE AAA . n 
A 1 25  ASP 25  1003 1003 ASP ASP AAA . n 
A 1 26  LYS 26  1004 1004 LYS LYS AAA . n 
A 1 27  ARG 27  1005 1005 ARG ARG AAA . n 
A 1 28  PHE 28  1006 1006 PHE PHE AAA . n 
A 1 29  ARG 29  1007 1007 ARG ARG AAA . n 
A 1 30  VAL 30  1008 1008 VAL VAL AAA . n 
A 1 31  PHE 31  1009 1009 PHE PHE AAA . n 
A 1 32  THR 32  1010 1010 THR THR AAA . n 
A 1 33  LYS 33  1011 1011 LYS LYS AAA . n 
A 1 34  PRO 34  1012 1012 PRO PRO AAA . n 
A 1 35  VAL 35  1013 1013 VAL VAL AAA . n 
A 1 36  ASP 36  1014 1014 ASP ASP AAA . n 
A 1 37  PRO 37  1015 1015 PRO PRO AAA . n 
A 1 38  ASP 38  1016 1016 ASP ASP AAA . n 
A 1 39  GLU 39  1017 1017 GLU GLU AAA . n 
A 1 40  VAL 40  1018 1018 VAL VAL AAA . n 
A 1 41  PRO 41  1019 1019 PRO PRO AAA . n 
A 1 42  ASP 42  1020 1020 ASP ASP AAA . n 
A 1 43  TYR 43  1021 1021 TYR TYR AAA . n 
A 1 44  VAL 44  1022 1022 VAL VAL AAA . n 
A 1 45  THR 45  1023 1023 THR THR AAA . n 
A 1 46  VAL 46  1024 1024 VAL VAL AAA . n 
A 1 47  ILE 47  1025 1025 ILE ILE AAA . n 
A 1 48  LYS 48  1026 1026 LYS LYS AAA . n 
A 1 49  GLN 49  1027 1027 GLN GLN AAA . n 
A 1 50  PRO 50  1028 1028 PRO PRO AAA . n 
A 1 51  MET 51  1029 1029 MET MET AAA . n 
A 1 52  ASP 52  1030 1030 ASP ASP AAA . n 
A 1 53  LEU 53  1031 1031 LEU LEU AAA . n 
A 1 54  SER 54  1032 1032 SER SER AAA . n 
A 1 55  SER 55  1033 1033 SER SER AAA . n 
A 1 56  VAL 56  1034 1034 VAL VAL AAA . n 
A 1 57  ILE 57  1035 1035 ILE ILE AAA . n 
A 1 58  SER 58  1036 1036 SER SER AAA . n 
A 1 59  LYS 59  1037 1037 LYS LYS AAA . n 
A 1 60  ILE 60  1038 1038 ILE ILE AAA . n 
A 1 61  ASP 61  1039 1039 ASP ASP AAA . n 
A 1 62  LEU 62  1040 1040 LEU LEU AAA . n 
A 1 63  HIS 63  1041 1041 HIS HIS AAA . n 
A 1 64  LYS 64  1042 1042 LYS LYS AAA . n 
A 1 65  TYR 65  1043 1043 TYR TYR AAA . n 
A 1 66  LEU 66  1044 1044 LEU LEU AAA . n 
A 1 67  THR 67  1045 1045 THR THR AAA . n 
A 1 68  VAL 68  1046 1046 VAL VAL AAA . n 
A 1 69  LYS 69  1047 1047 LYS LYS AAA . n 
A 1 70  ASP 70  1048 1048 ASP ASP AAA . n 
A 1 71  TYR 71  1049 1049 TYR TYR AAA . n 
A 1 72  LEU 72  1050 1050 LEU LEU AAA . n 
A 1 73  ARG 73  1051 1051 ARG ARG AAA . n 
A 1 74  ASP 74  1052 1052 ASP ASP AAA . n 
A 1 75  ILE 75  1053 1053 ILE ILE AAA . n 
A 1 76  ASP 76  1054 1054 ASP ASP AAA . n 
A 1 77  LEU 77  1055 1055 LEU LEU AAA . n 
A 1 78  ILE 78  1056 1056 ILE ILE AAA . n 
A 1 79  CYS 79  1057 1057 CYS CYS AAA . n 
A 1 80  SER 80  1058 1058 SER SER AAA . n 
A 1 81  ASN 81  1059 1059 ASN ASN AAA . n 
A 1 82  ALA 82  1060 1060 ALA ALA AAA . n 
A 1 83  LEU 83  1061 1061 LEU LEU AAA . n 
A 1 84  GLU 84  1062 1062 GLU GLU AAA . n 
A 1 85  TYR 85  1063 1063 TYR TYR AAA . n 
A 1 86  ASN 86  1064 1064 ASN ASN AAA . n 
A 1 87  PRO 87  1065 1065 PRO PRO AAA . n 
A 1 88  ASP 88  1066 1066 ASP ASP AAA . n 
A 1 89  ARG 89  1067 1067 ARG ARG AAA . n 
A 1 90  ASP 90  1068 1068 ASP ASP AAA . n 
A 1 91  PRO 91  1069 1069 PRO PRO AAA . n 
A 1 92  GLY 92  1070 1070 GLY GLY AAA . n 
A 1 93  ASP 93  1071 1071 ASP ASP AAA . n 
A 1 94  ARG 94  1072 1072 ARG ARG AAA . n 
A 1 95  LEU 95  1073 1073 LEU LEU AAA . n 
A 1 96  ILE 96  1074 1074 ILE ILE AAA . n 
A 1 97  ARG 97  1075 1075 ARG ARG AAA . n 
A 1 98  HIS 98  1076 1076 HIS HIS AAA . n 
A 1 99  ARG 99  1077 1077 ARG ARG AAA . n 
A 1 100 ALA 100 1078 1078 ALA ALA AAA . n 
A 1 101 CYS 101 1079 1079 CYS CYS AAA . n 
A 1 102 ALA 102 1080 1080 ALA ALA AAA . n 
A 1 103 LEU 103 1081 1081 LEU LEU AAA . n 
A 1 104 ARG 104 1082 1082 ARG ARG AAA . n 
A 1 105 ASP 105 1083 1083 ASP ASP AAA . n 
A 1 106 THR 106 1084 1084 THR THR AAA . n 
A 1 107 ALA 107 1085 1085 ALA ALA AAA . n 
A 1 108 TYR 108 1086 1086 TYR TYR AAA . n 
A 1 109 ALA 109 1087 1087 ALA ALA AAA . n 
A 1 110 ILE 110 1088 1088 ILE ILE AAA . n 
A 1 111 ILE 111 1089 1089 ILE ILE AAA . n 
A 1 112 LYS 112 1090 1090 LYS LYS AAA . n 
A 1 113 GLU 113 1091 1091 GLU GLU AAA . n 
A 1 114 GLU 114 1092 1092 GLU GLU AAA . n 
A 1 115 LEU 115 1093 1093 LEU LEU AAA . n 
A 1 116 ASP 116 1094 1094 ASP ASP AAA . n 
A 1 117 GLU 117 1095 1095 GLU GLU AAA . n 
A 1 118 ASP 118 1096 1096 ASP ASP AAA . n 
A 1 119 PHE 119 1097 1097 PHE PHE AAA . n 
A 1 120 GLU 120 1098 1098 GLU GLU AAA . n 
A 1 121 GLN 121 1099 1099 GLN GLN AAA . n 
A 1 122 LEU 122 1100 1100 LEU LEU AAA . n 
A 1 123 CYS 123 1101 1101 CYS CYS AAA . n 
A 1 124 GLU 124 1102 1102 GLU GLU AAA . n 
A 1 125 GLU 125 1103 1103 GLU GLU AAA . n 
A 1 126 ILE 126 1104 1104 ILE ILE AAA . n 
A 1 127 GLN 127 1105 1105 GLN GLN AAA . n 
A 1 128 GLU 128 1106 1106 GLU GLU AAA . n 
A 1 129 SER 129 1107 1107 SER SER AAA . n 
A 1 130 ARG 130 1108 1108 ARG ARG AAA . n 
# 
loop_
_pdbx_nonpoly_scheme.asym_id 
_pdbx_nonpoly_scheme.entity_id 
_pdbx_nonpoly_scheme.mon_id 
_pdbx_nonpoly_scheme.ndb_seq_num 
_pdbx_nonpoly_scheme.pdb_seq_num 
_pdbx_nonpoly_scheme.auth_seq_num 
_pdbx_nonpoly_scheme.pdb_mon_id 
_pdbx_nonpoly_scheme.auth_mon_id 
_pdbx_nonpoly_scheme.pdb_strand_id 
_pdbx_nonpoly_scheme.pdb_ins_code 
B 2 SO4 1   1201 1    SO4 SO4 AAA . 
C 3 CL  1   1202 1109 CL  CL  AAA . 
D 4 EDO 1   1203 1    EDO EDO AAA . 
E 4 EDO 1   1204 2    EDO EDO AAA . 
F 4 EDO 1   1205 3    EDO EDO AAA . 
G 4 EDO 1   1206 4    EDO EDO AAA . 
H 2 SO4 1   1207 1    SO4 SO4 AAA . 
I 5 IIV 1   1208 1201 IIV DRG AAA . 
J 6 HOH 1   1301 237  HOH HOH AAA . 
J 6 HOH 2   1302 144  HOH HOH AAA . 
J 6 HOH 3   1303 67   HOH HOH AAA . 
J 6 HOH 4   1304 213  HOH HOH AAA . 
J 6 HOH 5   1305 239  HOH HOH AAA . 
J 6 HOH 6   1306 166  HOH HOH AAA . 
J 6 HOH 7   1307 164  HOH HOH AAA . 
J 6 HOH 8   1308 158  HOH HOH AAA . 
J 6 HOH 9   1309 149  HOH HOH AAA . 
J 6 HOH 10  1310 199  HOH HOH AAA . 
J 6 HOH 11  1311 49   HOH HOH AAA . 
J 6 HOH 12  1312 207  HOH HOH AAA . 
J 6 HOH 13  1313 47   HOH HOH AAA . 
J 6 HOH 14  1314 226  HOH HOH AAA . 
J 6 HOH 15  1315 151  HOH HOH AAA . 
J 6 HOH 16  1316 150  HOH HOH AAA . 
J 6 HOH 17  1317 162  HOH HOH AAA . 
J 6 HOH 18  1318 161  HOH HOH AAA . 
J 6 HOH 19  1319 242  HOH HOH AAA . 
J 6 HOH 20  1320 159  HOH HOH AAA . 
J 6 HOH 21  1321 54   HOH HOH AAA . 
J 6 HOH 22  1322 73   HOH HOH AAA . 
J 6 HOH 23  1323 23   HOH HOH AAA . 
J 6 HOH 24  1324 251  HOH HOH AAA . 
J 6 HOH 25  1325 42   HOH HOH AAA . 
J 6 HOH 26  1326 124  HOH HOH AAA . 
J 6 HOH 27  1327 15   HOH HOH AAA . 
J 6 HOH 28  1328 234  HOH HOH AAA . 
J 6 HOH 29  1329 104  HOH HOH AAA . 
J 6 HOH 30  1330 17   HOH HOH AAA . 
J 6 HOH 31  1331 51   HOH HOH AAA . 
J 6 HOH 32  1332 24   HOH HOH AAA . 
J 6 HOH 33  1333 12   HOH HOH AAA . 
J 6 HOH 34  1334 39   HOH HOH AAA . 
J 6 HOH 35  1335 55   HOH HOH AAA . 
J 6 HOH 36  1336 114  HOH HOH AAA . 
J 6 HOH 37  1337 118  HOH HOH AAA . 
J 6 HOH 38  1338 98   HOH HOH AAA . 
J 6 HOH 39  1339 18   HOH HOH AAA . 
J 6 HOH 40  1340 175  HOH HOH AAA . 
J 6 HOH 41  1341 14   HOH HOH AAA . 
J 6 HOH 42  1342 248  HOH HOH AAA . 
J 6 HOH 43  1343 147  HOH HOH AAA . 
J 6 HOH 44  1344 95   HOH HOH AAA . 
J 6 HOH 45  1345 77   HOH HOH AAA . 
J 6 HOH 46  1346 22   HOH HOH AAA . 
J 6 HOH 47  1347 102  HOH HOH AAA . 
J 6 HOH 48  1348 69   HOH HOH AAA . 
J 6 HOH 49  1349 240  HOH HOH AAA . 
J 6 HOH 50  1350 32   HOH HOH AAA . 
J 6 HOH 51  1351 72   HOH HOH AAA . 
J 6 HOH 52  1352 107  HOH HOH AAA . 
J 6 HOH 53  1353 37   HOH HOH AAA . 
J 6 HOH 54  1354 71   HOH HOH AAA . 
J 6 HOH 55  1355 1    HOH HOH AAA . 
J 6 HOH 56  1356 169  HOH HOH AAA . 
J 6 HOH 57  1357 244  HOH HOH AAA . 
J 6 HOH 58  1358 8    HOH HOH AAA . 
J 6 HOH 59  1359 193  HOH HOH AAA . 
J 6 HOH 60  1360 170  HOH HOH AAA . 
J 6 HOH 61  1361 87   HOH HOH AAA . 
J 6 HOH 62  1362 13   HOH HOH AAA . 
J 6 HOH 63  1363 113  HOH HOH AAA . 
J 6 HOH 64  1364 176  HOH HOH AAA . 
J 6 HOH 65  1365 222  HOH HOH AAA . 
J 6 HOH 66  1366 36   HOH HOH AAA . 
J 6 HOH 67  1367 173  HOH HOH AAA . 
J 6 HOH 68  1368 2    HOH HOH AAA . 
J 6 HOH 69  1369 58   HOH HOH AAA . 
J 6 HOH 70  1370 10   HOH HOH AAA . 
J 6 HOH 71  1371 197  HOH HOH AAA . 
J 6 HOH 72  1372 128  HOH HOH AAA . 
J 6 HOH 73  1373 235  HOH HOH AAA . 
J 6 HOH 74  1374 11   HOH HOH AAA . 
J 6 HOH 75  1375 57   HOH HOH AAA . 
J 6 HOH 76  1376 83   HOH HOH AAA . 
J 6 HOH 77  1377 26   HOH HOH AAA . 
J 6 HOH 78  1378 19   HOH HOH AAA . 
J 6 HOH 79  1379 33   HOH HOH AAA . 
J 6 HOH 80  1380 21   HOH HOH AAA . 
J 6 HOH 81  1381 40   HOH HOH AAA . 
J 6 HOH 82  1382 35   HOH HOH AAA . 
J 6 HOH 83  1383 76   HOH HOH AAA . 
J 6 HOH 84  1384 53   HOH HOH AAA . 
J 6 HOH 85  1385 38   HOH HOH AAA . 
J 6 HOH 86  1386 29   HOH HOH AAA . 
J 6 HOH 87  1387 110  HOH HOH AAA . 
J 6 HOH 88  1388 3    HOH HOH AAA . 
J 6 HOH 89  1389 20   HOH HOH AAA . 
J 6 HOH 90  1390 41   HOH HOH AAA . 
J 6 HOH 91  1391 50   HOH HOH AAA . 
J 6 HOH 92  1392 79   HOH HOH AAA . 
J 6 HOH 93  1393 48   HOH HOH AAA . 
J 6 HOH 94  1394 4    HOH HOH AAA . 
J 6 HOH 95  1395 93   HOH HOH AAA . 
J 6 HOH 96  1396 132  HOH HOH AAA . 
J 6 HOH 97  1397 25   HOH HOH AAA . 
J 6 HOH 98  1398 97   HOH HOH AAA . 
J 6 HOH 99  1399 117  HOH HOH AAA . 
J 6 HOH 100 1400 43   HOH HOH AAA . 
J 6 HOH 101 1401 188  HOH HOH AAA . 
J 6 HOH 102 1402 6    HOH HOH AAA . 
J 6 HOH 103 1403 208  HOH HOH AAA . 
J 6 HOH 104 1404 74   HOH HOH AAA . 
J 6 HOH 105 1405 52   HOH HOH AAA . 
J 6 HOH 106 1406 85   HOH HOH AAA . 
J 6 HOH 107 1407 220  HOH HOH AAA . 
J 6 HOH 108 1408 121  HOH HOH AAA . 
J 6 HOH 109 1409 64   HOH HOH AAA . 
J 6 HOH 110 1410 145  HOH HOH AAA . 
J 6 HOH 111 1411 247  HOH HOH AAA . 
J 6 HOH 112 1412 66   HOH HOH AAA . 
J 6 HOH 113 1413 126  HOH HOH AAA . 
J 6 HOH 114 1414 243  HOH HOH AAA . 
J 6 HOH 115 1415 94   HOH HOH AAA . 
J 6 HOH 116 1416 127  HOH HOH AAA . 
J 6 HOH 117 1417 31   HOH HOH AAA . 
J 6 HOH 118 1418 108  HOH HOH AAA . 
J 6 HOH 119 1419 105  HOH HOH AAA . 
J 6 HOH 120 1420 9    HOH HOH AAA . 
J 6 HOH 121 1421 115  HOH HOH AAA . 
J 6 HOH 122 1422 171  HOH HOH AAA . 
J 6 HOH 123 1423 155  HOH HOH AAA . 
J 6 HOH 124 1424 250  HOH HOH AAA . 
J 6 HOH 125 1425 68   HOH HOH AAA . 
J 6 HOH 126 1426 123  HOH HOH AAA . 
J 6 HOH 127 1427 174  HOH HOH AAA . 
J 6 HOH 128 1428 106  HOH HOH AAA . 
J 6 HOH 129 1429 245  HOH HOH AAA . 
J 6 HOH 130 1430 195  HOH HOH AAA . 
J 6 HOH 131 1431 140  HOH HOH AAA . 
J 6 HOH 132 1432 227  HOH HOH AAA . 
J 6 HOH 133 1433 112  HOH HOH AAA . 
J 6 HOH 134 1434 241  HOH HOH AAA . 
J 6 HOH 135 1435 135  HOH HOH AAA . 
J 6 HOH 136 1436 16   HOH HOH AAA . 
J 6 HOH 137 1437 119  HOH HOH AAA . 
J 6 HOH 138 1438 28   HOH HOH AAA . 
J 6 HOH 139 1439 172  HOH HOH AAA . 
J 6 HOH 140 1440 200  HOH HOH AAA . 
J 6 HOH 141 1441 219  HOH HOH AAA . 
J 6 HOH 142 1442 136  HOH HOH AAA . 
J 6 HOH 143 1443 7    HOH HOH AAA . 
J 6 HOH 144 1444 224  HOH HOH AAA . 
J 6 HOH 145 1445 168  HOH HOH AAA . 
J 6 HOH 146 1446 204  HOH HOH AAA . 
J 6 HOH 147 1447 27   HOH HOH AAA . 
J 6 HOH 148 1448 82   HOH HOH AAA . 
J 6 HOH 149 1449 141  HOH HOH AAA . 
J 6 HOH 150 1450 30   HOH HOH AAA . 
J 6 HOH 151 1451 56   HOH HOH AAA . 
J 6 HOH 152 1452 198  HOH HOH AAA . 
J 6 HOH 153 1453 236  HOH HOH AAA . 
J 6 HOH 154 1454 63   HOH HOH AAA . 
J 6 HOH 155 1455 78   HOH HOH AAA . 
J 6 HOH 156 1456 62   HOH HOH AAA . 
J 6 HOH 157 1457 5    HOH HOH AAA . 
J 6 HOH 158 1458 246  HOH HOH AAA . 
J 6 HOH 159 1459 186  HOH HOH AAA . 
J 6 HOH 160 1460 46   HOH HOH AAA . 
J 6 HOH 161 1461 165  HOH HOH AAA . 
J 6 HOH 162 1462 180  HOH HOH AAA . 
J 6 HOH 163 1463 139  HOH HOH AAA . 
J 6 HOH 164 1464 167  HOH HOH AAA . 
J 6 HOH 165 1465 206  HOH HOH AAA . 
J 6 HOH 166 1466 184  HOH HOH AAA . 
J 6 HOH 167 1467 60   HOH HOH AAA . 
J 6 HOH 168 1468 143  HOH HOH AAA . 
J 6 HOH 169 1469 231  HOH HOH AAA . 
J 6 HOH 170 1470 45   HOH HOH AAA . 
J 6 HOH 171 1471 205  HOH HOH AAA . 
J 6 HOH 172 1472 99   HOH HOH AAA . 
J 6 HOH 173 1473 44   HOH HOH AAA . 
J 6 HOH 174 1474 148  HOH HOH AAA . 
J 6 HOH 175 1475 249  HOH HOH AAA . 
J 6 HOH 176 1476 70   HOH HOH AAA . 
J 6 HOH 177 1477 154  HOH HOH AAA . 
J 6 HOH 178 1478 181  HOH HOH AAA . 
J 6 HOH 179 1479 216  HOH HOH AAA . 
J 6 HOH 180 1480 137  HOH HOH AAA . 
# 
loop_
_software.citation_id 
_software.classification 
_software.compiler_name 
_software.compiler_version 
_software.contact_author 
_software.contact_author_email 
_software.date 
_software.description 
_software.dependencies 
_software.hardware 
_software.language 
_software.location 
_software.mods 
_software.name 
_software.os 
_software.os_version 
_software.type 
_software.version 
_software.pdbx_ordinal 
? refinement       ? ? ? ? ? ? ? ? ? ? ? REFMAC  ? ? ? 5.8.0258 1 
? refinement       ? ? ? ? ? ? ? ? ? ? ? REFMAC  ? ? ? 5.8.0258 2 
? 'data scaling'   ? ? ? ? ? ? ? ? ? ? ? Aimless ? ? ? 0.7.4    3 
? 'data reduction' ? ? ? ? ? ? ? ? ? ? ? xia2    ? ? ? .        4 
? phasing          ? ? ? ? ? ? ? ? ? ? ? PHASER  ? ? ? .        5 
# 
_cell.angle_alpha                  90.000 
_cell.angle_alpha_esd              ? 
_cell.angle_beta                   90.000 
_cell.angle_beta_esd               ? 
_cell.angle_gamma                  120.000 
_cell.angle_gamma_esd              ? 
_cell.entry_id                     7Z9H 
_cell.details                      ? 
_cell.formula_units_Z              ? 
_cell.length_a                     79.145 
_cell.length_a_esd                 ? 
_cell.length_b                     79.145 
_cell.length_b_esd                 ? 
_cell.length_c                     137.536 
_cell.length_c_esd                 ? 
_cell.volume                       ? 
_cell.volume_esd                   ? 
_cell.Z_PDB                        12 
_cell.reciprocal_angle_alpha       ? 
_cell.reciprocal_angle_beta        ? 
_cell.reciprocal_angle_gamma       ? 
_cell.reciprocal_angle_alpha_esd   ? 
_cell.reciprocal_angle_beta_esd    ? 
_cell.reciprocal_angle_gamma_esd   ? 
_cell.reciprocal_length_a          ? 
_cell.reciprocal_length_b          ? 
_cell.reciprocal_length_c          ? 
_cell.reciprocal_length_a_esd      ? 
_cell.reciprocal_length_b_esd      ? 
_cell.reciprocal_length_c_esd      ? 
_cell.pdbx_unique_axis             ? 
# 
_symmetry.entry_id                         7Z9H 
_symmetry.cell_setting                     ? 
_symmetry.Int_Tables_number                179 
_symmetry.space_group_name_Hall            ? 
_symmetry.space_group_name_H-M             'P 65 2 2' 
_symmetry.pdbx_full_space_group_name_H-M   ? 
# 
_exptl.absorpt_coefficient_mu     ? 
_exptl.absorpt_correction_T_max   ? 
_exptl.absorpt_correction_T_min   ? 
_exptl.absorpt_correction_type    ? 
_exptl.absorpt_process_details    ? 
_exptl.entry_id                   7Z9H 
_exptl.crystals_number            1 
_exptl.details                    ? 
_exptl.method                     'X-RAY DIFFRACTION' 
_exptl.method_details             ? 
# 
_exptl_crystal.colour                      ? 
_exptl_crystal.density_diffrn              ? 
_exptl_crystal.density_Matthews            ? 
_exptl_crystal.density_method              ? 
_exptl_crystal.density_percent_sol         ? 
_exptl_crystal.description                 ? 
_exptl_crystal.F_000                       ? 
_exptl_crystal.id                          1 
_exptl_crystal.preparation                 ? 
_exptl_crystal.size_max                    ? 
_exptl_crystal.size_mid                    ? 
_exptl_crystal.size_min                    ? 
_exptl_crystal.size_rad                    ? 
_exptl_crystal.colour_lustre               ? 
_exptl_crystal.colour_modifier             ? 
_exptl_crystal.colour_primary              ? 
_exptl_crystal.density_meas                ? 
_exptl_crystal.density_meas_esd            ? 
_exptl_crystal.density_meas_gt             ? 
_exptl_crystal.density_meas_lt             ? 
_exptl_crystal.density_meas_temp           ? 
_exptl_crystal.density_meas_temp_esd       ? 
_exptl_crystal.density_meas_temp_gt        ? 
_exptl_crystal.density_meas_temp_lt        ? 
_exptl_crystal.pdbx_crystal_image_url      ? 
_exptl_crystal.pdbx_crystal_image_format   ? 
_exptl_crystal.pdbx_mosaicity              ? 
_exptl_crystal.pdbx_mosaicity_esd          ? 
# 
_exptl_crystal_grow.apparatus       ? 
_exptl_crystal_grow.atmosphere      ? 
_exptl_crystal_grow.crystal_id      1 
_exptl_crystal_grow.details         ? 
_exptl_crystal_grow.method          'VAPOR DIFFUSION, SITTING DROP' 
_exptl_crystal_grow.method_ref      ? 
_exptl_crystal_grow.pH              6.5 
_exptl_crystal_grow.pressure        ? 
_exptl_crystal_grow.pressure_esd    ? 
_exptl_crystal_grow.seeding         ? 
_exptl_crystal_grow.seeding_ref     ? 
_exptl_crystal_grow.temp            293 
_exptl_crystal_grow.temp_details    ? 
_exptl_crystal_grow.temp_esd        ? 
_exptl_crystal_grow.time            ? 
_exptl_crystal_grow.pdbx_details    '0.1M BisTris pH 6-7, 1.7-2.1M Ammonium sulphate' 
_exptl_crystal_grow.pdbx_pH_range   6-7 
# 
_diffrn.ambient_environment              ? 
_diffrn.ambient_temp                     100 
_diffrn.ambient_temp_details             ? 
_diffrn.ambient_temp_esd                 ? 
_diffrn.crystal_id                       1 
_diffrn.crystal_support                  ? 
_diffrn.crystal_treatment                ? 
_diffrn.details                          ? 
_diffrn.id                               1 
_diffrn.ambient_pressure                 ? 
_diffrn.ambient_pressure_esd             ? 
_diffrn.ambient_pressure_gt              ? 
_diffrn.ambient_pressure_lt              ? 
_diffrn.ambient_temp_gt                  ? 
_diffrn.ambient_temp_lt                  ? 
_diffrn.pdbx_serial_crystal_experiment   N 
# 
_diffrn_detector.details                      ? 
_diffrn_detector.detector                     PIXEL 
_diffrn_detector.diffrn_id                    1 
_diffrn_detector.type                         'DECTRIS PILATUS 6M' 
_diffrn_detector.area_resol_mean              ? 
_diffrn_detector.dtime                        ? 
_diffrn_detector.pdbx_frames_total            ? 
_diffrn_detector.pdbx_collection_time_total   ? 
_diffrn_detector.pdbx_collection_date         2019-07-28 
_diffrn_detector.pdbx_frequency               ? 
# 
_diffrn_radiation.collimation                      ? 
_diffrn_radiation.diffrn_id                        1 
_diffrn_radiation.filter_edge                      ? 
_diffrn_radiation.inhomogeneity                    ? 
_diffrn_radiation.monochromator                    ? 
_diffrn_radiation.polarisn_norm                    ? 
_diffrn_radiation.polarisn_ratio                   ? 
_diffrn_radiation.probe                            ? 
_diffrn_radiation.type                             ? 
_diffrn_radiation.xray_symbol                      ? 
_diffrn_radiation.wavelength_id                    1 
_diffrn_radiation.pdbx_monochromatic_or_laue_m_l   M 
_diffrn_radiation.pdbx_wavelength_list             ? 
_diffrn_radiation.pdbx_wavelength                  ? 
_diffrn_radiation.pdbx_diffrn_protocol             'SINGLE WAVELENGTH' 
_diffrn_radiation.pdbx_analyzer                    ? 
_diffrn_radiation.pdbx_scattering_type             x-ray 
# 
_diffrn_radiation_wavelength.id           1 
_diffrn_radiation_wavelength.wavelength   0.9762 
_diffrn_radiation_wavelength.wt           1.0 
# 
_diffrn_source.current                     ? 
_diffrn_source.details                     ? 
_diffrn_source.diffrn_id                   1 
_diffrn_source.power                       ? 
_diffrn_source.size                        ? 
_diffrn_source.source                      SYNCHROTRON 
_diffrn_source.target                      ? 
_diffrn_source.type                        'DIAMOND BEAMLINE I04-1' 
_diffrn_source.voltage                     ? 
_diffrn_source.take-off_angle              ? 
_diffrn_source.pdbx_wavelength_list        0.9762 
_diffrn_source.pdbx_wavelength             ? 
_diffrn_source.pdbx_synchrotron_beamline   I04-1 
_diffrn_source.pdbx_synchrotron_site       Diamond 
# 
_reflns.B_iso_Wilson_estimate                          ? 
_reflns.entry_id                                       7Z9H 
_reflns.data_reduction_details                         ? 
_reflns.data_reduction_method                          ? 
_reflns.d_resolution_high                              1.34 
_reflns.d_resolution_low                               68.54 
_reflns.details                                        ? 
_reflns.limit_h_max                                    ? 
_reflns.limit_h_min                                    ? 
_reflns.limit_k_max                                    ? 
_reflns.limit_k_min                                    ? 
_reflns.limit_l_max                                    ? 
_reflns.limit_l_min                                    ? 
_reflns.number_all                                     ? 
_reflns.number_obs                                     57366 
_reflns.observed_criterion                             ? 
_reflns.observed_criterion_F_max                       ? 
_reflns.observed_criterion_F_min                       ? 
_reflns.observed_criterion_I_max                       ? 
_reflns.observed_criterion_I_min                       ? 
_reflns.observed_criterion_sigma_F                     ? 
_reflns.observed_criterion_sigma_I                     ? 
_reflns.percent_possible_obs                           99.3 
_reflns.R_free_details                                 ? 
_reflns.Rmerge_F_all                                   ? 
_reflns.Rmerge_F_obs                                   ? 
_reflns.Friedel_coverage                               ? 
_reflns.number_gt                                      ? 
_reflns.threshold_expression                           ? 
_reflns.pdbx_redundancy                                17.3 
_reflns.pdbx_Rmerge_I_obs                              0.047 
_reflns.pdbx_Rmerge_I_all                              ? 
_reflns.pdbx_Rsym_value                                ? 
_reflns.pdbx_netI_over_av_sigmaI                       ? 
_reflns.pdbx_netI_over_sigmaI                          24.9 
_reflns.pdbx_res_netI_over_av_sigmaI_2                 ? 
_reflns.pdbx_res_netI_over_sigmaI_2                    ? 
_reflns.pdbx_chi_squared                               ? 
_reflns.pdbx_scaling_rejects                           ? 
_reflns.pdbx_d_res_high_opt                            ? 
_reflns.pdbx_d_res_low_opt                             ? 
_reflns.pdbx_d_res_opt_method                          ? 
_reflns.phase_calculation_details                      ? 
_reflns.pdbx_Rrim_I_all                                0.050 
_reflns.pdbx_Rpim_I_all                                0.015 
_reflns.pdbx_d_opt                                     ? 
_reflns.pdbx_number_measured_all                       ? 
_reflns.pdbx_diffrn_id                                 1 
_reflns.pdbx_ordinal                                   1 
_reflns.pdbx_CC_half                                   1.000 
_reflns.pdbx_CC_star                                   ? 
_reflns.pdbx_R_split                                   ? 
_reflns.pdbx_aniso_diffraction_limit_axis_1_ortho[1]   ? 
_reflns.pdbx_aniso_diffraction_limit_axis_1_ortho[2]   ? 
_reflns.pdbx_aniso_diffraction_limit_axis_1_ortho[3]   ? 
_reflns.pdbx_aniso_diffraction_limit_axis_2_ortho[1]   ? 
_reflns.pdbx_aniso_diffraction_limit_axis_2_ortho[2]   ? 
_reflns.pdbx_aniso_diffraction_limit_axis_2_ortho[3]   ? 
_reflns.pdbx_aniso_diffraction_limit_axis_3_ortho[1]   ? 
_reflns.pdbx_aniso_diffraction_limit_axis_3_ortho[2]   ? 
_reflns.pdbx_aniso_diffraction_limit_axis_3_ortho[3]   ? 
_reflns.pdbx_aniso_diffraction_limit_1                 ? 
_reflns.pdbx_aniso_diffraction_limit_2                 ? 
_reflns.pdbx_aniso_diffraction_limit_3                 ? 
_reflns.pdbx_aniso_B_tensor_eigenvector_1_ortho[1]     ? 
_reflns.pdbx_aniso_B_tensor_eigenvector_1_ortho[2]     ? 
_reflns.pdbx_aniso_B_tensor_eigenvector_1_ortho[3]     ? 
_reflns.pdbx_aniso_B_tensor_eigenvector_2_ortho[1]     ? 
_reflns.pdbx_aniso_B_tensor_eigenvector_2_ortho[2]     ? 
_reflns.pdbx_aniso_B_tensor_eigenvector_2_ortho[3]     ? 
_reflns.pdbx_aniso_B_tensor_eigenvector_3_ortho[1]     ? 
_reflns.pdbx_aniso_B_tensor_eigenvector_3_ortho[2]     ? 
_reflns.pdbx_aniso_B_tensor_eigenvector_3_ortho[3]     ? 
_reflns.pdbx_aniso_B_tensor_eigenvalue_1               ? 
_reflns.pdbx_aniso_B_tensor_eigenvalue_2               ? 
_reflns.pdbx_aniso_B_tensor_eigenvalue_3               ? 
_reflns.pdbx_orthogonalization_convention              ? 
_reflns.pdbx_percent_possible_ellipsoidal              ? 
_reflns.pdbx_percent_possible_spherical                ? 
_reflns.pdbx_percent_possible_ellipsoidal_anomalous    ? 
_reflns.pdbx_percent_possible_spherical_anomalous      ? 
_reflns.pdbx_redundancy_anomalous                      ? 
_reflns.pdbx_CC_half_anomalous                         ? 
_reflns.pdbx_absDiff_over_sigma_anomalous              ? 
_reflns.pdbx_percent_possible_anomalous                ? 
_reflns.pdbx_observed_signal_threshold                 ? 
_reflns.pdbx_signal_type                               ? 
_reflns.pdbx_signal_details                            ? 
_reflns.pdbx_signal_software_id                        ? 
# 
loop_
_reflns_shell.d_res_high 
_reflns_shell.d_res_low 
_reflns_shell.meanI_over_sigI_all 
_reflns_shell.meanI_over_sigI_obs 
_reflns_shell.number_measured_all 
_reflns_shell.number_measured_obs 
_reflns_shell.number_possible 
_reflns_shell.number_unique_all 
_reflns_shell.number_unique_obs 
_reflns_shell.percent_possible_all 
_reflns_shell.percent_possible_obs 
_reflns_shell.Rmerge_F_all 
_reflns_shell.Rmerge_F_obs 
_reflns_shell.Rmerge_I_all 
_reflns_shell.Rmerge_I_obs 
_reflns_shell.meanI_over_sigI_gt 
_reflns_shell.meanI_over_uI_all 
_reflns_shell.meanI_over_uI_gt 
_reflns_shell.number_measured_gt 
_reflns_shell.number_unique_gt 
_reflns_shell.percent_possible_gt 
_reflns_shell.Rmerge_F_gt 
_reflns_shell.Rmerge_I_gt 
_reflns_shell.pdbx_redundancy 
_reflns_shell.pdbx_Rsym_value 
_reflns_shell.pdbx_chi_squared 
_reflns_shell.pdbx_netI_over_sigmaI_all 
_reflns_shell.pdbx_netI_over_sigmaI_obs 
_reflns_shell.pdbx_Rrim_I_all 
_reflns_shell.pdbx_Rpim_I_all 
_reflns_shell.pdbx_rejects 
_reflns_shell.pdbx_ordinal 
_reflns_shell.pdbx_diffrn_id 
_reflns_shell.pdbx_CC_half 
_reflns_shell.pdbx_CC_star 
_reflns_shell.pdbx_R_split 
_reflns_shell.pdbx_percent_possible_ellipsoidal 
_reflns_shell.pdbx_percent_possible_spherical 
_reflns_shell.pdbx_percent_possible_ellipsoidal_anomalous 
_reflns_shell.pdbx_percent_possible_spherical_anomalous 
_reflns_shell.pdbx_redundancy_anomalous 
_reflns_shell.pdbx_CC_half_anomalous 
_reflns_shell.pdbx_absDiff_over_sigma_anomalous 
_reflns_shell.pdbx_percent_possible_anomalous 
7.34 68.54 ? ? ? ? ? ? 385  ? ? ? ? ? 0.030 ? ? ? ? ? ? ? ? 14.9 ? ? ? ? 0.032 0.010 ? 1 1 0.999 ? ? ? ? ? ? ? ? ? ? 
1.34 1.36  ? ? ? ? ? ? 2580 ? ? ? ? ? 1.564 ? ? ? ? ? ? ? ? 5.2  ? ? ? ? 1.898 1.053 ? 2 1 0.296 ? ? ? ? ? ? ? ? ? ? 
# 
_refine.aniso_B[1][1]                            0.159 
_refine.aniso_B[1][2]                            0.080 
_refine.aniso_B[1][3]                            -0.000 
_refine.aniso_B[2][2]                            0.159 
_refine.aniso_B[2][3]                            0.000 
_refine.aniso_B[3][3]                            -0.517 
_refine.B_iso_max                                ? 
_refine.B_iso_mean                               31.198 
_refine.B_iso_min                                ? 
_refine.correlation_coeff_Fo_to_Fc               0.964 
_refine.correlation_coeff_Fo_to_Fc_free          0.956 
_refine.details                                  'Hydrogens have been added in their riding positions' 
_refine.diff_density_max                         ? 
_refine.diff_density_max_esd                     ? 
_refine.diff_density_min                         ? 
_refine.diff_density_min_esd                     ? 
_refine.diff_density_rms                         ? 
_refine.diff_density_rms_esd                     ? 
_refine.entry_id                                 7Z9H 
_refine.pdbx_refine_id                           'X-RAY DIFFRACTION' 
_refine.ls_abs_structure_details                 ? 
_refine.ls_abs_structure_Flack                   ? 
_refine.ls_abs_structure_Flack_esd               ? 
_refine.ls_abs_structure_Rogers                  ? 
_refine.ls_abs_structure_Rogers_esd              ? 
_refine.ls_d_res_high                            1.340 
_refine.ls_d_res_low                             68.54 
_refine.ls_extinction_coef                       ? 
_refine.ls_extinction_coef_esd                   ? 
_refine.ls_extinction_expression                 ? 
_refine.ls_extinction_method                     ? 
_refine.ls_goodness_of_fit_all                   ? 
_refine.ls_goodness_of_fit_all_esd               ? 
_refine.ls_goodness_of_fit_obs                   ? 
_refine.ls_goodness_of_fit_obs_esd               ? 
_refine.ls_hydrogen_treatment                    ? 
_refine.ls_matrix_type                           ? 
_refine.ls_number_constraints                    ? 
_refine.ls_number_parameters                     ? 
_refine.ls_number_reflns_all                     ? 
_refine.ls_number_reflns_obs                     57288 
_refine.ls_number_reflns_R_free                  2981 
_refine.ls_number_reflns_R_work                  54307 
_refine.ls_number_restraints                     ? 
_refine.ls_percent_reflns_obs                    99.195 
_refine.ls_percent_reflns_R_free                 5.204 
_refine.ls_R_factor_all                          0.211 
_refine.ls_R_factor_obs                          ? 
_refine.ls_R_factor_R_free                       0.2269 
_refine.ls_R_factor_R_free_error                 ? 
_refine.ls_R_factor_R_free_error_details         ? 
_refine.ls_R_factor_R_work                       0.2099 
_refine.ls_R_Fsqd_factor_obs                     ? 
_refine.ls_R_I_factor_obs                        ? 
_refine.ls_redundancy_reflns_all                 ? 
_refine.ls_redundancy_reflns_obs                 ? 
_refine.ls_restrained_S_all                      ? 
_refine.ls_restrained_S_obs                      ? 
_refine.ls_shift_over_esd_max                    ? 
_refine.ls_shift_over_esd_mean                   ? 
_refine.ls_structure_factor_coef                 ? 
_refine.ls_weighting_details                     ? 
_refine.ls_weighting_scheme                      ? 
_refine.ls_wR_factor_all                         ? 
_refine.ls_wR_factor_obs                         ? 
_refine.ls_wR_factor_R_free                      ? 
_refine.ls_wR_factor_R_work                      ? 
_refine.occupancy_max                            ? 
_refine.occupancy_min                            ? 
_refine.solvent_model_details                    'MASK BULK SOLVENT' 
_refine.solvent_model_param_bsol                 ? 
_refine.solvent_model_param_ksol                 ? 
_refine.pdbx_R_complete                          ? 
_refine.ls_R_factor_gt                           ? 
_refine.ls_goodness_of_fit_gt                    ? 
_refine.ls_goodness_of_fit_ref                   ? 
_refine.ls_shift_over_su_max                     ? 
_refine.ls_shift_over_su_max_lt                  ? 
_refine.ls_shift_over_su_mean                    ? 
_refine.ls_shift_over_su_mean_lt                 ? 
_refine.pdbx_ls_sigma_I                          ? 
_refine.pdbx_ls_sigma_F                          ? 
_refine.pdbx_ls_sigma_Fsqd                       ? 
_refine.pdbx_data_cutoff_high_absF               ? 
_refine.pdbx_data_cutoff_high_rms_absF           ? 
_refine.pdbx_data_cutoff_low_absF                ? 
_refine.pdbx_isotropic_thermal_model             ? 
_refine.pdbx_ls_cross_valid_method               'FREE R-VALUE' 
_refine.pdbx_method_to_determine_struct          'MOLECULAR REPLACEMENT' 
_refine.pdbx_starting_model                      3DAI 
_refine.pdbx_stereochemistry_target_values       ? 
_refine.pdbx_R_Free_selection_details            ? 
_refine.pdbx_stereochem_target_val_spec_case     ? 
_refine.pdbx_overall_ESU_R                       0.047 
_refine.pdbx_overall_ESU_R_Free                  0.049 
_refine.pdbx_solvent_vdw_probe_radii             1.200 
_refine.pdbx_solvent_ion_probe_radii             0.800 
_refine.pdbx_solvent_shrinkage_radii             0.800 
_refine.pdbx_real_space_R                        ? 
_refine.pdbx_density_correlation                 ? 
_refine.pdbx_pd_number_of_powder_patterns        ? 
_refine.pdbx_pd_number_of_points                 ? 
_refine.pdbx_pd_meas_number_of_points            ? 
_refine.pdbx_pd_proc_ls_prof_R_factor            ? 
_refine.pdbx_pd_proc_ls_prof_wR_factor           ? 
_refine.pdbx_pd_Marquardt_correlation_coeff      ? 
_refine.pdbx_pd_Fsqrd_R_factor                   ? 
_refine.pdbx_pd_ls_matrix_band_width             ? 
_refine.pdbx_overall_phase_error                 ? 
_refine.pdbx_overall_SU_R_free_Cruickshank_DPI   ? 
_refine.pdbx_overall_SU_R_free_Blow_DPI          ? 
_refine.pdbx_overall_SU_R_Blow_DPI               ? 
_refine.pdbx_TLS_residual_ADP_flag               ? 
_refine.pdbx_diffrn_id                           1 
_refine.overall_SU_B                             1.035 
_refine.overall_SU_ML                            0.040 
_refine.overall_SU_R_Cruickshank_DPI             ? 
_refine.overall_SU_R_free                        ? 
_refine.overall_FOM_free_R_set                   ? 
_refine.overall_FOM_work_R_set                   ? 
_refine.pdbx_average_fsc_overall                 ? 
_refine.pdbx_average_fsc_work                    ? 
_refine.pdbx_average_fsc_free                    ? 
# 
_refine_hist.pdbx_refine_id                   'X-RAY DIFFRACTION' 
_refine_hist.cycle_id                         LAST 
_refine_hist.details                          ? 
_refine_hist.d_res_high                       1.340 
_refine_hist.d_res_low                        68.54 
_refine_hist.number_atoms_solvent             180 
_refine_hist.number_atoms_total               1307 
_refine_hist.number_reflns_all                ? 
_refine_hist.number_reflns_obs                ? 
_refine_hist.number_reflns_R_free             ? 
_refine_hist.number_reflns_R_work             ? 
_refine_hist.R_factor_all                     ? 
_refine_hist.R_factor_obs                     ? 
_refine_hist.R_factor_R_free                  ? 
_refine_hist.R_factor_R_work                  ? 
_refine_hist.pdbx_number_residues_total       ? 
_refine_hist.pdbx_B_iso_mean_ligand           ? 
_refine_hist.pdbx_B_iso_mean_solvent          ? 
_refine_hist.pdbx_number_atoms_protein        1084 
_refine_hist.pdbx_number_atoms_nucleic_acid   0 
_refine_hist.pdbx_number_atoms_ligand         43 
_refine_hist.pdbx_number_atoms_lipid          ? 
_refine_hist.pdbx_number_atoms_carb           ? 
_refine_hist.pdbx_pseudo_atom_details         ? 
# 
loop_
_refine_ls_restr.pdbx_refine_id 
_refine_ls_restr.criterion 
_refine_ls_restr.dev_ideal 
_refine_ls_restr.dev_ideal_target 
_refine_ls_restr.number 
_refine_ls_restr.rejects 
_refine_ls_restr.type 
_refine_ls_restr.weight 
_refine_ls_restr.pdbx_restraint_function 
'X-RAY DIFFRACTION' ? 0.014  0.012  1170 ? r_bond_refined_d               ? ? 
'X-RAY DIFFRACTION' ? 2.264  1.661  1575 ? r_angle_refined_deg            ? ? 
'X-RAY DIFFRACTION' ? 4.367  5.000  135  ? r_dihedral_angle_1_deg         ? ? 
'X-RAY DIFFRACTION' ? 34.089 20.375 80   ? r_dihedral_angle_2_deg         ? ? 
'X-RAY DIFFRACTION' ? 14.490 15.000 216  ? r_dihedral_angle_3_deg         ? ? 
'X-RAY DIFFRACTION' ? 14.009 15.000 15   ? r_dihedral_angle_4_deg         ? ? 
'X-RAY DIFFRACTION' ? 0.127  0.200  150  ? r_chiral_restr                 ? ? 
'X-RAY DIFFRACTION' ? 0.011  0.020  907  ? r_gen_planes_refined           ? ? 
'X-RAY DIFFRACTION' ? 0.238  0.200  640  ? r_nbd_refined                  ? ? 
'X-RAY DIFFRACTION' ? 0.322  0.200  807  ? r_nbtor_refined                ? ? 
'X-RAY DIFFRACTION' ? 0.217  0.200  165  ? r_xyhbond_nbd_refined          ? ? 
'X-RAY DIFFRACTION' ? 0.190  0.200  32   ? r_symmetry_nbd_refined         ? ? 
'X-RAY DIFFRACTION' ? 0.290  0.200  25   ? r_symmetry_xyhbond_nbd_refined ? ? 
'X-RAY DIFFRACTION' ? 2.529  2.465  534  ? r_mcbond_it                    ? ? 
'X-RAY DIFFRACTION' ? 3.711  3.667  671  ? r_mcangle_it                   ? ? 
'X-RAY DIFFRACTION' ? 5.628  3.181  636  ? r_scbond_it                    ? ? 
'X-RAY DIFFRACTION' ? 8.137  4.531  904  ? r_scangle_it                   ? ? 
'X-RAY DIFFRACTION' ? 11.934 38.637 1975 ? r_lrange_it                    ? ? 
# 
loop_
_refine_ls_shell.pdbx_refine_id 
_refine_ls_shell.d_res_high 
_refine_ls_shell.d_res_low 
_refine_ls_shell.number_reflns_all 
_refine_ls_shell.number_reflns_obs 
_refine_ls_shell.number_reflns_R_free 
_refine_ls_shell.number_reflns_R_work 
_refine_ls_shell.percent_reflns_obs 
_refine_ls_shell.percent_reflns_R_free 
_refine_ls_shell.R_factor_all 
_refine_ls_shell.R_factor_obs 
_refine_ls_shell.R_factor_R_free 
_refine_ls_shell.R_factor_R_free_error 
_refine_ls_shell.R_factor_R_work 
_refine_ls_shell.redundancy_reflns_all 
_refine_ls_shell.redundancy_reflns_obs 
_refine_ls_shell.wR_factor_all 
_refine_ls_shell.wR_factor_obs 
_refine_ls_shell.wR_factor_R_free 
_refine_ls_shell.wR_factor_R_work 
_refine_ls_shell.pdbx_R_complete 
_refine_ls_shell.pdbx_total_number_of_bins_used 
_refine_ls_shell.pdbx_phase_error 
_refine_ls_shell.pdbx_fsc_work 
_refine_ls_shell.pdbx_fsc_free 
'X-RAY DIFFRACTION' 1.340 1.375 . . 196 3685 93.1589  . . . 0.367 . 0.363 . . . . . . . . . . . 
'X-RAY DIFFRACTION' 1.375 1.412 . . 192 3839 98.1734  . . . 0.338 . 0.357 . . . . . . . . . . . 
'X-RAY DIFFRACTION' 1.412 1.453 . . 211 3736 99.7221  . . . 0.341 . 0.320 . . . . . . . . . . . 
'X-RAY DIFFRACTION' 1.453 1.498 . . 213 3669 100.0000 . . . 0.278 . 0.258 . . . . . . . . . . . 
'X-RAY DIFFRACTION' 1.498 1.547 . . 187 3565 100.0000 . . . 0.239 . 0.246 . . . . . . . . . . . 
'X-RAY DIFFRACTION' 1.547 1.602 . . 195 3441 100.0000 . . . 0.244 . 0.233 . . . . . . . . . . . 
'X-RAY DIFFRACTION' 1.602 1.662 . . 186 3328 100.0000 . . . 0.254 . 0.226 . . . . . . . . . . . 
'X-RAY DIFFRACTION' 1.662 1.730 . . 162 3233 100.0000 . . . 0.253 . 0.213 . . . . . . . . . . . 
'X-RAY DIFFRACTION' 1.730 1.807 . . 171 3101 100.0000 . . . 0.251 . 0.234 . . . . . . . . . . . 
'X-RAY DIFFRACTION' 1.807 1.895 . . 156 2955 100.0000 . . . 0.257 . 0.220 . . . . . . . . . . . 
'X-RAY DIFFRACTION' 1.895 1.997 . . 146 2836 100.0000 . . . 0.223 . 0.218 . . . . . . . . . . . 
'X-RAY DIFFRACTION' 1.997 2.119 . . 154 2679 100.0000 . . . 0.266 . 0.219 . . . . . . . . . . . 
'X-RAY DIFFRACTION' 2.119 2.265 . . 154 2506 100.0000 . . . 0.243 . 0.210 . . . . . . . . . . . 
'X-RAY DIFFRACTION' 2.265 2.446 . . 131 2358 100.0000 . . . 0.200 . 0.195 . . . . . . . . . . . 
'X-RAY DIFFRACTION' 2.446 2.680 . . 118 2191 100.0000 . . . 0.219 . 0.187 . . . . . . . . . . . 
'X-RAY DIFFRACTION' 2.680 2.996 . . 117 1994 100.0000 . . . 0.179 . 0.190 . . . . . . . . . . . 
'X-RAY DIFFRACTION' 2.996 3.459 . . 109 1769 100.0000 . . . 0.189 . 0.185 . . . . . . . . . . . 
'X-RAY DIFFRACTION' 3.459 4.236 . . 83  1524 100.0000 . . . 0.196 . 0.163 . . . . . . . . . . . 
'X-RAY DIFFRACTION' 4.236 5.987 . . 63  1228 99.7682  . . . 0.215 . 0.197 . . . . . . . . . . . 
'X-RAY DIFFRACTION' 5.987 68.54 . . 37  670  90.1786  . . . 0.283 . 0.310 . . . . . . . . . . . 
# 
_struct.entry_id                     7Z9H 
_struct.title                        'ATAD2 in complex with PepLite-Asp' 
_struct.pdbx_model_details           ? 
_struct.pdbx_formula_weight          ? 
_struct.pdbx_formula_weight_method   ? 
_struct.pdbx_model_type_details      ? 
_struct.pdbx_CASP_flag               N 
# 
_struct_keywords.entry_id        7Z9H 
_struct_keywords.text            'ATAD2, INHIBITOR, FRAGMENT, BROMODOMAIN, FRAGLITE, TRANSCRIPTION' 
_struct_keywords.pdbx_keywords   TRANSCRIPTION 
# 
loop_
_struct_asym.id 
_struct_asym.pdbx_blank_PDB_chainid_flag 
_struct_asym.pdbx_modified 
_struct_asym.entity_id 
_struct_asym.details 
A N N 1 ? 
B N N 2 ? 
C N N 3 ? 
D N N 4 ? 
E N N 4 ? 
F N N 4 ? 
G N N 4 ? 
H N N 2 ? 
I N N 5 ? 
J N N 6 ? 
# 
_struct_ref.id                         1 
_struct_ref.db_name                    UNP 
_struct_ref.db_code                    ATAD2_HUMAN 
_struct_ref.pdbx_db_accession          Q6PL18 
_struct_ref.pdbx_db_isoform            ? 
_struct_ref.entity_id                  1 
_struct_ref.pdbx_seq_one_letter_code   
;QEEDTFRELRIFLRNVTHRLAIDKRFRVFTKPVDPDEVPDYVTVIKQPMDLSSVISKIDLHKYLTVKDYLRDIDLICSNA
LEYNPDRDPGDRLIRHRACALRDTAYAIIKEELDEDFEQLCEEIQESR
;
_struct_ref.pdbx_align_begin           981 
# 
_struct_ref_seq.align_id                      1 
_struct_ref_seq.ref_id                        1 
_struct_ref_seq.pdbx_PDB_id_code              7Z9H 
_struct_ref_seq.pdbx_strand_id                AAA 
_struct_ref_seq.seq_align_beg                 3 
_struct_ref_seq.pdbx_seq_align_beg_ins_code   ? 
_struct_ref_seq.seq_align_end                 130 
_struct_ref_seq.pdbx_seq_align_end_ins_code   ? 
_struct_ref_seq.pdbx_db_accession             Q6PL18 
_struct_ref_seq.db_align_beg                  981 
_struct_ref_seq.pdbx_db_align_beg_ins_code    ? 
_struct_ref_seq.db_align_end                  1108 
_struct_ref_seq.pdbx_db_align_end_ins_code    ? 
_struct_ref_seq.pdbx_auth_seq_align_beg       981 
_struct_ref_seq.pdbx_auth_seq_align_end       1108 
# 
loop_
_struct_ref_seq_dif.align_id 
_struct_ref_seq_dif.pdbx_pdb_id_code 
_struct_ref_seq_dif.mon_id 
_struct_ref_seq_dif.pdbx_pdb_strand_id 
_struct_ref_seq_dif.seq_num 
_struct_ref_seq_dif.pdbx_pdb_ins_code 
_struct_ref_seq_dif.pdbx_seq_db_name 
_struct_ref_seq_dif.pdbx_seq_db_accession_code 
_struct_ref_seq_dif.db_mon_id 
_struct_ref_seq_dif.pdbx_seq_db_seq_num 
_struct_ref_seq_dif.details 
_struct_ref_seq_dif.pdbx_auth_seq_num 
_struct_ref_seq_dif.pdbx_ordinal 
1 7Z9H SER AAA 1 ? UNP Q6PL18 ? ? 'expression tag' 979 1 
1 7Z9H MET AAA 2 ? UNP Q6PL18 ? ? 'expression tag' 980 2 
# 
_pdbx_struct_assembly.id                   1 
_pdbx_struct_assembly.details              author_defined_assembly 
_pdbx_struct_assembly.method_details       ? 
_pdbx_struct_assembly.oligomeric_details   monomeric 
_pdbx_struct_assembly.oligomeric_count     1 
# 
loop_
_pdbx_struct_assembly_prop.biol_id 
_pdbx_struct_assembly_prop.type 
_pdbx_struct_assembly_prop.value 
_pdbx_struct_assembly_prop.details 
1 'ABSA (A^2)' 1190 ? 
1 MORE         -11  ? 
1 'SSA (A^2)'  8060 ? 
# 
_pdbx_struct_assembly_gen.assembly_id       1 
_pdbx_struct_assembly_gen.oper_expression   1 
_pdbx_struct_assembly_gen.asym_id_list      A,B,C,D,E,F,G,H,I,J 
# 
_pdbx_struct_assembly_auth_evidence.id                     1 
_pdbx_struct_assembly_auth_evidence.assembly_id            1 
_pdbx_struct_assembly_auth_evidence.experimental_support   'gel filtration' 
_pdbx_struct_assembly_auth_evidence.details                ? 
# 
_pdbx_struct_oper_list.id                   1 
_pdbx_struct_oper_list.type                 'identity operation' 
_pdbx_struct_oper_list.name                 1_555 
_pdbx_struct_oper_list.symmetry_operation   x,y,z 
_pdbx_struct_oper_list.matrix[1][1]         1.0000000000 
_pdbx_struct_oper_list.matrix[1][2]         0.0000000000 
_pdbx_struct_oper_list.matrix[1][3]         0.0000000000 
_pdbx_struct_oper_list.vector[1]            0.0000000000 
_pdbx_struct_oper_list.matrix[2][1]         0.0000000000 
_pdbx_struct_oper_list.matrix[2][2]         1.0000000000 
_pdbx_struct_oper_list.matrix[2][3]         0.0000000000 
_pdbx_struct_oper_list.vector[2]            0.0000000000 
_pdbx_struct_oper_list.matrix[3][1]         0.0000000000 
_pdbx_struct_oper_list.matrix[3][2]         0.0000000000 
_pdbx_struct_oper_list.matrix[3][3]         1.0000000000 
_pdbx_struct_oper_list.vector[3]            0.0000000000 
# 
loop_
_struct_conf.conf_type_id 
_struct_conf.id 
_struct_conf.pdbx_PDB_helix_id 
_struct_conf.beg_label_comp_id 
_struct_conf.beg_label_asym_id 
_struct_conf.beg_label_seq_id 
_struct_conf.pdbx_beg_PDB_ins_code 
_struct_conf.end_label_comp_id 
_struct_conf.end_label_asym_id 
_struct_conf.end_label_seq_id 
_struct_conf.pdbx_end_PDB_ins_code 
_struct_conf.beg_auth_comp_id 
_struct_conf.beg_auth_asym_id 
_struct_conf.beg_auth_seq_id 
_struct_conf.end_auth_comp_id 
_struct_conf.end_auth_asym_id 
_struct_conf.end_auth_seq_id 
_struct_conf.pdbx_PDB_helix_class 
_struct_conf.details 
_struct_conf.pdbx_PDB_helix_length 
HELX_P HELX_P1 AA1 SER A 1   ? ILE A 24  ? SER AAA 979  ILE AAA 1002 1 ? 24 
HELX_P HELX_P2 AA2 ASP A 25  ? THR A 32  ? ASP AAA 1003 THR AAA 1010 5 ? 8  
HELX_P HELX_P3 AA3 ASP A 42  ? ILE A 47  ? ASP AAA 1020 ILE AAA 1025 1 ? 6  
HELX_P HELX_P4 AA4 ASP A 52  ? LEU A 62  ? ASP AAA 1030 LEU AAA 1040 1 ? 11 
HELX_P HELX_P5 AA5 THR A 67  ? ASN A 86  ? THR AAA 1045 ASN AAA 1064 1 ? 20 
HELX_P HELX_P6 AA6 ASP A 90  ? LEU A 115 ? ASP AAA 1068 LEU AAA 1093 1 ? 26 
HELX_P HELX_P7 AA7 ASP A 116 ? SER A 129 ? ASP AAA 1094 SER AAA 1107 1 ? 14 
# 
_struct_conf_type.id          HELX_P 
_struct_conf_type.criteria    ? 
_struct_conf_type.reference   ? 
# 
loop_
_pdbx_validate_close_contact.id 
_pdbx_validate_close_contact.PDB_model_num 
_pdbx_validate_close_contact.auth_atom_id_1 
_pdbx_validate_close_contact.auth_asym_id_1 
_pdbx_validate_close_contact.auth_comp_id_1 
_pdbx_validate_close_contact.auth_seq_id_1 
_pdbx_validate_close_contact.PDB_ins_code_1 
_pdbx_validate_close_contact.label_alt_id_1 
_pdbx_validate_close_contact.auth_atom_id_2 
_pdbx_validate_close_contact.auth_asym_id_2 
_pdbx_validate_close_contact.auth_comp_id_2 
_pdbx_validate_close_contact.auth_seq_id_2 
_pdbx_validate_close_contact.PDB_ins_code_2 
_pdbx_validate_close_contact.label_alt_id_2 
_pdbx_validate_close_contact.dist 
1 1 NH2 AAA ARG 987  ? C O  AAA HOH 1301 ? ? 1.67 
2 1 ND2 AAA ASN 995  ? ? O  AAA HOH 1302 ? ? 1.93 
3 1 NH1 AAA ARG 987  ? C O2 AAA SO4 1201 ? ? 1.95 
4 1 OD2 AAA ASP 1054 ? ? O  AAA HOH 1303 ? ? 2.19 
# 
_pdbx_validate_rmsd_bond.id                        1 
_pdbx_validate_rmsd_bond.PDB_model_num             1 
_pdbx_validate_rmsd_bond.auth_atom_id_1            CD 
_pdbx_validate_rmsd_bond.auth_asym_id_1            AAA 
_pdbx_validate_rmsd_bond.auth_comp_id_1            GLU 
_pdbx_validate_rmsd_bond.auth_seq_id_1             1102 
_pdbx_validate_rmsd_bond.PDB_ins_code_1            ? 
_pdbx_validate_rmsd_bond.label_alt_id_1            ? 
_pdbx_validate_rmsd_bond.auth_atom_id_2            OE2 
_pdbx_validate_rmsd_bond.auth_asym_id_2            AAA 
_pdbx_validate_rmsd_bond.auth_comp_id_2            GLU 
_pdbx_validate_rmsd_bond.auth_seq_id_2             1102 
_pdbx_validate_rmsd_bond.PDB_ins_code_2            ? 
_pdbx_validate_rmsd_bond.label_alt_id_2            ? 
_pdbx_validate_rmsd_bond.bond_value                1.319 
_pdbx_validate_rmsd_bond.bond_target_value         1.252 
_pdbx_validate_rmsd_bond.bond_deviation            0.067 
_pdbx_validate_rmsd_bond.bond_standard_deviation   0.011 
_pdbx_validate_rmsd_bond.linker_flag               N 
# 
loop_
_pdbx_validate_rmsd_angle.id 
_pdbx_validate_rmsd_angle.PDB_model_num 
_pdbx_validate_rmsd_angle.auth_atom_id_1 
_pdbx_validate_rmsd_angle.auth_asym_id_1 
_pdbx_validate_rmsd_angle.auth_comp_id_1 
_pdbx_validate_rmsd_angle.auth_seq_id_1 
_pdbx_validate_rmsd_angle.PDB_ins_code_1 
_pdbx_validate_rmsd_angle.label_alt_id_1 
_pdbx_validate_rmsd_angle.auth_atom_id_2 
_pdbx_validate_rmsd_angle.auth_asym_id_2 
_pdbx_validate_rmsd_angle.auth_comp_id_2 
_pdbx_validate_rmsd_angle.auth_seq_id_2 
_pdbx_validate_rmsd_angle.PDB_ins_code_2 
_pdbx_validate_rmsd_angle.label_alt_id_2 
_pdbx_validate_rmsd_angle.auth_atom_id_3 
_pdbx_validate_rmsd_angle.auth_asym_id_3 
_pdbx_validate_rmsd_angle.auth_comp_id_3 
_pdbx_validate_rmsd_angle.auth_seq_id_3 
_pdbx_validate_rmsd_angle.PDB_ins_code_3 
_pdbx_validate_rmsd_angle.label_alt_id_3 
_pdbx_validate_rmsd_angle.angle_value 
_pdbx_validate_rmsd_angle.angle_target_value 
_pdbx_validate_rmsd_angle.angle_deviation 
_pdbx_validate_rmsd_angle.angle_standard_deviation 
_pdbx_validate_rmsd_angle.linker_flag 
1 1 NE AAA ARG 990  ? ? CZ AAA ARG 990  ? ? NH2 AAA ARG 990  ? ? 116.10 120.30 -4.20 0.50 N 
2 1 NE AAA ARG 1067 ? ? CZ AAA ARG 1067 ? ? NH1 AAA ARG 1067 ? ? 116.02 120.30 -4.28 0.50 N 
# 
_pdbx_struct_special_symmetry.id              1 
_pdbx_struct_special_symmetry.PDB_model_num   1 
_pdbx_struct_special_symmetry.auth_asym_id    AAA 
_pdbx_struct_special_symmetry.auth_comp_id    HOH 
_pdbx_struct_special_symmetry.auth_seq_id     1413 
_pdbx_struct_special_symmetry.PDB_ins_code    ? 
_pdbx_struct_special_symmetry.label_asym_id   J 
_pdbx_struct_special_symmetry.label_comp_id   HOH 
_pdbx_struct_special_symmetry.label_seq_id    . 
# 
_pdbx_entry_details.entry_id                 7Z9H 
_pdbx_entry_details.has_ligand_of_interest   Y 
_pdbx_entry_details.compound_details         ? 
_pdbx_entry_details.source_details           ? 
_pdbx_entry_details.nonpolymer_details       ? 
_pdbx_entry_details.sequence_details         ? 
# 
_pdbx_distant_solvent_atoms.id                                1 
_pdbx_distant_solvent_atoms.PDB_model_num                     1 
_pdbx_distant_solvent_atoms.auth_atom_id                      O 
_pdbx_distant_solvent_atoms.label_alt_id                      ? 
_pdbx_distant_solvent_atoms.auth_asym_id                      AAA 
_pdbx_distant_solvent_atoms.auth_comp_id                      HOH 
_pdbx_distant_solvent_atoms.auth_seq_id                       1480 
_pdbx_distant_solvent_atoms.PDB_ins_code                      ? 
_pdbx_distant_solvent_atoms.neighbor_macromolecule_distance   6.22 
_pdbx_distant_solvent_atoms.neighbor_ligand_distance          . 
# 
loop_
_chem_comp_atom.comp_id 
_chem_comp_atom.atom_id 
_chem_comp_atom.type_symbol 
_chem_comp_atom.pdbx_aromatic_flag 
_chem_comp_atom.pdbx_stereo_config 
_chem_comp_atom.pdbx_ordinal 
ALA N    N  N N 1   
ALA CA   C  N S 2   
ALA C    C  N N 3   
ALA O    O  N N 4   
ALA CB   C  N N 5   
ALA OXT  O  N N 6   
ALA H    H  N N 7   
ALA H2   H  N N 8   
ALA HA   H  N N 9   
ALA HB1  H  N N 10  
ALA HB2  H  N N 11  
ALA HB3  H  N N 12  
ALA HXT  H  N N 13  
ARG N    N  N N 14  
ARG CA   C  N S 15  
ARG C    C  N N 16  
ARG O    O  N N 17  
ARG CB   C  N N 18  
ARG CG   C  N N 19  
ARG CD   C  N N 20  
ARG NE   N  N N 21  
ARG CZ   C  N N 22  
ARG NH1  N  N N 23  
ARG NH2  N  N N 24  
ARG OXT  O  N N 25  
ARG H    H  N N 26  
ARG H2   H  N N 27  
ARG HA   H  N N 28  
ARG HB2  H  N N 29  
ARG HB3  H  N N 30  
ARG HG2  H  N N 31  
ARG HG3  H  N N 32  
ARG HD2  H  N N 33  
ARG HD3  H  N N 34  
ARG HE   H  N N 35  
ARG HH11 H  N N 36  
ARG HH12 H  N N 37  
ARG HH21 H  N N 38  
ARG HH22 H  N N 39  
ARG HXT  H  N N 40  
ASN N    N  N N 41  
ASN CA   C  N S 42  
ASN C    C  N N 43  
ASN O    O  N N 44  
ASN CB   C  N N 45  
ASN CG   C  N N 46  
ASN OD1  O  N N 47  
ASN ND2  N  N N 48  
ASN OXT  O  N N 49  
ASN H    H  N N 50  
ASN H2   H  N N 51  
ASN HA   H  N N 52  
ASN HB2  H  N N 53  
ASN HB3  H  N N 54  
ASN HD21 H  N N 55  
ASN HD22 H  N N 56  
ASN HXT  H  N N 57  
ASP N    N  N N 58  
ASP CA   C  N S 59  
ASP C    C  N N 60  
ASP O    O  N N 61  
ASP CB   C  N N 62  
ASP CG   C  N N 63  
ASP OD1  O  N N 64  
ASP OD2  O  N N 65  
ASP OXT  O  N N 66  
ASP H    H  N N 67  
ASP H2   H  N N 68  
ASP HA   H  N N 69  
ASP HB2  H  N N 70  
ASP HB3  H  N N 71  
ASP HD2  H  N N 72  
ASP HXT  H  N N 73  
CL  CL   CL N N 74  
CYS N    N  N N 75  
CYS CA   C  N R 76  
CYS C    C  N N 77  
CYS O    O  N N 78  
CYS CB   C  N N 79  
CYS SG   S  N N 80  
CYS OXT  O  N N 81  
CYS H    H  N N 82  
CYS H2   H  N N 83  
CYS HA   H  N N 84  
CYS HB2  H  N N 85  
CYS HB3  H  N N 86  
CYS HG   H  N N 87  
CYS HXT  H  N N 88  
EDO C1   C  N N 89  
EDO O1   O  N N 90  
EDO C2   C  N N 91  
EDO O2   O  N N 92  
EDO H11  H  N N 93  
EDO H12  H  N N 94  
EDO HO1  H  N N 95  
EDO H21  H  N N 96  
EDO H22  H  N N 97  
EDO HO2  H  N N 98  
GLN N    N  N N 99  
GLN CA   C  N S 100 
GLN C    C  N N 101 
GLN O    O  N N 102 
GLN CB   C  N N 103 
GLN CG   C  N N 104 
GLN CD   C  N N 105 
GLN OE1  O  N N 106 
GLN NE2  N  N N 107 
GLN OXT  O  N N 108 
GLN H    H  N N 109 
GLN H2   H  N N 110 
GLN HA   H  N N 111 
GLN HB2  H  N N 112 
GLN HB3  H  N N 113 
GLN HG2  H  N N 114 
GLN HG3  H  N N 115 
GLN HE21 H  N N 116 
GLN HE22 H  N N 117 
GLN HXT  H  N N 118 
GLU N    N  N N 119 
GLU CA   C  N S 120 
GLU C    C  N N 121 
GLU O    O  N N 122 
GLU CB   C  N N 123 
GLU CG   C  N N 124 
GLU CD   C  N N 125 
GLU OE1  O  N N 126 
GLU OE2  O  N N 127 
GLU OXT  O  N N 128 
GLU H    H  N N 129 
GLU H2   H  N N 130 
GLU HA   H  N N 131 
GLU HB2  H  N N 132 
GLU HB3  H  N N 133 
GLU HG2  H  N N 134 
GLU HG3  H  N N 135 
GLU HE2  H  N N 136 
GLU HXT  H  N N 137 
GLY N    N  N N 138 
GLY CA   C  N N 139 
GLY C    C  N N 140 
GLY O    O  N N 141 
GLY OXT  O  N N 142 
GLY H    H  N N 143 
GLY H2   H  N N 144 
GLY HA2  H  N N 145 
GLY HA3  H  N N 146 
GLY HXT  H  N N 147 
HIS N    N  N N 148 
HIS CA   C  N S 149 
HIS C    C  N N 150 
HIS O    O  N N 151 
HIS CB   C  N N 152 
HIS CG   C  Y N 153 
HIS ND1  N  Y N 154 
HIS CD2  C  Y N 155 
HIS CE1  C  Y N 156 
HIS NE2  N  Y N 157 
HIS OXT  O  N N 158 
HIS H    H  N N 159 
HIS H2   H  N N 160 
HIS HA   H  N N 161 
HIS HB2  H  N N 162 
HIS HB3  H  N N 163 
HIS HD1  H  N N 164 
HIS HD2  H  N N 165 
HIS HE1  H  N N 166 
HIS HE2  H  N N 167 
HIS HXT  H  N N 168 
HOH O    O  N N 169 
HOH H1   H  N N 170 
HOH H2   H  N N 171 
IIV C4   C  N N 172 
IIV C5   C  N N 173 
IIV C6   C  N N 174 
IIV C7   C  N N 175 
IIV C8   C  N N 176 
IIV C9   C  N N 177 
IIV N1   N  N N 178 
IIV N2   N  N N 179 
IIV C3   C  N S 180 
IIV N3   N  N N 181 
IIV C1   C  N N 182 
IIV C2   C  N N 183 
IIV O1   O  N N 184 
IIV O2   O  N N 185 
IIV O3   O  N N 186 
IIV BR1  BR N N 187 
IIV H1   H  N N 188 
IIV H2   H  N N 189 
IIV H3   H  N N 190 
IIV H4   H  N N 191 
IIV H5   H  N N 192 
IIV H6   H  N N 193 
IIV H7   H  N N 194 
IIV H8   H  N N 195 
IIV H9   H  N N 196 
IIV H10  H  N N 197 
IIV H11  H  N N 198 
IIV H12  H  N N 199 
ILE N    N  N N 200 
ILE CA   C  N S 201 
ILE C    C  N N 202 
ILE O    O  N N 203 
ILE CB   C  N S 204 
ILE CG1  C  N N 205 
ILE CG2  C  N N 206 
ILE CD1  C  N N 207 
ILE OXT  O  N N 208 
ILE H    H  N N 209 
ILE H2   H  N N 210 
ILE HA   H  N N 211 
ILE HB   H  N N 212 
ILE HG12 H  N N 213 
ILE HG13 H  N N 214 
ILE HG21 H  N N 215 
ILE HG22 H  N N 216 
ILE HG23 H  N N 217 
ILE HD11 H  N N 218 
ILE HD12 H  N N 219 
ILE HD13 H  N N 220 
ILE HXT  H  N N 221 
LEU N    N  N N 222 
LEU CA   C  N S 223 
LEU C    C  N N 224 
LEU O    O  N N 225 
LEU CB   C  N N 226 
LEU CG   C  N N 227 
LEU CD1  C  N N 228 
LEU CD2  C  N N 229 
LEU OXT  O  N N 230 
LEU H    H  N N 231 
LEU H2   H  N N 232 
LEU HA   H  N N 233 
LEU HB2  H  N N 234 
LEU HB3  H  N N 235 
LEU HG   H  N N 236 
LEU HD11 H  N N 237 
LEU HD12 H  N N 238 
LEU HD13 H  N N 239 
LEU HD21 H  N N 240 
LEU HD22 H  N N 241 
LEU HD23 H  N N 242 
LEU HXT  H  N N 243 
LYS N    N  N N 244 
LYS CA   C  N S 245 
LYS C    C  N N 246 
LYS O    O  N N 247 
LYS CB   C  N N 248 
LYS CG   C  N N 249 
LYS CD   C  N N 250 
LYS CE   C  N N 251 
LYS NZ   N  N N 252 
LYS OXT  O  N N 253 
LYS H    H  N N 254 
LYS H2   H  N N 255 
LYS HA   H  N N 256 
LYS HB2  H  N N 257 
LYS HB3  H  N N 258 
LYS HG2  H  N N 259 
LYS HG3  H  N N 260 
LYS HD2  H  N N 261 
LYS HD3  H  N N 262 
LYS HE2  H  N N 263 
LYS HE3  H  N N 264 
LYS HZ1  H  N N 265 
LYS HZ2  H  N N 266 
LYS HZ3  H  N N 267 
LYS HXT  H  N N 268 
MET N    N  N N 269 
MET CA   C  N S 270 
MET C    C  N N 271 
MET O    O  N N 272 
MET CB   C  N N 273 
MET CG   C  N N 274 
MET SD   S  N N 275 
MET CE   C  N N 276 
MET OXT  O  N N 277 
MET H    H  N N 278 
MET H2   H  N N 279 
MET HA   H  N N 280 
MET HB2  H  N N 281 
MET HB3  H  N N 282 
MET HG2  H  N N 283 
MET HG3  H  N N 284 
MET HE1  H  N N 285 
MET HE2  H  N N 286 
MET HE3  H  N N 287 
MET HXT  H  N N 288 
PHE N    N  N N 289 
PHE CA   C  N S 290 
PHE C    C  N N 291 
PHE O    O  N N 292 
PHE CB   C  N N 293 
PHE CG   C  Y N 294 
PHE CD1  C  Y N 295 
PHE CD2  C  Y N 296 
PHE CE1  C  Y N 297 
PHE CE2  C  Y N 298 
PHE CZ   C  Y N 299 
PHE OXT  O  N N 300 
PHE H    H  N N 301 
PHE H2   H  N N 302 
PHE HA   H  N N 303 
PHE HB2  H  N N 304 
PHE HB3  H  N N 305 
PHE HD1  H  N N 306 
PHE HD2  H  N N 307 
PHE HE1  H  N N 308 
PHE HE2  H  N N 309 
PHE HZ   H  N N 310 
PHE HXT  H  N N 311 
PRO N    N  N N 312 
PRO CA   C  N S 313 
PRO C    C  N N 314 
PRO O    O  N N 315 
PRO CB   C  N N 316 
PRO CG   C  N N 317 
PRO CD   C  N N 318 
PRO OXT  O  N N 319 
PRO H    H  N N 320 
PRO HA   H  N N 321 
PRO HB2  H  N N 322 
PRO HB3  H  N N 323 
PRO HG2  H  N N 324 
PRO HG3  H  N N 325 
PRO HD2  H  N N 326 
PRO HD3  H  N N 327 
PRO HXT  H  N N 328 
SER N    N  N N 329 
SER CA   C  N S 330 
SER C    C  N N 331 
SER O    O  N N 332 
SER CB   C  N N 333 
SER OG   O  N N 334 
SER OXT  O  N N 335 
SER H    H  N N 336 
SER H2   H  N N 337 
SER HA   H  N N 338 
SER HB2  H  N N 339 
SER HB3  H  N N 340 
SER HG   H  N N 341 
SER HXT  H  N N 342 
SO4 S    S  N N 343 
SO4 O1   O  N N 344 
SO4 O2   O  N N 345 
SO4 O3   O  N N 346 
SO4 O4   O  N N 347 
THR N    N  N N 348 
THR CA   C  N S 349 
THR C    C  N N 350 
THR O    O  N N 351 
THR CB   C  N R 352 
THR OG1  O  N N 353 
THR CG2  C  N N 354 
THR OXT  O  N N 355 
THR H    H  N N 356 
THR H2   H  N N 357 
THR HA   H  N N 358 
THR HB   H  N N 359 
THR HG1  H  N N 360 
THR HG21 H  N N 361 
THR HG22 H  N N 362 
THR HG23 H  N N 363 
THR HXT  H  N N 364 
TYR N    N  N N 365 
TYR CA   C  N S 366 
TYR C    C  N N 367 
TYR O    O  N N 368 
TYR CB   C  N N 369 
TYR CG   C  Y N 370 
TYR CD1  C  Y N 371 
TYR CD2  C  Y N 372 
TYR CE1  C  Y N 373 
TYR CE2  C  Y N 374 
TYR CZ   C  Y N 375 
TYR OH   O  N N 376 
TYR OXT  O  N N 377 
TYR H    H  N N 378 
TYR H2   H  N N 379 
TYR HA   H  N N 380 
TYR HB2  H  N N 381 
TYR HB3  H  N N 382 
TYR HD1  H  N N 383 
TYR HD2  H  N N 384 
TYR HE1  H  N N 385 
TYR HE2  H  N N 386 
TYR HH   H  N N 387 
TYR HXT  H  N N 388 
VAL N    N  N N 389 
VAL CA   C  N S 390 
VAL C    C  N N 391 
VAL O    O  N N 392 
VAL CB   C  N N 393 
VAL CG1  C  N N 394 
VAL CG2  C  N N 395 
VAL OXT  O  N N 396 
VAL H    H  N N 397 
VAL H2   H  N N 398 
VAL HA   H  N N 399 
VAL HB   H  N N 400 
VAL HG11 H  N N 401 
VAL HG12 H  N N 402 
VAL HG13 H  N N 403 
VAL HG21 H  N N 404 
VAL HG22 H  N N 405 
VAL HG23 H  N N 406 
VAL HXT  H  N N 407 
# 
loop_
_chem_comp_bond.comp_id 
_chem_comp_bond.atom_id_1 
_chem_comp_bond.atom_id_2 
_chem_comp_bond.value_order 
_chem_comp_bond.pdbx_aromatic_flag 
_chem_comp_bond.pdbx_stereo_config 
_chem_comp_bond.pdbx_ordinal 
ALA N   CA   sing N N 1   
ALA N   H    sing N N 2   
ALA N   H2   sing N N 3   
ALA CA  C    sing N N 4   
ALA CA  CB   sing N N 5   
ALA CA  HA   sing N N 6   
ALA C   O    doub N N 7   
ALA C   OXT  sing N N 8   
ALA CB  HB1  sing N N 9   
ALA CB  HB2  sing N N 10  
ALA CB  HB3  sing N N 11  
ALA OXT HXT  sing N N 12  
ARG N   CA   sing N N 13  
ARG N   H    sing N N 14  
ARG N   H2   sing N N 15  
ARG CA  C    sing N N 16  
ARG CA  CB   sing N N 17  
ARG CA  HA   sing N N 18  
ARG C   O    doub N N 19  
ARG C   OXT  sing N N 20  
ARG CB  CG   sing N N 21  
ARG CB  HB2  sing N N 22  
ARG CB  HB3  sing N N 23  
ARG CG  CD   sing N N 24  
ARG CG  HG2  sing N N 25  
ARG CG  HG3  sing N N 26  
ARG CD  NE   sing N N 27  
ARG CD  HD2  sing N N 28  
ARG CD  HD3  sing N N 29  
ARG NE  CZ   sing N N 30  
ARG NE  HE   sing N N 31  
ARG CZ  NH1  sing N N 32  
ARG CZ  NH2  doub N N 33  
ARG NH1 HH11 sing N N 34  
ARG NH1 HH12 sing N N 35  
ARG NH2 HH21 sing N N 36  
ARG NH2 HH22 sing N N 37  
ARG OXT HXT  sing N N 38  
ASN N   CA   sing N N 39  
ASN N   H    sing N N 40  
ASN N   H2   sing N N 41  
ASN CA  C    sing N N 42  
ASN CA  CB   sing N N 43  
ASN CA  HA   sing N N 44  
ASN C   O    doub N N 45  
ASN C   OXT  sing N N 46  
ASN CB  CG   sing N N 47  
ASN CB  HB2  sing N N 48  
ASN CB  HB3  sing N N 49  
ASN CG  OD1  doub N N 50  
ASN CG  ND2  sing N N 51  
ASN ND2 HD21 sing N N 52  
ASN ND2 HD22 sing N N 53  
ASN OXT HXT  sing N N 54  
ASP N   CA   sing N N 55  
ASP N   H    sing N N 56  
ASP N   H2   sing N N 57  
ASP CA  C    sing N N 58  
ASP CA  CB   sing N N 59  
ASP CA  HA   sing N N 60  
ASP C   O    doub N N 61  
ASP C   OXT  sing N N 62  
ASP CB  CG   sing N N 63  
ASP CB  HB2  sing N N 64  
ASP CB  HB3  sing N N 65  
ASP CG  OD1  doub N N 66  
ASP CG  OD2  sing N N 67  
ASP OD2 HD2  sing N N 68  
ASP OXT HXT  sing N N 69  
CYS N   CA   sing N N 70  
CYS N   H    sing N N 71  
CYS N   H2   sing N N 72  
CYS CA  C    sing N N 73  
CYS CA  CB   sing N N 74  
CYS CA  HA   sing N N 75  
CYS C   O    doub N N 76  
CYS C   OXT  sing N N 77  
CYS CB  SG   sing N N 78  
CYS CB  HB2  sing N N 79  
CYS CB  HB3  sing N N 80  
CYS SG  HG   sing N N 81  
CYS OXT HXT  sing N N 82  
EDO C1  O1   sing N N 83  
EDO C1  C2   sing N N 84  
EDO C1  H11  sing N N 85  
EDO C1  H12  sing N N 86  
EDO O1  HO1  sing N N 87  
EDO C2  O2   sing N N 88  
EDO C2  H21  sing N N 89  
EDO C2  H22  sing N N 90  
EDO O2  HO2  sing N N 91  
GLN N   CA   sing N N 92  
GLN N   H    sing N N 93  
GLN N   H2   sing N N 94  
GLN CA  C    sing N N 95  
GLN CA  CB   sing N N 96  
GLN CA  HA   sing N N 97  
GLN C   O    doub N N 98  
GLN C   OXT  sing N N 99  
GLN CB  CG   sing N N 100 
GLN CB  HB2  sing N N 101 
GLN CB  HB3  sing N N 102 
GLN CG  CD   sing N N 103 
GLN CG  HG2  sing N N 104 
GLN CG  HG3  sing N N 105 
GLN CD  OE1  doub N N 106 
GLN CD  NE2  sing N N 107 
GLN NE2 HE21 sing N N 108 
GLN NE2 HE22 sing N N 109 
GLN OXT HXT  sing N N 110 
GLU N   CA   sing N N 111 
GLU N   H    sing N N 112 
GLU N   H2   sing N N 113 
GLU CA  C    sing N N 114 
GLU CA  CB   sing N N 115 
GLU CA  HA   sing N N 116 
GLU C   O    doub N N 117 
GLU C   OXT  sing N N 118 
GLU CB  CG   sing N N 119 
GLU CB  HB2  sing N N 120 
GLU CB  HB3  sing N N 121 
GLU CG  CD   sing N N 122 
GLU CG  HG2  sing N N 123 
GLU CG  HG3  sing N N 124 
GLU CD  OE1  doub N N 125 
GLU CD  OE2  sing N N 126 
GLU OE2 HE2  sing N N 127 
GLU OXT HXT  sing N N 128 
GLY N   CA   sing N N 129 
GLY N   H    sing N N 130 
GLY N   H2   sing N N 131 
GLY CA  C    sing N N 132 
GLY CA  HA2  sing N N 133 
GLY CA  HA3  sing N N 134 
GLY C   O    doub N N 135 
GLY C   OXT  sing N N 136 
GLY OXT HXT  sing N N 137 
HIS N   CA   sing N N 138 
HIS N   H    sing N N 139 
HIS N   H2   sing N N 140 
HIS CA  C    sing N N 141 
HIS CA  CB   sing N N 142 
HIS CA  HA   sing N N 143 
HIS C   O    doub N N 144 
HIS C   OXT  sing N N 145 
HIS CB  CG   sing N N 146 
HIS CB  HB2  sing N N 147 
HIS CB  HB3  sing N N 148 
HIS CG  ND1  sing Y N 149 
HIS CG  CD2  doub Y N 150 
HIS ND1 CE1  doub Y N 151 
HIS ND1 HD1  sing N N 152 
HIS CD2 NE2  sing Y N 153 
HIS CD2 HD2  sing N N 154 
HIS CE1 NE2  sing Y N 155 
HIS CE1 HE1  sing N N 156 
HIS NE2 HE2  sing N N 157 
HIS OXT HXT  sing N N 158 
HOH O   H1   sing N N 159 
HOH O   H2   sing N N 160 
IIV O3  C6   doub N N 161 
IIV N3  C6   sing N N 162 
IIV N3  C7   sing N N 163 
IIV C6  C3   sing N N 164 
IIV C7  C8   sing N N 165 
IIV C8  C9   trip N N 166 
IIV BR1 C9   sing N N 167 
IIV C4  C3   sing N N 168 
IIV C4  C5   sing N N 169 
IIV O2  C5   doub N N 170 
IIV C3  N1   sing N N 171 
IIV C5  N2   sing N N 172 
IIV N1  C2   sing N N 173 
IIV C1  C2   sing N N 174 
IIV C2  O1   doub N N 175 
IIV C4  H1   sing N N 176 
IIV C4  H2   sing N N 177 
IIV C7  H3   sing N N 178 
IIV C7  H4   sing N N 179 
IIV N1  H5   sing N N 180 
IIV N2  H6   sing N N 181 
IIV N2  H7   sing N N 182 
IIV C3  H8   sing N N 183 
IIV N3  H9   sing N N 184 
IIV C1  H10  sing N N 185 
IIV C1  H11  sing N N 186 
IIV C1  H12  sing N N 187 
ILE N   CA   sing N N 188 
ILE N   H    sing N N 189 
ILE N   H2   sing N N 190 
ILE CA  C    sing N N 191 
ILE CA  CB   sing N N 192 
ILE CA  HA   sing N N 193 
ILE C   O    doub N N 194 
ILE C   OXT  sing N N 195 
ILE CB  CG1  sing N N 196 
ILE CB  CG2  sing N N 197 
ILE CB  HB   sing N N 198 
ILE CG1 CD1  sing N N 199 
ILE CG1 HG12 sing N N 200 
ILE CG1 HG13 sing N N 201 
ILE CG2 HG21 sing N N 202 
ILE CG2 HG22 sing N N 203 
ILE CG2 HG23 sing N N 204 
ILE CD1 HD11 sing N N 205 
ILE CD1 HD12 sing N N 206 
ILE CD1 HD13 sing N N 207 
ILE OXT HXT  sing N N 208 
LEU N   CA   sing N N 209 
LEU N   H    sing N N 210 
LEU N   H2   sing N N 211 
LEU CA  C    sing N N 212 
LEU CA  CB   sing N N 213 
LEU CA  HA   sing N N 214 
LEU C   O    doub N N 215 
LEU C   OXT  sing N N 216 
LEU CB  CG   sing N N 217 
LEU CB  HB2  sing N N 218 
LEU CB  HB3  sing N N 219 
LEU CG  CD1  sing N N 220 
LEU CG  CD2  sing N N 221 
LEU CG  HG   sing N N 222 
LEU CD1 HD11 sing N N 223 
LEU CD1 HD12 sing N N 224 
LEU CD1 HD13 sing N N 225 
LEU CD2 HD21 sing N N 226 
LEU CD2 HD22 sing N N 227 
LEU CD2 HD23 sing N N 228 
LEU OXT HXT  sing N N 229 
LYS N   CA   sing N N 230 
LYS N   H    sing N N 231 
LYS N   H2   sing N N 232 
LYS CA  C    sing N N 233 
LYS CA  CB   sing N N 234 
LYS CA  HA   sing N N 235 
LYS C   O    doub N N 236 
LYS C   OXT  sing N N 237 
LYS CB  CG   sing N N 238 
LYS CB  HB2  sing N N 239 
LYS CB  HB3  sing N N 240 
LYS CG  CD   sing N N 241 
LYS CG  HG2  sing N N 242 
LYS CG  HG3  sing N N 243 
LYS CD  CE   sing N N 244 
LYS CD  HD2  sing N N 245 
LYS CD  HD3  sing N N 246 
LYS CE  NZ   sing N N 247 
LYS CE  HE2  sing N N 248 
LYS CE  HE3  sing N N 249 
LYS NZ  HZ1  sing N N 250 
LYS NZ  HZ2  sing N N 251 
LYS NZ  HZ3  sing N N 252 
LYS OXT HXT  sing N N 253 
MET N   CA   sing N N 254 
MET N   H    sing N N 255 
MET N   H2   sing N N 256 
MET CA  C    sing N N 257 
MET CA  CB   sing N N 258 
MET CA  HA   sing N N 259 
MET C   O    doub N N 260 
MET C   OXT  sing N N 261 
MET CB  CG   sing N N 262 
MET CB  HB2  sing N N 263 
MET CB  HB3  sing N N 264 
MET CG  SD   sing N N 265 
MET CG  HG2  sing N N 266 
MET CG  HG3  sing N N 267 
MET SD  CE   sing N N 268 
MET CE  HE1  sing N N 269 
MET CE  HE2  sing N N 270 
MET CE  HE3  sing N N 271 
MET OXT HXT  sing N N 272 
PHE N   CA   sing N N 273 
PHE N   H    sing N N 274 
PHE N   H2   sing N N 275 
PHE CA  C    sing N N 276 
PHE CA  CB   sing N N 277 
PHE CA  HA   sing N N 278 
PHE C   O    doub N N 279 
PHE C   OXT  sing N N 280 
PHE CB  CG   sing N N 281 
PHE CB  HB2  sing N N 282 
PHE CB  HB3  sing N N 283 
PHE CG  CD1  doub Y N 284 
PHE CG  CD2  sing Y N 285 
PHE CD1 CE1  sing Y N 286 
PHE CD1 HD1  sing N N 287 
PHE CD2 CE2  doub Y N 288 
PHE CD2 HD2  sing N N 289 
PHE CE1 CZ   doub Y N 290 
PHE CE1 HE1  sing N N 291 
PHE CE2 CZ   sing Y N 292 
PHE CE2 HE2  sing N N 293 
PHE CZ  HZ   sing N N 294 
PHE OXT HXT  sing N N 295 
PRO N   CA   sing N N 296 
PRO N   CD   sing N N 297 
PRO N   H    sing N N 298 
PRO CA  C    sing N N 299 
PRO CA  CB   sing N N 300 
PRO CA  HA   sing N N 301 
PRO C   O    doub N N 302 
PRO C   OXT  sing N N 303 
PRO CB  CG   sing N N 304 
PRO CB  HB2  sing N N 305 
PRO CB  HB3  sing N N 306 
PRO CG  CD   sing N N 307 
PRO CG  HG2  sing N N 308 
PRO CG  HG3  sing N N 309 
PRO CD  HD2  sing N N 310 
PRO CD  HD3  sing N N 311 
PRO OXT HXT  sing N N 312 
SER N   CA   sing N N 313 
SER N   H    sing N N 314 
SER N   H2   sing N N 315 
SER CA  C    sing N N 316 
SER CA  CB   sing N N 317 
SER CA  HA   sing N N 318 
SER C   O    doub N N 319 
SER C   OXT  sing N N 320 
SER CB  OG   sing N N 321 
SER CB  HB2  sing N N 322 
SER CB  HB3  sing N N 323 
SER OG  HG   sing N N 324 
SER OXT HXT  sing N N 325 
SO4 S   O1   doub N N 326 
SO4 S   O2   doub N N 327 
SO4 S   O3   sing N N 328 
SO4 S   O4   sing N N 329 
THR N   CA   sing N N 330 
THR N   H    sing N N 331 
THR N   H2   sing N N 332 
THR CA  C    sing N N 333 
THR CA  CB   sing N N 334 
THR CA  HA   sing N N 335 
THR C   O    doub N N 336 
THR C   OXT  sing N N 337 
THR CB  OG1  sing N N 338 
THR CB  CG2  sing N N 339 
THR CB  HB   sing N N 340 
THR OG1 HG1  sing N N 341 
THR CG2 HG21 sing N N 342 
THR CG2 HG22 sing N N 343 
THR CG2 HG23 sing N N 344 
THR OXT HXT  sing N N 345 
TYR N   CA   sing N N 346 
TYR N   H    sing N N 347 
TYR N   H2   sing N N 348 
TYR CA  C    sing N N 349 
TYR CA  CB   sing N N 350 
TYR CA  HA   sing N N 351 
TYR C   O    doub N N 352 
TYR C   OXT  sing N N 353 
TYR CB  CG   sing N N 354 
TYR CB  HB2  sing N N 355 
TYR CB  HB3  sing N N 356 
TYR CG  CD1  doub Y N 357 
TYR CG  CD2  sing Y N 358 
TYR CD1 CE1  sing Y N 359 
TYR CD1 HD1  sing N N 360 
TYR CD2 CE2  doub Y N 361 
TYR CD2 HD2  sing N N 362 
TYR CE1 CZ   doub Y N 363 
TYR CE1 HE1  sing N N 364 
TYR CE2 CZ   sing Y N 365 
TYR CE2 HE2  sing N N 366 
TYR CZ  OH   sing N N 367 
TYR OH  HH   sing N N 368 
TYR OXT HXT  sing N N 369 
VAL N   CA   sing N N 370 
VAL N   H    sing N N 371 
VAL N   H2   sing N N 372 
VAL CA  C    sing N N 373 
VAL CA  CB   sing N N 374 
VAL CA  HA   sing N N 375 
VAL C   O    doub N N 376 
VAL C   OXT  sing N N 377 
VAL CB  CG1  sing N N 378 
VAL CB  CG2  sing N N 379 
VAL CB  HB   sing N N 380 
VAL CG1 HG11 sing N N 381 
VAL CG1 HG12 sing N N 382 
VAL CG1 HG13 sing N N 383 
VAL CG2 HG21 sing N N 384 
VAL CG2 HG22 sing N N 385 
VAL CG2 HG23 sing N N 386 
VAL OXT HXT  sing N N 387 
# 
loop_
_pdbx_audit_support.funding_organization 
_pdbx_audit_support.country 
_pdbx_audit_support.grant_number 
_pdbx_audit_support.ordinal 
'Cancer Research UK' 'United Kingdom' C57659/A27310 1 
'Cancer Research UK' 'United Kingdom' C1362/A20263  2 
'Cancer Research UK' 'United Kingdom' C2215/A21421  3 
# 
_pdbx_entity_instance_feature.ordinal        1 
_pdbx_entity_instance_feature.comp_id        IIV 
_pdbx_entity_instance_feature.asym_id        ? 
_pdbx_entity_instance_feature.seq_num        ? 
_pdbx_entity_instance_feature.auth_comp_id   IIV 
_pdbx_entity_instance_feature.auth_asym_id   ? 
_pdbx_entity_instance_feature.auth_seq_num   ? 
_pdbx_entity_instance_feature.feature_type   'SUBJECT OF INVESTIGATION' 
_pdbx_entity_instance_feature.details        ? 
# 
_pdbx_initial_refinement_model.id               1 
_pdbx_initial_refinement_model.entity_id_list   ? 
_pdbx_initial_refinement_model.type             'experimental model' 
_pdbx_initial_refinement_model.source_name      PDB 
_pdbx_initial_refinement_model.accession_code   3DAI 
_pdbx_initial_refinement_model.details          ? 
# 
_atom_sites.entry_id                    7Z9H 
_atom_sites.Cartn_transf_matrix[1][1]   ? 
_atom_sites.Cartn_transf_matrix[1][2]   ? 
_atom_sites.Cartn_transf_matrix[1][3]   ? 
_atom_sites.Cartn_transf_matrix[2][1]   ? 
_atom_sites.Cartn_transf_matrix[2][2]   ? 
_atom_sites.Cartn_transf_matrix[2][3]   ? 
_atom_sites.Cartn_transf_matrix[3][1]   ? 
_atom_sites.Cartn_transf_matrix[3][2]   ? 
_atom_sites.Cartn_transf_matrix[3][3]   ? 
_atom_sites.Cartn_transf_vector[1]      ? 
_atom_sites.Cartn_transf_vector[2]      ? 
_atom_sites.Cartn_transf_vector[3]      ? 
_atom_sites.fract_transf_matrix[1][1]   0.00017314 
_atom_sites.fract_transf_matrix[1][2]   0.00871023 
_atom_sites.fract_transf_matrix[1][3]   -0.01170308 
_atom_sites.fract_transf_matrix[2][1]   -0.01197841 
_atom_sites.fract_transf_matrix[2][2]   0.00744928 
_atom_sites.fract_transf_matrix[2][3]   -0.00372748 
_atom_sites.fract_transf_matrix[3][1]   0.00215798 
_atom_sites.fract_transf_matrix[3][2]   0.00555466 
_atom_sites.fract_transf_matrix[3][3]   0.00416608 
_atom_sites.fract_transf_vector[1]      0.141312 
_atom_sites.fract_transf_vector[2]      0.600074 
_atom_sites.fract_transf_vector[3]      0.025180 
_atom_sites.solution_primary            ? 
_atom_sites.solution_secondary          ? 
_atom_sites.solution_hydrogens          ? 
_atom_sites.special_details             ? 
# 
loop_
_atom_type.symbol 
_atom_type.pdbx_scat_Z 
_atom_type.pdbx_N_electrons 
_atom_type.scat_Cromer_Mann_a1 
_atom_type.scat_Cromer_Mann_b1 
_atom_type.scat_Cromer_Mann_a2 
_atom_type.scat_Cromer_Mann_b2 
_atom_type.scat_Cromer_Mann_a3 
_atom_type.scat_Cromer_Mann_b3 
_atom_type.scat_Cromer_Mann_a4 
_atom_type.scat_Cromer_Mann_b4 
_atom_type.scat_Cromer_Mann_c 
BR 35 35 17.182 2.172  5.237 16.580 5.639 0.261  3.986 41.433 0.438   
C  6  6  2.310  20.844 1.020 10.208 1.589 0.569  0.865 51.651 0.216   
CL 17 17 11.460 0.010  7.196 1.166  6.255 18.519 1.645 47.778 -9.345  
N  7  7  12.222 0.006  3.135 9.893  2.014 28.997 1.167 0.583  -11.538 
O  8  8  3.049  13.277 2.287 5.701  1.546 0.324  0.867 32.909 0.251   
S  16 16 6.905  1.468  5.203 22.215 1.438 0.254  1.586 56.172 1.049   
# 
loop_
_atom_site.group_PDB 
_atom_site.id 
_atom_site.type_symbol 
_atom_site.label_atom_id 
_atom_site.label_alt_id 
_atom_site.label_comp_id 
_atom_site.label_asym_id 
_atom_site.label_entity_id 
_atom_site.label_seq_id 
_atom_site.pdbx_PDB_ins_code 
_atom_site.Cartn_x 
_atom_site.Cartn_y 
_atom_site.Cartn_z 
_atom_site.occupancy 
_atom_site.B_iso_or_equiv 
_atom_site.pdbx_formal_charge 
_atom_site.auth_seq_id 
_atom_site.auth_comp_id 
_atom_site.auth_asym_id 
_atom_site.auth_atom_id 
_atom_site.pdbx_PDB_model_num 
_atom_site.calc_flag 
ATOM   1    N  N   . SER A 1 1   ? 6.703   7.091   -24.728 1.000 39.057  ? 979  SER AAA N   1 ? 
ATOM   2    C  CA  . SER A 1 1   ? 6.260   6.294   -25.885 1.000 39.182  ? 979  SER AAA CA  1 ? 
ATOM   3    C  C   . SER A 1 1   ? 5.061   5.445   -25.476 1.000 48.376  ? 979  SER AAA C   1 ? 
ATOM   4    O  O   . SER A 1 1   ? 4.752   5.317   -24.286 1.000 41.320  ? 979  SER AAA O   1 ? 
ATOM   5    C  CB  . SER A 1 1   ? 7.375   5.397   -26.323 1.000 43.298  ? 979  SER AAA CB  1 ? 
ATOM   6    O  OG  . SER A 1 1   ? 7.651   4.438   -25.298 1.000 39.543  ? 979  SER AAA OG  1 ? 
ATOM   7    N  N   . MET A 1 2   ? 4.442   4.811   -26.473 1.000 44.768  ? 980  MET AAA N   1 ? 
ATOM   8    C  CA  . MET A 1 2   ? 3.345   3.893   -26.214 1.000 49.693  ? 980  MET AAA CA  1 ? 
ATOM   9    C  C   . MET A 1 2   ? 3.874   2.657   -25.488 1.000 41.190  ? 980  MET AAA C   1 ? 
ATOM   10   O  O   . MET A 1 2   ? 3.177   2.105   -24.656 1.000 37.096  ? 980  MET AAA O   1 ? 
ATOM   11   C  CB  . MET A 1 2   ? 2.578   3.507   -27.492 1.000 59.346  ? 980  MET AAA CB  1 ? 
ATOM   12   C  CG  . MET A 1 2   ? 3.289   2.532   -28.428 1.000 77.628  ? 980  MET AAA CG  1 ? 
ATOM   13   S  SD  . MET A 1 2   ? 2.719   0.799   -28.318 1.000 112.392 ? 980  MET AAA SD  1 ? 
ATOM   14   C  CE  . MET A 1 2   ? 3.540   0.079   -29.741 1.000 92.897  ? 980  MET AAA CE  1 ? 
ATOM   15   N  N   . GLN A 1 3   ? 5.095   2.214   -25.788 1.000 36.316  ? 981  GLN AAA N   1 ? 
ATOM   16   C  CA  . GLN A 1 3   ? 5.637   1.063   -25.092 1.000 36.799  ? 981  GLN AAA CA  1 ? 
ATOM   17   C  C   . GLN A 1 3   ? 5.788   1.390   -23.600 1.000 35.284  ? 981  GLN AAA C   1 ? 
ATOM   18   O  O   . GLN A 1 3   ? 5.579   0.523   -22.751 1.000 31.672  ? 981  GLN AAA O   1 ? 
ATOM   19   C  CB  . GLN A 1 3   ? 6.960   0.609   -25.719 1.000 43.905  ? 981  GLN AAA CB  1 ? 
ATOM   20   C  CG  . GLN A 1 3   ? 6.799   0.213   -27.184 1.000 51.499  ? 981  GLN AAA CG  1 ? 
ATOM   21   C  CD  . GLN A 1 3   ? 7.221   1.300   -28.153 1.000 58.522  ? 981  GLN AAA CD  1 ? 
ATOM   22   O  OE1 . GLN A 1 3   ? 8.208   1.150   -28.867 1.000 72.146  ? 981  GLN AAA OE1 1 ? 
ATOM   23   N  NE2 . GLN A 1 3   ? 6.496   2.410   -28.189 1.000 51.279  ? 981  GLN AAA NE2 1 ? 
ATOM   24   N  N   . GLU A 1 4   ? 6.202   2.613   -23.278 1.000 28.512  ? 982  GLU AAA N   1 ? 
ATOM   25   C  CA  . GLU A 1 4   ? 6.336   3.016   -21.883 1.000 25.599  ? 982  GLU AAA CA  1 ? 
ATOM   26   C  C   . GLU A 1 4   ? 4.954   3.073   -21.258 1.000 25.440  ? 982  GLU AAA C   1 ? 
ATOM   27   O  O   . GLU A 1 4   ? 4.815   2.699   -20.075 1.000 20.700  ? 982  GLU AAA O   1 ? 
ATOM   28   C  CB  . GLU A 1 4   ? 7.059   4.350   -21.747 1.000 27.198  ? 982  GLU AAA CB  1 ? 
ATOM   29   C  CG  . GLU A 1 4   ? 8.520   4.157   -22.073 1.000 28.530  ? 982  GLU AAA CG  1 ? 
ATOM   30   C  CD  . GLU A 1 4   ? 9.298   5.458   -22.183 1.000 37.782  ? 982  GLU AAA CD  1 ? 
ATOM   31   O  OE1 . GLU A 1 4   ? 8.656   6.540   -22.253 1.000 38.761  ? 982  GLU AAA OE1 1 ? 
ATOM   32   O  OE2 . GLU A 1 4   ? 10.537  5.386   -22.136 1.000 32.521  ? 982  GLU AAA OE2 1 ? 
ATOM   33   N  N   . GLU A 1 5   ? 3.949   3.581   -21.960 1.000 23.717  ? 983  GLU AAA N   1 ? 
ATOM   34   C  CA  . GLU A 1 5   ? 2.613   3.665   -21.402 1.000 24.631  ? 983  GLU AAA CA  1 ? 
ATOM   35   C  C   . GLU A 1 5   ? 2.102   2.243   -21.146 1.000 23.513  ? 983  GLU AAA C   1 ? 
ATOM   36   O  O   . GLU A 1 5   ? 1.400   2.027   -20.156 1.000 23.317  ? 983  GLU AAA O   1 ? 
ATOM   37   C  CB  . GLU A 1 5   ? 1.661   4.486   -22.286 1.000 33.120  ? 983  GLU AAA CB  1 ? 
ATOM   38   C  CG  . GLU A 1 5   ? 2.081   5.957   -22.268 1.000 42.396  ? 983  GLU AAA CG  1 ? 
ATOM   39   C  CD  . GLU A 1 5   ? 2.337   6.413   -20.817 1.000 67.631  ? 983  GLU AAA CD  1 ? 
ATOM   40   O  OE1 . GLU A 1 5   ? 3.513   6.798   -20.488 1.000 73.727  ? 983  GLU AAA OE1 1 ? 
ATOM   41   O  OE2 . GLU A 1 5   ? 1.383   6.422   -19.962 1.000 73.893  ? 983  GLU AAA OE2 1 ? 
ATOM   42   N  N   . ASP A 1 6   ? 2.394   1.313   -22.030 1.000 21.376  ? 984  ASP AAA N   1 ? 
ATOM   43   C  CA  . ASP A 1 6   ? 2.004   -0.066  -21.825 1.000 23.032  ? 984  ASP AAA CA  1 ? 
ATOM   44   C  C   . ASP A 1 6   ? 2.701   -0.628  -20.565 1.000 21.464  ? 984  ASP AAA C   1 ? 
ATOM   45   O  O   . ASP A 1 6   ? 2.103   -1.445  -19.851 1.000 20.499  ? 984  ASP AAA O   1 ? 
ATOM   46   C  CB  . ASP A 1 6   ? 2.443   -0.962  -22.986 1.000 28.059  ? 984  ASP AAA CB  1 ? 
ATOM   47   C  CG  . ASP A 1 6   ? 1.669   -0.804  -24.290 1.000 36.534  ? 984  ASP AAA CG  1 ? 
ATOM   48   O  OD1 . ASP A 1 6   ? 0.623   -0.192  -24.273 1.000 34.907  ? 984  ASP AAA OD1 1 ? 
ATOM   49   O  OD2 . ASP A 1 6   ? 2.175   -1.298  -25.324 1.000 47.511  ? 984  ASP AAA OD2 1 ? 
ATOM   50   N  N   . THR A 1 7   ? 3.969   -0.298  -20.319 1.000 18.445  ? 985  THR AAA N   1 ? 
ATOM   51   C  CA  . THR A 1 7   ? 4.696   -0.726  -19.116 1.000 18.296  ? 985  THR AAA CA  1 ? 
ATOM   52   C  C   . THR A 1 7   ? 3.948   -0.226  -17.878 1.000 18.866  ? 985  THR AAA C   1 ? 
ATOM   53   O  O   . THR A 1 7   ? 3.667   -1.034  -16.962 1.000 16.407  ? 985  THR AAA O   1 ? 
ATOM   54   C  CB  . THR A 1 7   ? 6.138   -0.208  -19.107 1.000 18.273  ? 985  THR AAA CB  1 ? 
ATOM   55   O  OG1 . THR A 1 7   ? 6.767   -0.789  -20.262 1.000 22.855  ? 985  THR AAA OG1 1 ? 
ATOM   56   C  CG2 . THR A 1 7   ? 6.923   -0.638  -17.893 1.000 20.529  ? 985  THR AAA CG2 1 ? 
ATOM   57   N  N   . PHE A 1 8   ? 3.585   1.053   -17.834 1.000 17.880  ? 986  PHE AAA N   1 ? 
ATOM   58   C  CA  . PHE A 1 8   ? 2.930   1.582   -16.653 1.000 18.323  ? 986  PHE AAA CA  1 ? 
ATOM   59   C  C   . PHE A 1 8   ? 1.543   0.967   -16.510 1.000 18.568  ? 986  PHE AAA C   1 ? 
ATOM   60   O  O   . PHE A 1 8   ? 1.074   0.795   -15.374 1.000 17.686  ? 986  PHE AAA O   1 ? 
ATOM   61   C  CB  . PHE A 1 8   ? 2.930   3.121   -16.654 1.000 19.247  ? 986  PHE AAA CB  1 ? 
ATOM   62   C  CG  . PHE A 1 8   ? 4.300   3.697   -16.429 1.000 21.703  ? 986  PHE AAA CG  1 ? 
ATOM   63   C  CD1 . PHE A 1 8   ? 5.160   3.234   -15.428 1.000 23.458  ? 986  PHE AAA CD1 1 ? 
ATOM   64   C  CD2 . PHE A 1 8   ? 4.749   4.729   -17.253 1.000 24.242  ? 986  PHE AAA CD2 1 ? 
ATOM   65   C  CE1 . PHE A 1 8   ? 6.427   3.784   -15.216 1.000 23.225  ? 986  PHE AAA CE1 1 ? 
ATOM   66   C  CE2 . PHE A 1 8   ? 5.980   5.313   -16.998 1.000 23.925  ? 986  PHE AAA CE2 1 ? 
ATOM   67   C  CZ  . PHE A 1 8   ? 6.839   4.844   -16.024 1.000 24.858  ? 986  PHE AAA CZ  1 ? 
ATOM   68   N  N   A ARG A 1 9   ? 0.886   0.668   -17.628 0.250 17.431  ? 987  ARG AAA N   1 ? 
ATOM   69   N  N   B ARG A 1 9   ? 0.878   0.597   -17.598 0.250 16.193  ? 987  ARG AAA N   1 ? 
ATOM   70   N  N   C ARG A 1 9   ? 0.806   0.713   -17.601 0.500 18.065  ? 987  ARG AAA N   1 ? 
ATOM   71   C  CA  A ARG A 1 9   ? -0.418  0.037   -17.605 0.250 16.472  ? 987  ARG AAA CA  1 ? 
ATOM   72   C  CA  B ARG A 1 9   ? -0.462  0.052   -17.463 0.250 14.729  ? 987  ARG AAA CA  1 ? 
ATOM   73   C  CA  C ARG A 1 9   ? -0.493  0.072   -17.440 0.500 17.594  ? 987  ARG AAA CA  1 ? 
ATOM   74   C  C   A ARG A 1 9   ? -0.311  -1.310  -16.890 0.250 16.355  ? 987  ARG AAA C   1 ? 
ATOM   75   C  C   B ARG A 1 9   ? -0.397  -1.398  -16.961 0.250 15.178  ? 987  ARG AAA C   1 ? 
ATOM   76   C  C   C ARG A 1 9   ? -0.258  -1.290  -16.782 0.500 16.532  ? 987  ARG AAA C   1 ? 
ATOM   77   O  O   A ARG A 1 9   ? -1.141  -1.637  -16.039 0.250 15.871  ? 987  ARG AAA O   1 ? 
ATOM   78   O  O   B ARG A 1 9   ? -1.321  -1.883  -16.295 0.250 14.308  ? 987  ARG AAA O   1 ? 
ATOM   79   O  O   C ARG A 1 9   ? -1.006  -1.618  -15.874 0.500 14.801  ? 987  ARG AAA O   1 ? 
ATOM   80   C  CB  A ARG A 1 9   ? -0.883  -0.239  -19.035 0.250 17.184  ? 987  ARG AAA CB  1 ? 
ATOM   81   C  CB  B ARG A 1 9   ? -1.194  0.184   -18.794 0.250 14.223  ? 987  ARG AAA CB  1 ? 
ATOM   82   C  CB  C ARG A 1 9   ? -1.306  -0.189  -18.720 0.500 21.672  ? 987  ARG AAA CB  1 ? 
ATOM   83   C  CG  A ARG A 1 9   ? -2.181  -1.027  -19.092 0.250 17.512  ? 987  ARG AAA CG  1 ? 
ATOM   84   C  CG  B ARG A 1 9   ? -2.605  -0.360  -18.761 0.250 12.783  ? 987  ARG AAA CG  1 ? 
ATOM   85   C  CG  C ARG A 1 9   ? -1.814  1.032   -19.465 0.500 29.072  ? 987  ARG AAA CG  1 ? 
ATOM   86   C  CD  A ARG A 1 9   ? -3.336  -0.230  -18.563 0.250 19.086  ? 987  ARG AAA CD  1 ? 
ATOM   87   C  CD  B ARG A 1 9   ? -3.298  -0.037  -20.090 0.250 14.668  ? 987  ARG AAA CD  1 ? 
ATOM   88   C  CD  C ARG A 1 9   ? -3.310  0.919   -19.746 0.500 29.474  ? 987  ARG AAA CD  1 ? 
ATOM   89   N  NE  A ARG A 1 9   ? -4.615  -0.341  -19.284 0.250 17.187  ? 987  ARG AAA NE  1 ? 
ATOM   90   N  NE  B ARG A 1 9   ? -3.055  1.281   -20.697 0.250 19.008  ? 987  ARG AAA NE  1 ? 
ATOM   91   N  NE  C ARG A 1 9   ? -3.688  -0.426  -20.093 0.500 26.979  ? 987  ARG AAA NE  1 ? 
ATOM   92   C  CZ  A ARG A 1 9   ? -5.467  -1.373  -19.180 0.250 20.474  ? 987  ARG AAA CZ  1 ? 
ATOM   93   C  CZ  B ARG A 1 9   ? -2.305  1.518   -21.776 0.250 20.020  ? 987  ARG AAA CZ  1 ? 
ATOM   94   C  CZ  C ARG A 1 9   ? -4.909  -0.910  -19.857 0.500 27.249  ? 987  ARG AAA CZ  1 ? 
ATOM   95   N  NH1 A ARG A 1 9   ? -5.194  -2.388  -18.374 0.250 15.411  ? 987  ARG AAA NH1 1 ? 
ATOM   96   N  NH1 B ARG A 1 9   ? -1.738  0.532   -22.445 0.250 20.103  ? 987  ARG AAA NH1 1 ? 
ATOM   97   N  NH1 C ARG A 1 9   ? -5.827  -0.140  -19.297 0.500 35.640  ? 987  ARG AAA NH1 1 ? 
ATOM   98   N  NH2 A ARG A 1 9   ? -6.616  -1.379  -19.837 0.250 19.123  ? 987  ARG AAA NH2 1 ? 
ATOM   99   N  NH2 B ARG A 1 9   ? -2.136  2.754   -22.193 0.250 21.052  ? 987  ARG AAA NH2 1 ? 
ATOM   100  N  NH2 C ARG A 1 9   ? -5.224  -2.144  -20.203 0.500 22.790  ? 987  ARG AAA NH2 1 ? 
ATOM   101  N  N   . GLU A 1 10  ? 0.700   -2.086  -17.282 1.000 15.963  ? 988  GLU AAA N   1 ? 
ATOM   102  C  CA  . GLU A 1 10  ? 0.952   -3.411  -16.682 1.000 14.704  ? 988  GLU AAA CA  1 ? 
ATOM   103  C  C   . GLU A 1 10  ? 1.265   -3.236  -15.186 1.000 15.452  ? 988  GLU AAA C   1 ? 
ATOM   104  O  O   . GLU A 1 10  ? 0.727   -4.016  -14.357 1.000 14.983  ? 988  GLU AAA O   1 ? 
ATOM   105  C  CB  . GLU A 1 10  ? 2.040   -4.154  -17.434 1.000 15.034  ? 988  GLU AAA CB  1 ? 
ATOM   106  C  CG  . GLU A 1 10  ? 2.350   -5.459  -16.725 1.000 15.777  ? 988  GLU AAA CG  1 ? 
ATOM   107  C  CD  . GLU A 1 10  ? 3.094   -6.496  -17.541 1.000 19.399  ? 988  GLU AAA CD  1 ? 
ATOM   108  O  OE1 . GLU A 1 10  ? 3.443   -7.577  -16.989 1.000 18.987  ? 988  GLU AAA OE1 1 ? 
ATOM   109  O  OE2 . GLU A 1 10  ? 3.398   -6.209  -18.729 1.000 22.097  ? 988  GLU AAA OE2 1 ? 
ATOM   110  N  N   . LEU A 1 11  ? 2.027   -2.228  -14.819 1.000 14.411  ? 989  LEU AAA N   1 ? 
ATOM   111  C  CA  . LEU A 1 11  ? 2.300   -1.968  -13.420 1.000 13.666  ? 989  LEU AAA CA  1 ? 
ATOM   112  C  C   . LEU A 1 11  ? 0.994   -1.742  -12.683 1.000 14.954  ? 989  LEU AAA C   1 ? 
ATOM   113  O  O   . LEU A 1 11  ? 0.790   -2.327  -11.588 1.000 14.627  ? 989  LEU AAA O   1 ? 
ATOM   114  C  CB  . LEU A 1 11  ? 3.219   -0.744  -13.291 1.000 15.025  ? 989  LEU AAA CB  1 ? 
ATOM   115  C  CG  . LEU A 1 11  ? 3.426   -0.318  -11.825 1.000 16.367  ? 989  LEU AAA CG  1 ? 
ATOM   116  C  CD1 . LEU A 1 11  ? 4.158   -1.397  -11.021 1.000 17.846  ? 989  LEU AAA CD1 1 ? 
ATOM   117  C  CD2 . LEU A 1 11  ? 4.156   1.023   -11.792 1.000 20.718  ? 989  LEU AAA CD2 1 ? 
ATOM   118  N  N   . ARG A 1 12  ? 0.104   -0.902  -13.203 1.000 14.387  ? 990  ARG AAA N   1 ? 
ATOM   119  C  CA  . ARG A 1 12  ? -1.153  -0.636  -12.490 1.000 14.379  ? 990  ARG AAA CA  1 ? 
ATOM   120  C  C   . ARG A 1 12  ? -1.978  -1.902  -12.368 1.000 14.266  ? 990  ARG AAA C   1 ? 
ATOM   121  O  O   . ARG A 1 12  ? -2.592  -2.107  -11.292 1.000 14.607  ? 990  ARG AAA O   1 ? 
ATOM   122  C  CB  . ARG A 1 12  ? -1.971  0.410   -13.273 1.000 15.425  ? 990  ARG AAA CB  1 ? 
ATOM   123  C  CG  . ARG A 1 12  ? -1.282  1.771   -13.187 1.000 15.599  ? 990  ARG AAA CG  1 ? 
ATOM   124  C  CD  . ARG A 1 12  ? -2.176  2.907   -13.692 1.000 16.241  ? 990  ARG AAA CD  1 ? 
ATOM   125  N  NE  . ARG A 1 12  ? -2.609  2.746   -15.096 1.000 17.464  ? 990  ARG AAA NE  1 ? 
ATOM   126  C  CZ  . ARG A 1 12  ? -1.940  3.263   -16.125 1.000 18.566  ? 990  ARG AAA CZ  1 ? 
ATOM   127  N  NH1 . ARG A 1 12  ? -0.770  3.842   -15.959 1.000 19.602  ? 990  ARG AAA NH1 1 ? 
ATOM   128  N  NH2 . ARG A 1 12  ? -2.474  3.076   -17.320 1.000 20.679  ? 990  ARG AAA NH2 1 ? 
ATOM   129  N  N   . ILE A 1 13  ? -2.045  -2.754  -13.392 1.000 14.187  ? 991  ILE AAA N   1 ? 
ATOM   130  C  CA  . ILE A 1 13  ? -2.831  -3.982  -13.276 1.000 14.618  ? 991  ILE AAA CA  1 ? 
ATOM   131  C  C   . ILE A 1 13  ? -2.200  -4.865  -12.162 1.000 14.072  ? 991  ILE AAA C   1 ? 
ATOM   132  O  O   . ILE A 1 13  ? -2.960  -5.404  -11.316 1.000 14.254  ? 991  ILE AAA O   1 ? 
ATOM   133  C  CB  . ILE A 1 13  ? -2.847  -4.696  -14.642 1.000 15.628  ? 991  ILE AAA CB  1 ? 
ATOM   134  C  CG1 . ILE A 1 13  ? -3.637  -3.824  -15.642 1.000 18.573  ? 991  ILE AAA CG1 1 ? 
ATOM   135  C  CG2 . ILE A 1 13  ? -3.368  -6.122  -14.490 1.000 16.586  ? 991  ILE AAA CG2 1 ? 
ATOM   136  C  CD1 . ILE A 1 13  ? -3.351  -4.172  -17.125 1.000 20.474  ? 991  ILE AAA CD1 1 ? 
ATOM   137  N  N   . PHE A 1 14  ? -0.876  -4.965  -12.131 1.000 13.635  ? 992  PHE AAA N   1 ? 
ATOM   138  C  CA  . PHE A 1 14  ? -0.217  -5.776  -11.102 1.000 13.273  ? 992  PHE AAA CA  1 ? 
ATOM   139  C  C   . PHE A 1 14  ? -0.532  -5.194  -9.731  1.000 13.719  ? 992  PHE AAA C   1 ? 
ATOM   140  O  O   . PHE A 1 14  ? -0.926  -5.958  -8.813  1.000 13.827  ? 992  PHE AAA O   1 ? 
ATOM   141  C  CB  . PHE A 1 14  ? 1.276   -5.784  -11.379 1.000 14.850  ? 992  PHE AAA CB  1 ? 
ATOM   142  C  CG  . PHE A 1 14  ? 2.092   -6.431  -10.305 1.000 15.377  ? 992  PHE AAA CG  1 ? 
ATOM   143  C  CD1 . PHE A 1 14  ? 2.045   -7.813  -10.148 1.000 17.867  ? 992  PHE AAA CD1 1 ? 
ATOM   144  C  CD2 . PHE A 1 14  ? 2.830   -5.652  -9.442  1.000 18.037  ? 992  PHE AAA CD2 1 ? 
ATOM   145  C  CE1 . PHE A 1 14  ? 2.776   -8.406  -9.084  1.000 17.985  ? 992  PHE AAA CE1 1 ? 
ATOM   146  C  CE2 . PHE A 1 14  ? 3.573   -6.248  -8.416  1.000 18.856  ? 992  PHE AAA CE2 1 ? 
ATOM   147  C  CZ  . PHE A 1 14  ? 3.551   -7.594  -8.294  1.000 17.321  ? 992  PHE AAA CZ  1 ? 
ATOM   148  N  N   . LEU A 1 15  ? -0.428  -3.867  -9.571  1.000 13.464  ? 993  LEU AAA N   1 ? 
ATOM   149  C  CA  . LEU A 1 15  ? -0.653  -3.283  -8.242  1.000 13.468  ? 993  LEU AAA CA  1 ? 
ATOM   150  C  C   . LEU A 1 15  ? -2.103  -3.392  -7.837  1.000 13.444  ? 993  LEU AAA C   1 ? 
ATOM   151  O  O   . LEU A 1 15  ? -2.367  -3.607  -6.626  1.000 14.106  ? 993  LEU AAA O   1 ? 
ATOM   152  C  CB  . LEU A 1 15  ? -0.224  -1.817  -8.227  1.000 13.716  ? 993  LEU AAA CB  1 ? 
ATOM   153  C  CG  . LEU A 1 15  ? 1.270   -1.570  -8.440  1.000 15.303  ? 993  LEU AAA CG  1 ? 
ATOM   154  C  CD1 . LEU A 1 15  ? 1.557   -0.051  -8.423  1.000 16.139  ? 993  LEU AAA CD1 1 ? 
ATOM   155  C  CD2 . LEU A 1 15  ? 2.116   -2.281  -7.378  1.000 16.765  ? 993  LEU AAA CD2 1 ? 
ATOM   156  N  N   . ARG A 1 16  ? -3.077  -3.274  -8.731  1.000 13.458  ? 994  ARG AAA N   1 ? 
ATOM   157  C  CA  . ARG A 1 16  ? -4.473  -3.439  -8.362  1.000 13.963  ? 994  ARG AAA CA  1 ? 
ATOM   158  C  C   . ARG A 1 16  ? -4.691  -4.877  -7.894  1.000 14.274  ? 994  ARG AAA C   1 ? 
ATOM   159  O  O   . ARG A 1 16  ? -5.472  -5.112  -6.933  1.000 15.239  ? 994  ARG AAA O   1 ? 
ATOM   160  C  CB  . ARG A 1 16  ? -5.465  -3.170  -9.509  1.000 16.633  ? 994  ARG AAA CB  1 ? 
ATOM   161  C  CG  . ARG A 1 16  ? -5.547  -1.723  -9.931  1.000 19.903  ? 994  ARG AAA CG  1 ? 
ATOM   162  C  CD  . ARG A 1 16  ? -6.804  -1.635  -10.830 1.000 18.260  ? 994  ARG AAA CD  1 ? 
ATOM   163  N  NE  . ARG A 1 16  ? -6.569  -0.370  -11.483 1.000 20.103  ? 994  ARG AAA NE  1 ? 
ATOM   164  C  CZ  . ARG A 1 16  ? -5.929  -0.153  -12.595 1.000 17.862  ? 994  ARG AAA CZ  1 ? 
ATOM   165  N  NH1 . ARG A 1 16  ? -5.560  -1.137  -13.393 1.000 17.498  ? 994  ARG AAA NH1 1 ? 
ATOM   166  N  NH2 . ARG A 1 16  ? -5.723  1.105   -12.974 1.000 22.324  ? 994  ARG AAA NH2 1 ? 
ATOM   167  N  N   . ASN A 1 17  ? -4.066  -5.855  -8.537  1.000 14.224  ? 995  ASN AAA N   1 ? 
ATOM   168  C  CA  . ASN A 1 17  ? -4.291  -7.250  -8.129  1.000 13.969  ? 995  ASN AAA CA  1 ? 
ATOM   169  C  C   . ASN A 1 17  ? -3.673  -7.485  -6.736  1.000 14.425  ? 995  ASN AAA C   1 ? 
ATOM   170  O  O   . ASN A 1 17  ? -4.374  -8.124  -5.910  1.000 15.074  ? 995  ASN AAA O   1 ? 
ATOM   171  C  CB  . ASN A 1 17  ? -3.692  -8.162  -9.195  1.000 15.344  ? 995  ASN AAA CB  1 ? 
ATOM   172  C  CG  . ASN A 1 17  ? -3.830  -9.600  -8.795  1.000 18.574  ? 995  ASN AAA CG  1 ? 
ATOM   173  O  OD1 . ASN A 1 17  ? -2.905  -10.057 -8.250  1.000 18.888  ? 995  ASN AAA OD1 1 ? 
ATOM   174  N  ND2 . ASN A 1 17  ? -5.000  -10.220 -8.902  1.000 20.487  ? 995  ASN AAA ND2 1 ? 
ATOM   175  N  N   . VAL A 1 18  ? -2.462  -7.027  -6.473  1.000 13.959  ? 996  VAL AAA N   1 ? 
ATOM   176  C  CA  . VAL A 1 18  ? -1.889  -7.217  -5.135  1.000 14.190  ? 996  VAL AAA CA  1 ? 
ATOM   177  C  C   . VAL A 1 18  ? -2.813  -6.523  -4.124  1.000 14.143  ? 996  VAL AAA C   1 ? 
ATOM   178  O  O   . VAL A 1 18  ? -3.141  -7.130  -3.082  1.000 14.580  ? 996  VAL AAA O   1 ? 
ATOM   179  C  CB  . VAL A 1 18  ? -0.474  -6.628  -5.062  1.000 14.367  ? 996  VAL AAA CB  1 ? 
ATOM   180  C  CG1 . VAL A 1 18  ? 0.087   -6.658  -3.611  1.000 15.772  ? 996  VAL AAA CG1 1 ? 
ATOM   181  C  CG2 . VAL A 1 18  ? 0.441   -7.354  -6.058  1.000 15.712  ? 996  VAL AAA CG2 1 ? 
ATOM   182  N  N   . THR A 1 19  ? -3.284  -5.310  -4.400  1.000 14.405  ? 997  THR AAA N   1 ? 
ATOM   183  C  CA  . THR A 1 19  ? -4.078  -4.555  -3.415  1.000 14.107  ? 997  THR AAA CA  1 ? 
ATOM   184  C  C   . THR A 1 19  ? -5.407  -5.243  -3.188  1.000 15.527  ? 997  THR AAA C   1 ? 
ATOM   185  O  O   . THR A 1 19  ? -5.846  -5.329  -2.025  1.000 15.754  ? 997  THR AAA O   1 ? 
ATOM   186  C  CB  . THR A 1 19  ? -4.265  -3.126  -3.931  1.000 14.256  ? 997  THR AAA CB  1 ? 
ATOM   187  O  OG1 . THR A 1 19  ? -3.001  -2.565  -4.216  1.000 15.472  ? 997  THR AAA OG1 1 ? 
ATOM   188  C  CG2 . THR A 1 19  ? -4.950  -2.251  -2.876  1.000 16.984  ? 997  THR AAA CG2 1 ? 
ATOM   189  N  N   . HIS A 1 20  ? -6.044  -5.775  -4.221  1.000 14.463  ? 998  HIS AAA N   1 ? 
ATOM   190  C  CA  . HIS A 1 20  ? -7.286  -6.480  -4.036  1.000 14.648  ? 998  HIS AAA CA  1 ? 
ATOM   191  C  C   . HIS A 1 20  ? -7.070  -7.715  -3.155  1.000 15.458  ? 998  HIS AAA C   1 ? 
ATOM   192  O  O   . HIS A 1 20  ? -7.931  -8.016  -2.310  1.000 16.292  ? 998  HIS AAA O   1 ? 
ATOM   193  C  CB  . HIS A 1 20  ? -7.757  -6.938  -5.436  1.000 16.073  ? 998  HIS AAA CB  1 ? 
ATOM   194  C  CG  . HIS A 1 20  ? -9.015  -7.721  -5.416  1.000 18.934  ? 998  HIS AAA CG  1 ? 
ATOM   195  N  ND1 . HIS A 1 20  ? -9.118  -9.103  -5.676  1.000 25.579  ? 998  HIS AAA ND1 1 ? 
ATOM   196  C  CD2 . HIS A 1 20  ? -10.256 -7.263  -5.065  1.000 18.313  ? 998  HIS AAA CD2 1 ? 
ATOM   197  C  CE1 . HIS A 1 20  ? -10.401 -9.462  -5.513  1.000 21.332  ? 998  HIS AAA CE1 1 ? 
ATOM   198  N  NE2 . HIS A 1 20  ? -11.112 -8.349  -5.149  1.000 23.743  ? 998  HIS AAA NE2 1 ? 
ATOM   199  N  N   . ARG A 1 21  ? -5.985  -8.466  -3.337  1.000 14.318  ? 999  ARG AAA N   1 ? 
ATOM   200  C  CA  . ARG A 1 21  ? -5.762  -9.651  -2.520  1.000 15.561  ? 999  ARG AAA CA  1 ? 
ATOM   201  C  C   . ARG A 1 21  ? -5.596  -9.248  -1.058  1.000 16.575  ? 999  ARG AAA C   1 ? 
ATOM   202  O  O   . ARG A 1 21  ? -5.984  -10.027 -0.169  1.000 18.392  ? 999  ARG AAA O   1 ? 
ATOM   203  C  CB  . ARG A 1 21  ? -4.562  -10.398 -3.089  1.000 15.840  ? 999  ARG AAA CB  1 ? 
ATOM   204  C  CG  . ARG A 1 21  ? -5.000  -11.084 -4.397  1.000 17.737  ? 999  ARG AAA CG  1 ? 
ATOM   205  C  CD  . ARG A 1 21  ? -3.847  -11.345 -5.383  1.000 18.039  ? 999  ARG AAA CD  1 ? 
ATOM   206  N  NE  . ARG A 1 21  ? -2.940  -12.274 -4.797  1.000 18.173  ? 999  ARG AAA NE  1 ? 
ATOM   207  C  CZ  . ARG A 1 21  ? -1.765  -12.535 -5.369  1.000 16.312  ? 999  ARG AAA CZ  1 ? 
ATOM   208  N  NH1 . ARG A 1 21  ? -1.372  -11.885 -6.477  1.000 17.238  ? 999  ARG AAA NH1 1 ? 
ATOM   209  N  NH2 . ARG A 1 21  ? -0.962  -13.413 -4.827  1.000 17.258  ? 999  ARG AAA NH2 1 ? 
ATOM   210  N  N   . LEU A 1 22  ? -4.971  -8.119  -0.770  1.000 14.545  ? 1000 LEU AAA N   1 ? 
ATOM   211  C  CA  . LEU A 1 22  ? -4.845  -7.698  0.627   1.000 15.948  ? 1000 LEU AAA CA  1 ? 
ATOM   212  C  C   . LEU A 1 22  ? -6.203  -7.262  1.127   1.000 17.141  ? 1000 LEU AAA C   1 ? 
ATOM   213  O  O   . LEU A 1 22  ? -6.571  -7.593  2.276   1.000 18.303  ? 1000 LEU AAA O   1 ? 
ATOM   214  C  CB  . LEU A 1 22  ? -3.893  -6.499  0.711   1.000 16.082  ? 1000 LEU AAA CB  1 ? 
ATOM   215  C  CG  . LEU A 1 22  ? -2.462  -6.769  0.240   1.000 16.588  ? 1000 LEU AAA CG  1 ? 
ATOM   216  C  CD1 . LEU A 1 22  ? -1.645  -5.457  0.198   1.000 17.417  ? 1000 LEU AAA CD1 1 ? 
ATOM   217  C  CD2 . LEU A 1 22  ? -1.751  -7.769  1.146   1.000 17.092  ? 1000 LEU AAA CD2 1 ? 
ATOM   218  N  N   . ALA A 1 23  ? -6.997  -6.581  0.296   1.000 16.407  ? 1001 ALA AAA N   1 ? 
ATOM   219  C  CA  . ALA A 1 23  ? -8.267  -6.001  0.757   1.000 18.160  ? 1001 ALA AAA CA  1 ? 
ATOM   220  C  C   . ALA A 1 23  ? -9.324  -7.061  1.046   1.000 19.979  ? 1001 ALA AAA C   1 ? 
ATOM   221  O  O   . ALA A 1 23  ? -10.249 -6.735  1.828   1.000 22.023  ? 1001 ALA AAA O   1 ? 
ATOM   222  C  CB  . ALA A 1 23  ? -8.797  -5.021  -0.287  1.000 19.444  ? 1001 ALA AAA CB  1 ? 
ATOM   223  N  N   . ILE A 1 24  ? -9.262  -8.225  0.409   1.000 18.432  ? 1002 ILE AAA N   1 ? 
ATOM   224  C  CA  . ILE A 1 24  ? -10.280 -9.252  0.631   1.000 20.184  ? 1002 ILE AAA CA  1 ? 
ATOM   225  C  C   . ILE A 1 24  ? -9.869  -10.151 1.801   1.000 22.379  ? 1002 ILE AAA C   1 ? 
ATOM   226  O  O   . ILE A 1 24  ? -10.644 -11.052 2.177   1.000 27.443  ? 1002 ILE AAA O   1 ? 
ATOM   227  C  CB  . ILE A 1 24  ? -10.574 -10.078 -0.633  1.000 21.706  ? 1002 ILE AAA CB  1 ? 
ATOM   228  C  CG1 . ILE A 1 24  ? -9.370  -10.909 -1.062  1.000 19.941  ? 1002 ILE AAA CG1 1 ? 
ATOM   229  C  CG2 . ILE A 1 24  ? -11.127 -9.158  -1.708  1.000 22.060  ? 1002 ILE AAA CG2 1 ? 
ATOM   230  C  CD1 . ILE A 1 24  ? -9.623  -11.785 -2.324  1.000 23.170  ? 1002 ILE AAA CD1 1 ? 
ATOM   231  N  N   . ASP A 1 25  ? -8.679  -9.964  2.380   1.000 20.925  ? 1003 ASP AAA N   1 ? 
ATOM   232  C  CA  . ASP A 1 25  ? -8.269  -10.766 3.536   1.000 21.611  ? 1003 ASP AAA CA  1 ? 
ATOM   233  C  C   . ASP A 1 25  ? -8.956  -10.208 4.789   1.000 25.036  ? 1003 ASP AAA C   1 ? 
ATOM   234  O  O   . ASP A 1 25  ? -8.798  -9.029  5.128   1.000 22.619  ? 1003 ASP AAA O   1 ? 
ATOM   235  C  CB  . ASP A 1 25  ? -6.745  -10.689 3.647   1.000 22.159  ? 1003 ASP AAA CB  1 ? 
ATOM   236  C  CG  . ASP A 1 25  ? -6.114  -11.684 4.612   1.000 25.380  ? 1003 ASP AAA CG  1 ? 
ATOM   237  O  OD1 . ASP A 1 25  ? -6.551  -11.686 5.788   1.000 25.519  ? 1003 ASP AAA OD1 1 ? 
ATOM   238  O  OD2 . ASP A 1 25  ? -5.106  -12.295 4.225   1.000 27.607  ? 1003 ASP AAA OD2 1 ? 
ATOM   239  N  N   . LYS A 1 26  ? -9.656  -11.081 5.548   1.000 25.861  ? 1004 LYS AAA N   1 ? 
ATOM   240  C  CA  . LYS A 1 26  ? -10.420 -10.580 6.699   1.000 27.852  ? 1004 LYS AAA CA  1 ? 
ATOM   241  C  C   . LYS A 1 26  ? -9.542  -9.937  7.779   1.000 22.792  ? 1004 LYS AAA C   1 ? 
ATOM   242  O  O   . LYS A 1 26  ? -10.006 -9.017  8.447   1.000 26.950  ? 1004 LYS AAA O   1 ? 
ATOM   243  C  CB  . LYS A 1 26  ? -11.266 -11.676 7.364   1.000 32.901  ? 1004 LYS AAA CB  1 ? 
ATOM   244  C  CG  . LYS A 1 26  ? -10.783 -13.107 7.182   1.000 44.665  ? 1004 LYS AAA CG  1 ? 
ATOM   245  C  CD  . LYS A 1 26  ? -9.427  -13.465 7.801   1.000 53.913  ? 1004 LYS AAA CD  1 ? 
ATOM   246  C  CE  . LYS A 1 26  ? -8.716  -14.606 7.080   1.000 57.578  ? 1004 LYS AAA CE  1 ? 
ATOM   247  N  NZ  . LYS A 1 26  ? -7.271  -14.343 6.829   1.000 49.496  ? 1004 LYS AAA NZ  1 ? 
ATOM   248  N  N   . ARG A 1 27  ? -8.273  -10.342 7.868   1.000 22.576  ? 1005 ARG AAA N   1 ? 
ATOM   249  C  CA  . ARG A 1 27  ? -7.378  -9.746  8.858   1.000 23.100  ? 1005 ARG AAA CA  1 ? 
ATOM   250  C  C   . ARG A 1 27  ? -7.185  -8.259  8.623   1.000 25.759  ? 1005 ARG AAA C   1 ? 
ATOM   251  O  O   . ARG A 1 27  ? -6.851  -7.518  9.553   1.000 24.595  ? 1005 ARG AAA O   1 ? 
ATOM   252  C  CB  . ARG A 1 27  ? -5.963  -10.309 8.814   1.000 23.274  ? 1005 ARG AAA CB  1 ? 
ATOM   253  C  CG  . ARG A 1 27  ? -5.865  -11.749 9.294   1.000 26.111  ? 1005 ARG AAA CG  1 ? 
ATOM   254  C  CD  . ARG A 1 27  ? -4.440  -12.238 9.047   1.000 25.194  ? 1005 ARG AAA CD  1 ? 
ATOM   255  N  NE  . ARG A 1 27  ? -4.129  -12.405 7.636   1.000 25.241  ? 1005 ARG AAA NE  1 ? 
ATOM   256  C  CZ  . ARG A 1 27  ? -2.938  -12.723 7.155   1.000 26.139  ? 1005 ARG AAA CZ  1 ? 
ATOM   257  N  NH1 . ARG A 1 27  ? -1.894  -12.892 7.968   1.000 27.093  ? 1005 ARG AAA NH1 1 ? 
ATOM   258  N  NH2 . ARG A 1 27  ? -2.785  -12.851 5.837   1.000 27.991  ? 1005 ARG AAA NH2 1 ? 
ATOM   259  N  N   . PHE A 1 28  ? -7.341  -7.832  7.356   1.000 21.572  ? 1006 PHE AAA N   1 ? 
ATOM   260  C  CA  . PHE A 1 28  ? -6.940  -6.479  6.958   1.000 21.429  ? 1006 PHE AAA CA  1 ? 
ATOM   261  C  C   . PHE A 1 28  ? -8.140  -5.559  6.757   1.000 23.473  ? 1006 PHE AAA C   1 ? 
ATOM   262  O  O   . PHE A 1 28  ? -8.016  -4.425  6.275   1.000 21.564  ? 1006 PHE AAA O   1 ? 
ATOM   263  C  CB  . PHE A 1 28  ? -6.044  -6.539  5.714   1.000 18.525  ? 1006 PHE AAA CB  1 ? 
ATOM   264  C  CG  . PHE A 1 28  ? -4.868  -7.471  5.853   1.000 18.505  ? 1006 PHE AAA CG  1 ? 
ATOM   265  C  CD1 . PHE A 1 28  ? -4.251  -7.640  7.100   1.000 19.116  ? 1006 PHE AAA CD1 1 ? 
ATOM   266  C  CD2 . PHE A 1 28  ? -4.365  -8.231  4.774   1.000 17.781  ? 1006 PHE AAA CD2 1 ? 
ATOM   267  C  CE1 . PHE A 1 28  ? -3.158  -8.475  7.229   1.000 19.636  ? 1006 PHE AAA CE1 1 ? 
ATOM   268  C  CE2 . PHE A 1 28  ? -3.288  -9.069  4.924   1.000 18.678  ? 1006 PHE AAA CE2 1 ? 
ATOM   269  C  CZ  . PHE A 1 28  ? -2.692  -9.222  6.166   1.000 18.914  ? 1006 PHE AAA CZ  1 ? 
ATOM   270  N  N   . ARG A 1 29  ? -9.325  -5.960  7.210   1.000 23.283  ? 1007 ARG AAA N   1 ? 
ATOM   271  C  CA  . ARG A 1 29  ? -10.504 -5.120  7.040   1.000 25.697  ? 1007 ARG AAA CA  1 ? 
ATOM   272  C  C   . ARG A 1 29  ? -10.314 -3.693  7.567   1.000 24.211  ? 1007 ARG AAA C   1 ? 
ATOM   273  O  O   . ARG A 1 29  ? -10.770 -2.757  6.937   1.000 26.767  ? 1007 ARG AAA O   1 ? 
ATOM   274  C  CB  . ARG A 1 29  ? -11.688 -5.827  7.691   1.000 32.571  ? 1007 ARG AAA CB  1 ? 
ATOM   275  C  CG  . ARG A 1 29  ? -12.987 -5.096  7.434   1.000 39.361  ? 1007 ARG AAA CG  1 ? 
ATOM   276  C  CD  . ARG A 1 29  ? -14.158 -5.816  8.081   1.000 52.420  ? 1007 ARG AAA CD  1 ? 
ATOM   277  N  NE  . ARG A 1 29  ? -15.277 -4.895  7.921   1.000 69.017  ? 1007 ARG AAA NE  1 ? 
ATOM   278  C  CZ  . ARG A 1 29  ? -16.036 -4.792  6.827   1.000 79.585  ? 1007 ARG AAA CZ  1 ? 
ATOM   279  N  NH1 . ARG A 1 29  ? -15.827 -5.585  5.787   1.000 79.730  ? 1007 ARG AAA NH1 1 ? 
ATOM   280  N  NH2 . ARG A 1 29  ? -17.010 -3.896  6.784   1.000 78.433  ? 1007 ARG AAA NH2 1 ? 
ATOM   281  N  N   . VAL A 1 30  ? -9.648  -3.535  8.713   1.000 25.978  ? 1008 VAL AAA N   1 ? 
ATOM   282  C  CA  . VAL A 1 30  ? -9.510  -2.227  9.319   1.000 29.392  ? 1008 VAL AAA CA  1 ? 
ATOM   283  C  C   . VAL A 1 30  ? -8.695  -1.288  8.424   1.000 29.046  ? 1008 VAL AAA C   1 ? 
ATOM   284  O  O   . VAL A 1 30  ? -8.782  -0.071  8.562   1.000 30.133  ? 1008 VAL AAA O   1 ? 
ATOM   285  C  CB  . VAL A 1 30  ? -8.864  -2.317  10.711  1.000 31.868  ? 1008 VAL AAA CB  1 ? 
ATOM   286  C  CG1 . VAL A 1 30  ? -7.549  -3.080  10.707  1.000 35.493  ? 1008 VAL AAA CG1 1 ? 
ATOM   287  C  CG2 . VAL A 1 30  ? -8.678  -0.940  11.331  1.000 37.966  ? 1008 VAL AAA CG2 1 ? 
ATOM   288  N  N   . PHE A 1 31  ? -7.900  -1.866  7.512   1.000 22.357  ? 1009 PHE AAA N   1 ? 
ATOM   289  C  CA  . PHE A 1 31  ? -7.043  -1.050  6.665   1.000 22.106  ? 1009 PHE AAA CA  1 ? 
ATOM   290  C  C   . PHE A 1 31  ? -7.679  -0.775  5.306   1.000 21.348  ? 1009 PHE AAA C   1 ? 
ATOM   291  O  O   . PHE A 1 31  ? -6.971  -0.207  4.460   1.000 22.501  ? 1009 PHE AAA O   1 ? 
ATOM   292  C  CB  . PHE A 1 31  ? -5.692  -1.740  6.467   1.000 22.131  ? 1009 PHE AAA CB  1 ? 
ATOM   293  C  CG  . PHE A 1 31  ? -5.034  -2.093  7.773   1.000 22.991  ? 1009 PHE AAA CG  1 ? 
ATOM   294  C  CD1 . PHE A 1 31  ? -4.652  -1.117  8.681   1.000 21.781  ? 1009 PHE AAA CD1 1 ? 
ATOM   295  C  CD2 . PHE A 1 31  ? -4.790  -3.429  8.064   1.000 27.147  ? 1009 PHE AAA CD2 1 ? 
ATOM   296  C  CE1 . PHE A 1 31  ? -4.140  -1.465  9.926   1.000 23.791  ? 1009 PHE AAA CE1 1 ? 
ATOM   297  C  CE2 . PHE A 1 31  ? -4.224  -3.785  9.288   1.000 31.588  ? 1009 PHE AAA CE2 1 ? 
ATOM   298  C  CZ  . PHE A 1 31  ? -3.870  -2.803  10.204  1.000 28.309  ? 1009 PHE AAA CZ  1 ? 
ATOM   299  N  N   . THR A 1 32  ? -8.926  -1.159  5.085   1.000 21.421  ? 1010 THR AAA N   1 ? 
ATOM   300  C  CA  . THR A 1 32  ? -9.541  -1.045  3.770   1.000 23.290  ? 1010 THR AAA CA  1 ? 
ATOM   301  C  C   . THR A 1 32  ? -10.164 0.330   3.517   1.000 27.947  ? 1010 THR AAA C   1 ? 
ATOM   302  O  O   . THR A 1 32  ? -10.464 0.687   2.376   1.000 30.676  ? 1010 THR AAA O   1 ? 
ATOM   303  C  CB  . THR A 1 32  ? -10.584 -2.111  3.475   1.000 24.889  ? 1010 THR AAA CB  1 ? 
ATOM   304  O  OG1 . THR A 1 32  ? -11.600 -2.055  4.481   1.000 27.501  ? 1010 THR AAA OG1 1 ? 
ATOM   305  C  CG2 . THR A 1 32  ? -9.964  -3.493  3.417   1.000 23.210  ? 1010 THR AAA CG2 1 ? 
ATOM   306  N  N   . LYS A 1 33  ? -10.377 1.090   4.571   1.000 26.746  ? 1011 LYS AAA N   1 ? 
ATOM   307  C  CA  . LYS A 1 33  ? -11.027 2.376   4.442   1.000 28.933  ? 1011 LYS AAA CA  1 ? 
ATOM   308  C  C   . LYS A 1 33  ? -10.318 3.349   5.361   1.000 27.524  ? 1011 LYS AAA C   1 ? 
ATOM   309  O  O   . LYS A 1 33  ? -9.660  2.972   6.327   1.000 27.748  ? 1011 LYS AAA O   1 ? 
ATOM   310  C  CB  . LYS A 1 33  ? -12.464 2.233   4.967   1.000 35.653  ? 1011 LYS AAA CB  1 ? 
ATOM   311  C  CG  . LYS A 1 33  ? -13.410 1.470   4.045   1.000 47.946  ? 1011 LYS AAA CG  1 ? 
ATOM   312  C  CD  . LYS A 1 33  ? -14.468 2.328   3.364   1.000 61.745  ? 1011 LYS AAA CD  1 ? 
ATOM   313  C  CE  . LYS A 1 33  ? -15.116 1.638   2.181   1.000 66.982  ? 1011 LYS AAA CE  1 ? 
ATOM   314  N  NZ  . LYS A 1 33  ? -14.114 1.330   1.128   1.000 68.861  ? 1011 LYS AAA NZ  1 ? 
ATOM   315  N  N   . PRO A 1 34  ? -10.449 4.669   5.107   1.000 31.148  ? 1012 PRO AAA N   1 ? 
ATOM   316  C  CA  . PRO A 1 34  ? -9.899  5.674   6.020   1.000 33.238  ? 1012 PRO AAA CA  1 ? 
ATOM   317  C  C   . PRO A 1 34  ? -10.518 5.534   7.413   1.000 34.199  ? 1012 PRO AAA C   1 ? 
ATOM   318  O  O   . PRO A 1 34  ? -11.601 4.984   7.572   1.000 36.328  ? 1012 PRO AAA O   1 ? 
ATOM   319  C  CB  . PRO A 1 34  ? -10.299 7.021   5.393   1.000 36.143  ? 1012 PRO AAA CB  1 ? 
ATOM   320  C  CG  . PRO A 1 34  ? -10.673 6.702   3.956   1.000 35.502  ? 1012 PRO AAA CG  1 ? 
ATOM   321  C  CD  . PRO A 1 34  ? -11.112 5.247   3.933   1.000 31.158  ? 1012 PRO AAA CD  1 ? 
ATOM   322  N  N   . VAL A 1 35  ? -9.783  5.989   8.426   1.000 39.879  ? 1013 VAL AAA N   1 ? 
ATOM   323  C  CA  . VAL A 1 35  ? -10.272 6.037   9.797   1.000 44.114  ? 1013 VAL AAA CA  1 ? 
ATOM   324  C  C   . VAL A 1 35  ? -11.404 7.060   9.863   1.000 48.676  ? 1013 VAL AAA C   1 ? 
ATOM   325  O  O   . VAL A 1 35  ? -11.252 8.179   9.378   1.000 54.879  ? 1013 VAL AAA O   1 ? 
ATOM   326  C  CB  . VAL A 1 35  ? -9.133  6.395   10.774  1.000 41.666  ? 1013 VAL AAA CB  1 ? 
ATOM   327  C  CG1 . VAL A 1 35  ? -9.673  6.775   12.145  1.000 44.950  ? 1013 VAL AAA CG1 1 ? 
ATOM   328  C  CG2 . VAL A 1 35  ? -8.104  5.286   10.914  1.000 38.589  ? 1013 VAL AAA CG2 1 ? 
ATOM   329  N  N   . ASP A 1 36  ? -12.534 6.665   10.464  1.000 53.781  ? 1014 ASP AAA N   1 ? 
ATOM   330  C  CA  . ASP A 1 36  ? -13.692 7.537   10.603  1.000 62.946  ? 1014 ASP AAA CA  1 ? 
ATOM   331  C  C   . ASP A 1 36  ? -13.414 8.587   11.680  1.000 61.795  ? 1014 ASP AAA C   1 ? 
ATOM   332  O  O   . ASP A 1 36  ? -13.201 8.232   12.843  1.000 60.394  ? 1014 ASP AAA O   1 ? 
ATOM   333  C  CB  . ASP A 1 36  ? -14.957 6.717   10.883  1.000 67.577  ? 1014 ASP AAA CB  1 ? 
ATOM   334  C  CG  . ASP A 1 36  ? -16.250 7.518   10.894  1.000 78.492  ? 1014 ASP AAA CG  1 ? 
ATOM   335  O  OD1 . ASP A 1 36  ? -16.231 8.713   10.505  1.000 75.086  ? 1014 ASP AAA OD1 1 ? 
ATOM   336  O  OD2 . ASP A 1 36  ? -17.277 6.932   11.285  1.000 86.676  ? 1014 ASP AAA OD2 1 ? 
ATOM   337  N  N   . PRO A 1 37  ? -13.407 9.900   11.331  1.000 63.927  ? 1015 PRO AAA N   1 ? 
ATOM   338  C  CA  . PRO A 1 37  ? -13.081 10.958  12.294  1.000 74.263  ? 1015 PRO AAA CA  1 ? 
ATOM   339  C  C   . PRO A 1 37  ? -13.971 10.981  13.537  1.000 80.532  ? 1015 PRO AAA C   1 ? 
ATOM   340  O  O   . PRO A 1 37  ? -13.520 11.375  14.611  1.000 86.233  ? 1015 PRO AAA O   1 ? 
ATOM   341  C  CB  . PRO A 1 37  ? -13.170 12.267  11.490  1.000 72.613  ? 1015 PRO AAA CB  1 ? 
ATOM   342  C  CG  . PRO A 1 37  ? -13.985 11.905  10.261  1.000 70.998  ? 1015 PRO AAA CG  1 ? 
ATOM   343  C  CD  . PRO A 1 37  ? -13.707 10.439  9.995   1.000 62.522  ? 1015 PRO AAA CD  1 ? 
ATOM   344  N  N   . ASP A 1 38  ? -15.222 10.521  13.386  1.000 80.543  ? 1016 ASP AAA N   1 ? 
ATOM   345  C  CA  . ASP A 1 38  ? -16.143 10.404  14.504  1.000 80.974  ? 1016 ASP AAA CA  1 ? 
ATOM   346  C  C   . ASP A 1 38  ? -15.526 9.522   15.586  1.000 79.525  ? 1016 ASP AAA C   1 ? 
ATOM   347  O  O   . ASP A 1 38  ? -15.174 10.018  16.651  1.000 85.190  ? 1016 ASP AAA O   1 ? 
ATOM   348  C  CB  . ASP A 1 38  ? -17.536 9.964   14.052  1.000 81.773  ? 1016 ASP AAA CB  1 ? 
ATOM   349  C  CG  . ASP A 1 38  ? -18.175 10.950  13.086  1.000 83.276  ? 1016 ASP AAA CG  1 ? 
ATOM   350  O  OD1 . ASP A 1 38  ? -17.709 12.112  13.028  1.000 71.021  ? 1016 ASP AAA OD1 1 ? 
ATOM   351  O  OD2 . ASP A 1 38  ? -19.128 10.546  12.393  1.000 87.614  ? 1016 ASP AAA OD2 1 ? 
ATOM   352  N  N   . GLU A 1 39  ? -15.357 8.230   15.290  1.000 75.159  ? 1017 GLU AAA N   1 ? 
ATOM   353  C  CA  . GLU A 1 39  ? -14.823 7.308   16.279  1.000 74.236  ? 1017 GLU AAA CA  1 ? 
ATOM   354  C  C   . GLU A 1 39  ? -13.464 7.789   16.768  1.000 72.320  ? 1017 GLU AAA C   1 ? 
ATOM   355  O  O   . GLU A 1 39  ? -13.166 7.667   17.958  1.000 72.746  ? 1017 GLU AAA O   1 ? 
ATOM   356  C  CB  . GLU A 1 39  ? -14.701 5.889   15.725  1.000 78.963  ? 1017 GLU AAA CB  1 ? 
ATOM   357  C  CG  . GLU A 1 39  ? -16.025 5.154   15.665  1.000 87.943  ? 1017 GLU AAA CG  1 ? 
ATOM   358  C  CD  . GLU A 1 39  ? -16.879 5.526   14.468  1.000 93.670  ? 1017 GLU AAA CD  1 ? 
ATOM   359  O  OE1 . GLU A 1 39  ? -16.800 6.692   14.022  1.000 97.609  ? 1017 GLU AAA OE1 1 ? 
ATOM   360  O  OE2 . GLU A 1 39  ? -17.618 4.650   13.980  1.000 99.287  ? 1017 GLU AAA OE2 1 ? 
ATOM   361  N  N   . VAL A 1 40  ? -12.646 8.325   15.848  1.000 62.691  ? 1018 VAL AAA N   1 ? 
ATOM   362  C  CA  . VAL A 1 40  ? -11.267 8.630   16.199  1.000 61.457  ? 1018 VAL AAA CA  1 ? 
ATOM   363  C  C   . VAL A 1 40  ? -10.929 10.076  15.834  1.000 67.477  ? 1018 VAL AAA C   1 ? 
ATOM   364  O  O   . VAL A 1 40  ? -10.211 10.318  14.861  1.000 61.554  ? 1018 VAL AAA O   1 ? 
ATOM   365  C  CB  . VAL A 1 40  ? -10.282 7.626   15.571  1.000 59.962  ? 1018 VAL AAA CB  1 ? 
ATOM   366  C  CG1 . VAL A 1 40  ? -9.038  7.469   16.422  1.000 57.720  ? 1018 VAL AAA CG1 1 ? 
ATOM   367  C  CG2 . VAL A 1 40  ? -10.927 6.268   15.353  1.000 63.164  ? 1018 VAL AAA CG2 1 ? 
ATOM   368  N  N   . PRO A 1 41  ? -11.392 11.079  16.626  1.000 70.646  ? 1019 PRO AAA N   1 ? 
ATOM   369  C  CA  . PRO A 1 41  ? -11.155 12.487  16.298  1.000 63.807  ? 1019 PRO AAA CA  1 ? 
ATOM   370  C  C   . PRO A 1 41  ? -9.691  12.906  16.422  1.000 55.470  ? 1019 PRO AAA C   1 ? 
ATOM   371  O  O   . PRO A 1 41  ? -9.269  13.888  15.816  1.000 61.539  ? 1019 PRO AAA O   1 ? 
ATOM   372  C  CB  . PRO A 1 41  ? -12.069 13.266  17.266  1.000 66.162  ? 1019 PRO AAA CB  1 ? 
ATOM   373  C  CG  . PRO A 1 41  ? -12.307 12.316  18.431  1.000 64.985  ? 1019 PRO AAA CG  1 ? 
ATOM   374  C  CD  . PRO A 1 41  ? -12.171 10.916  17.868  1.000 67.231  ? 1019 PRO AAA CD  1 ? 
ATOM   375  N  N   . ASP A 1 42  ? -8.892  12.157  17.182  1.000 47.726  ? 1020 ASP AAA N   1 ? 
ATOM   376  C  CA  . ASP A 1 42  ? -7.508  12.582  17.277  1.000 50.273  ? 1020 ASP AAA CA  1 ? 
ATOM   377  C  C   . ASP A 1 42  ? -6.655  11.958  16.165  1.000 44.863  ? 1020 ASP AAA C   1 ? 
ATOM   378  O  O   . ASP A 1 42  ? -5.456  12.236  16.115  1.000 45.908  ? 1020 ASP AAA O   1 ? 
ATOM   379  C  CB  . ASP A 1 42  ? -6.908  12.333  18.662  1.000 51.100  ? 1020 ASP AAA CB  1 ? 
ATOM   380  C  CG  . ASP A 1 42  ? -6.831  10.856  18.974  1.000 54.597  ? 1020 ASP AAA CG  1 ? 
ATOM   381  O  OD1 . ASP A 1 42  ? -7.893  10.209  18.937  1.000 65.422  ? 1020 ASP AAA OD1 1 ? 
ATOM   382  O  OD2 . ASP A 1 42  ? -5.714  10.367  19.214  1.000 53.366  ? 1020 ASP AAA OD2 1 ? 
ATOM   383  N  N   . TYR A 1 43  ? -7.252  11.118  15.295  1.000 42.509  ? 1021 TYR AAA N   1 ? 
ATOM   384  C  CA  . TYR A 1 43  ? -6.394  10.361  14.382  1.000 36.798  ? 1021 TYR AAA CA  1 ? 
ATOM   385  C  C   . TYR A 1 43  ? -5.659  11.325  13.454  1.000 39.485  ? 1021 TYR AAA C   1 ? 
ATOM   386  O  O   . TYR A 1 43  ? -4.425  11.283  13.387  1.000 34.929  ? 1021 TYR AAA O   1 ? 
ATOM   387  C  CB  . TYR A 1 43  ? -7.175  9.306   13.588  1.000 32.812  ? 1021 TYR AAA CB  1 ? 
ATOM   388  C  CG  . TYR A 1 43  ? -6.292  8.392   12.776  1.000 31.087  ? 1021 TYR AAA CG  1 ? 
ATOM   389  C  CD1 . TYR A 1 43  ? -5.633  7.331   13.381  1.000 29.891  ? 1021 TYR AAA CD1 1 ? 
ATOM   390  C  CD2 . TYR A 1 43  ? -6.044  8.641   11.427  1.000 29.662  ? 1021 TYR AAA CD2 1 ? 
ATOM   391  C  CE1 . TYR A 1 43  ? -4.804  6.475   12.670  1.000 28.776  ? 1021 TYR AAA CE1 1 ? 
ATOM   392  C  CE2 . TYR A 1 43  ? -5.231  7.786   10.695  1.000 26.715  ? 1021 TYR AAA CE2 1 ? 
ATOM   393  C  CZ  . TYR A 1 43  ? -4.579  6.738   11.335  1.000 27.073  ? 1021 TYR AAA CZ  1 ? 
ATOM   394  O  OH  . TYR A 1 43  ? -3.738  5.879   10.696  1.000 26.305  ? 1021 TYR AAA OH  1 ? 
ATOM   395  N  N   . VAL A 1 44  ? -6.457  12.181  12.785  1.000 42.186  ? 1022 VAL AAA N   1 ? 
ATOM   396  C  CA  . VAL A 1 44  ? -6.014  13.085  11.734  1.000 48.340  ? 1022 VAL AAA CA  1 ? 
ATOM   397  C  C   . VAL A 1 44  ? -5.029  14.106  12.303  1.000 50.845  ? 1022 VAL AAA C   1 ? 
ATOM   398  O  O   . VAL A 1 44  ? -4.262  14.689  11.535  1.000 48.155  ? 1022 VAL AAA O   1 ? 
ATOM   399  C  CB  . VAL A 1 44  ? -7.203  13.717  10.971  1.000 52.862  ? 1022 VAL AAA CB  1 ? 
ATOM   400  C  CG1 . VAL A 1 44  ? -7.736  14.994  11.612  1.000 54.886  ? 1022 VAL AAA CG1 1 ? 
ATOM   401  C  CG2 . VAL A 1 44  ? -6.911  13.930  9.497   1.000 55.446  ? 1022 VAL AAA CG2 1 ? 
ATOM   402  N  N   . THR A 1 45  ? -5.015  14.270  13.641  1.000 46.958  ? 1023 THR AAA N   1 ? 
ATOM   403  C  CA  . THR A 1 45  ? -4.055  15.148  14.300  1.000 50.571  ? 1023 THR AAA CA  1 ? 
ATOM   404  C  C   . THR A 1 45  ? -2.747  14.434  14.651  1.000 51.911  ? 1023 THR AAA C   1 ? 
ATOM   405  O  O   . THR A 1 45  ? -1.702  15.084  14.699  1.000 54.705  ? 1023 THR AAA O   1 ? 
ATOM   406  C  CB  . THR A 1 45  ? -4.636  15.931  15.493  1.000 55.049  ? 1023 THR AAA CB  1 ? 
ATOM   407  O  OG1 . THR A 1 45  ? -4.551  15.179  16.707  1.000 61.570  ? 1023 THR AAA OG1 1 ? 
ATOM   408  C  CG2 . THR A 1 45  ? -6.045  16.432  15.273  1.000 50.858  ? 1023 THR AAA CG2 1 ? 
ATOM   409  N  N   . VAL A 1 46  ? -2.784  13.120  14.930  1.000 39.424  ? 1024 VAL AAA N   1 ? 
ATOM   410  C  CA  . VAL A 1 46  ? -1.549  12.411  15.246  1.000 34.766  ? 1024 VAL AAA CA  1 ? 
ATOM   411  C  C   . VAL A 1 46  ? -0.858  11.937  13.958  1.000 30.155  ? 1024 VAL AAA C   1 ? 
ATOM   412  O  O   . VAL A 1 46  ? 0.372   11.878  13.877  1.000 33.534  ? 1024 VAL AAA O   1 ? 
ATOM   413  C  CB  . VAL A 1 46  ? -1.808  11.224  16.203  1.000 35.993  ? 1024 VAL AAA CB  1 ? 
ATOM   414  C  CG1 . VAL A 1 46  ? -0.586  10.324  16.388  1.000 32.971  ? 1024 VAL AAA CG1 1 ? 
ATOM   415  C  CG2 . VAL A 1 46  ? -2.351  11.704  17.551  1.000 40.539  ? 1024 VAL AAA CG2 1 ? 
ATOM   416  N  N   . ILE A 1 47  ? -1.674  11.400  13.045  1.000 28.054  ? 1025 ILE AAA N   1 ? 
ATOM   417  C  CA  . ILE A 1 47  ? -1.120  10.767  11.866  1.000 25.251  ? 1025 ILE AAA CA  1 ? 
ATOM   418  C  C   . ILE A 1 47  ? -1.251  11.770  10.726  1.000 23.302  ? 1025 ILE AAA C   1 ? 
ATOM   419  O  O   . ILE A 1 47  ? -2.361  12.098  10.278  1.000 26.801  ? 1025 ILE AAA O   1 ? 
ATOM   420  C  CB  . ILE A 1 47  ? -1.895  9.446   11.606  1.000 20.862  ? 1025 ILE AAA CB  1 ? 
ATOM   421  C  CG1 . ILE A 1 47  ? -1.688  8.394   12.721  1.000 24.119  ? 1025 ILE AAA CG1 1 ? 
ATOM   422  C  CG2 . ILE A 1 47  ? -1.523  8.860   10.244  1.000 20.646  ? 1025 ILE AAA CG2 1 ? 
ATOM   423  C  CD1 . ILE A 1 47  ? -0.267  8.014   12.952  1.000 22.348  ? 1025 ILE AAA CD1 1 ? 
ATOM   424  N  N   . LYS A 1 48  ? -0.070  12.173  10.279  1.000 24.754  ? 1026 LYS AAA N   1 ? 
ATOM   425  C  CA  . LYS A 1 48  ? -0.006  13.269  9.313   1.000 26.965  ? 1026 LYS AAA CA  1 ? 
ATOM   426  C  C   . LYS A 1 48  ? -0.195  12.753  7.894   1.000 29.914  ? 1026 LYS AAA C   1 ? 
ATOM   427  O  O   . LYS A 1 48  ? -0.592  13.554  7.056   1.000 28.787  ? 1026 LYS AAA O   1 ? 
ATOM   428  C  CB  . LYS A 1 48  ? 1.380   13.905  9.359   1.000 28.024  ? 1026 LYS AAA CB  1 ? 
ATOM   429  C  CG  . LYS A 1 48  ? 1.680   14.579  10.688  1.000 31.250  ? 1026 LYS AAA CG  1 ? 
ATOM   430  C  CD  . LYS A 1 48  ? 0.554   15.462  11.183  1.000 32.055  ? 1026 LYS AAA CD  1 ? 
ATOM   431  C  CE  . LYS A 1 48  ? 0.930   16.186  12.468  1.000 35.103  ? 1026 LYS AAA CE  1 ? 
ATOM   432  N  NZ  . LYS A 1 48  ? -0.253  16.858  13.054  1.000 41.236  ? 1026 LYS AAA NZ  1 ? 
ATOM   433  N  N   . GLN A 1 49  ? 0.065   11.464  7.612   1.000 25.950  ? 1027 GLN AAA N   1 ? 
ATOM   434  C  CA  . GLN A 1 49  ? -0.156  10.964  6.257   1.000 29.243  ? 1027 GLN AAA CA  1 ? 
ATOM   435  C  C   . GLN A 1 49  ? -0.971  9.677   6.383   1.000 23.038  ? 1027 GLN AAA C   1 ? 
ATOM   436  O  O   . GLN A 1 49  ? -0.429  8.596   6.248   1.000 24.486  ? 1027 GLN AAA O   1 ? 
ATOM   437  C  CB  . GLN A 1 49  ? 1.144   10.488  5.606   1.000 33.322  ? 1027 GLN AAA CB  1 ? 
ATOM   438  C  CG  . GLN A 1 49  ? 2.128   11.592  5.302   1.000 39.888  ? 1027 GLN AAA CG  1 ? 
ATOM   439  C  CD  . GLN A 1 49  ? 3.184   11.099  4.342   1.000 37.379  ? 1027 GLN AAA CD  1 ? 
ATOM   440  O  OE1 . GLN A 1 49  ? 4.258   10.671  4.747   1.000 40.070  ? 1027 GLN AAA OE1 1 ? 
ATOM   441  N  NE2 . GLN A 1 49  ? 2.873   11.197  3.062   1.000 40.754  ? 1027 GLN AAA NE2 1 ? 
ATOM   442  N  N   . PRO A 1 50  ? -2.281  9.807   6.607   1.000 24.186  ? 1028 PRO AAA N   1 ? 
ATOM   443  C  CA  . PRO A 1 50  ? -3.128  8.628   6.722   1.000 21.571  ? 1028 PRO AAA CA  1 ? 
ATOM   444  C  C   . PRO A 1 50  ? -3.061  7.874   5.399   1.000 22.668  ? 1028 PRO AAA C   1 ? 
ATOM   445  O  O   . PRO A 1 50  ? -2.898  8.433   4.328   1.000 24.797  ? 1028 PRO AAA O   1 ? 
ATOM   446  C  CB  . PRO A 1 50  ? -4.542  9.176   6.822   1.000 24.111  ? 1028 PRO AAA CB  1 ? 
ATOM   447  C  CG  . PRO A 1 50  ? -4.395  10.660  7.200   1.000 28.925  ? 1028 PRO AAA CG  1 ? 
ATOM   448  C  CD  . PRO A 1 50  ? -3.028  11.070  6.712   1.000 25.174  ? 1028 PRO AAA CD  1 ? 
ATOM   449  N  N   . MET A 1 51  ? -3.152  6.556   5.494   1.000 20.570  ? 1029 MET AAA N   1 ? 
ATOM   450  C  CA  . MET A 1 51  ? -3.148  5.735   4.290   1.000 20.981  ? 1029 MET AAA CA  1 ? 
ATOM   451  C  C   . MET A 1 51  ? -3.976  4.485   4.576   1.000 19.313  ? 1029 MET AAA C   1 ? 
ATOM   452  O  O   . MET A 1 51  ? -3.971  3.969   5.676   1.000 21.616  ? 1029 MET AAA O   1 ? 
ATOM   453  C  CB  . MET A 1 51  ? -1.694  5.354   3.971   1.000 22.707  ? 1029 MET AAA CB  1 ? 
ATOM   454  C  CG  . MET A 1 51  ? -1.476  4.648   2.581   1.000 23.913  ? 1029 MET AAA CG  1 ? 
ATOM   455  S  SD  . MET A 1 51  ? -2.206  5.531   1.179   1.000 26.434  ? 1029 MET AAA SD  1 ? 
ATOM   456  C  CE  . MET A 1 51  ? -1.270  7.057   1.311   1.000 26.572  ? 1029 MET AAA CE  1 ? 
ATOM   457  N  N   . ASP A 1 52  ? -4.650  3.976   3.546   1.000 19.996  ? 1030 ASP AAA N   1 ? 
ATOM   458  C  CA  . ASP A 1 52  ? -5.462  2.777   3.637   1.000 20.987  ? 1030 ASP AAA CA  1 ? 
ATOM   459  C  C   . ASP A 1 52  ? -5.546  2.205   2.226   1.000 20.306  ? 1030 ASP AAA C   1 ? 
ATOM   460  O  O   . ASP A 1 52  ? -5.162  2.878   1.247   1.000 19.279  ? 1030 ASP AAA O   1 ? 
ATOM   461  C  CB  . ASP A 1 52  ? -6.880  3.122   4.153   1.000 21.668  ? 1030 ASP AAA CB  1 ? 
ATOM   462  C  CG  . ASP A 1 52  ? -7.592  3.957   3.116   1.000 23.961  ? 1030 ASP AAA CG  1 ? 
ATOM   463  O  OD1 . ASP A 1 52  ? -7.392  5.212   3.104   1.000 34.461  ? 1030 ASP AAA OD1 1 ? 
ATOM   464  O  OD2 . ASP A 1 52  ? -8.320  3.400   2.320   1.000 29.713  ? 1030 ASP AAA OD2 1 ? 
ATOM   465  N  N   . LEU A 1 53  ? -6.110  1.004   2.125   1.000 18.097  ? 1031 LEU AAA N   1 ? 
ATOM   466  C  CA  . LEU A 1 53  ? -6.065  0.344   0.829   1.000 18.030  ? 1031 LEU AAA CA  1 ? 
ATOM   467  C  C   . LEU A 1 53  ? -7.015  0.987   -0.173  1.000 19.642  ? 1031 LEU AAA C   1 ? 
ATOM   468  O  O   . LEU A 1 53  ? -6.752  0.895   -1.382  1.000 19.694  ? 1031 LEU AAA O   1 ? 
ATOM   469  C  CB  . LEU A 1 53  ? -6.393  -1.137  0.985   1.000 17.932  ? 1031 LEU AAA CB  1 ? 
ATOM   470  C  CG  . LEU A 1 53  ? -5.380  -1.912  1.830   1.000 20.220  ? 1031 LEU AAA CG  1 ? 
ATOM   471  C  CD1 . LEU A 1 53  ? -5.910  -3.320  2.113   1.000 22.357  ? 1031 LEU AAA CD1 1 ? 
ATOM   472  C  CD2 . LEU A 1 53  ? -3.978  -1.983  1.200   1.000 18.973  ? 1031 LEU AAA CD2 1 ? 
ATOM   473  N  N   . SER A 1 54  ? -8.119  1.615   0.255   1.000 19.569  ? 1032 SER AAA N   1 ? 
ATOM   474  C  CA  . SER A 1 54  ? -8.955  2.332   -0.719  1.000 21.520  ? 1032 SER AAA CA  1 ? 
ATOM   475  C  C   . SER A 1 54  ? -8.195  3.534   -1.310  1.000 21.508  ? 1032 SER AAA C   1 ? 
ATOM   476  O  O   . SER A 1 54  ? -8.307  3.793   -2.507  1.000 22.526  ? 1032 SER AAA O   1 ? 
ATOM   477  C  CB  . SER A 1 54  ? -10.301 2.688   -0.113  1.000 24.223  ? 1032 SER AAA CB  1 ? 
ATOM   478  O  OG  . SER A 1 54  ? -10.095 3.705   0.851   1.000 33.226  ? 1032 SER AAA OG  1 ? 
ATOM   479  N  N   . SER A 1 55  ? -7.421  4.227   -0.485  1.000 20.414  ? 1033 SER AAA N   1 ? 
ATOM   480  C  CA  . SER A 1 55  ? -6.603  5.340   -0.954  1.000 22.237  ? 1033 SER AAA CA  1 ? 
ATOM   481  C  C   . SER A 1 55  ? -5.530  4.843   -1.920  1.000 20.666  ? 1033 SER AAA C   1 ? 
ATOM   482  O  O   . SER A 1 55  ? -5.245  5.489   -2.917  1.000 20.518  ? 1033 SER AAA O   1 ? 
ATOM   483  C  CB  . SER A 1 55  ? -5.988  6.095   0.169   1.000 25.409  ? 1033 SER AAA CB  1 ? 
ATOM   484  O  OG  . SER A 1 55  ? -7.076  6.704   0.849   1.000 30.320  ? 1033 SER AAA OG  1 ? 
ATOM   485  N  N   . VAL A 1 56  ? -4.950  3.663   -1.627  1.000 17.972  ? 1034 VAL AAA N   1 ? 
ATOM   486  C  CA  . VAL A 1 56  ? -3.979  3.076   -2.552  1.000 17.369  ? 1034 VAL AAA CA  1 ? 
ATOM   487  C  C   . VAL A 1 56  ? -4.610  2.771   -3.900  1.000 16.798  ? 1034 VAL AAA C   1 ? 
ATOM   488  O  O   . VAL A 1 56  ? -4.006  3.112   -4.930  1.000 16.465  ? 1034 VAL AAA O   1 ? 
ATOM   489  C  CB  . VAL A 1 56  ? -3.395  1.811   -1.907  1.000 16.631  ? 1034 VAL AAA CB  1 ? 
ATOM   490  C  CG1 . VAL A 1 56  ? -2.541  1.034   -2.909  1.000 17.242  ? 1034 VAL AAA CG1 1 ? 
ATOM   491  C  CG2 . VAL A 1 56  ? -2.496  2.192   -0.740  1.000 18.032  ? 1034 VAL AAA CG2 1 ? 
ATOM   492  N  N   . ILE A 1 57  ? -5.810  2.200   -3.931  1.000 17.039  ? 1035 ILE AAA N   1 ? 
ATOM   493  C  CA  . ILE A 1 57  ? -6.460  1.972   -5.221  1.000 18.020  ? 1035 ILE AAA CA  1 ? 
ATOM   494  C  C   . ILE A 1 57  ? -6.675  3.286   -5.978  1.000 18.213  ? 1035 ILE AAA C   1 ? 
ATOM   495  O  O   . ILE A 1 57  ? -6.427  3.348   -7.175  1.000 19.509  ? 1035 ILE AAA O   1 ? 
ATOM   496  C  CB  . ILE A 1 57  ? -7.796  1.225   -5.072  1.000 21.578  ? 1035 ILE AAA CB  1 ? 
ATOM   497  C  CG1 . ILE A 1 57  ? -7.581  -0.202  -4.555  1.000 23.732  ? 1035 ILE AAA CG1 1 ? 
ATOM   498  C  CG2 . ILE A 1 57  ? -8.569  1.236   -6.393  1.000 25.125  ? 1035 ILE AAA CG2 1 ? 
ATOM   499  C  CD1 . ILE A 1 57  ? -6.854  -1.062  -5.582  1.000 28.500  ? 1035 ILE AAA CD1 1 ? 
ATOM   500  N  N   . SER A 1 58  ? -7.158  4.318   -5.245  1.000 19.517  ? 1036 SER AAA N   1 ? 
ATOM   501  C  CA  . SER A 1 58  ? -7.383  5.610   -5.905  1.000 19.353  ? 1036 SER AAA CA  1 ? 
ATOM   502  C  C   . SER A 1 58  ? -6.086  6.125   -6.500  1.000 18.517  ? 1036 SER AAA C   1 ? 
ATOM   503  O  O   . SER A 1 58  ? -6.056  6.640   -7.626  1.000 18.793  ? 1036 SER AAA O   1 ? 
ATOM   504  C  CB  . SER A 1 58  ? -7.899  6.614   -4.867  1.000 21.568  ? 1036 SER AAA CB  1 ? 
ATOM   505  O  OG  . SER A 1 58  ? -9.231  6.266   -4.516  1.000 28.798  ? 1036 SER AAA OG  1 ? 
ATOM   506  N  N   . LYS A 1 59  ? -4.970  5.987   -5.781  1.000 17.865  ? 1037 LYS AAA N   1 ? 
ATOM   507  C  CA  . LYS A 1 59  ? -3.668  6.425   -6.255  1.000 17.688  ? 1037 LYS AAA CA  1 ? 
ATOM   508  C  C   . LYS A 1 59  ? -3.200  5.654   -7.497  1.000 17.576  ? 1037 LYS AAA C   1 ? 
ATOM   509  O  O   . LYS A 1 59  ? -2.600  6.226   -8.424  1.000 18.633  ? 1037 LYS AAA O   1 ? 
ATOM   510  C  CB  . LYS A 1 59  ? -2.595  6.487   -5.173  1.000 18.560  ? 1037 LYS AAA CB  1 ? 
ATOM   511  C  CG  . LYS A 1 59  ? -2.947  7.567   -4.142  1.000 19.504  ? 1037 LYS AAA CG  1 ? 
ATOM   512  C  CD  . LYS A 1 59  ? -1.905  7.658   -3.073  1.000 19.784  ? 1037 LYS AAA CD  1 ? 
ATOM   513  C  CE  . LYS A 1 59  ? -0.541  7.989   -3.639  1.000 20.844  ? 1037 LYS AAA CE  1 ? 
ATOM   514  N  NZ  . LYS A 1 59  ? 0.459   8.352   -2.602  1.000 24.109  ? 1037 LYS AAA NZ  1 ? 
ATOM   515  N  N   . ILE A 1 60  ? -3.459  4.325   -7.486  1.000 18.075  ? 1038 ILE AAA N   1 ? 
ATOM   516  C  CA  . ILE A 1 60  ? -3.067  3.559   -8.660  1.000 18.732  ? 1038 ILE AAA CA  1 ? 
ATOM   517  C  C   . ILE A 1 60  ? -3.783  4.145   -9.881  1.000 18.069  ? 1038 ILE AAA C   1 ? 
ATOM   518  O  O   . ILE A 1 60  ? -3.152  4.346   -10.938 1.000 17.713  ? 1038 ILE AAA O   1 ? 
ATOM   519  C  CB  . ILE A 1 60  ? -3.478  2.073   -8.469  1.000 16.117  ? 1038 ILE AAA CB  1 ? 
ATOM   520  C  CG1 . ILE A 1 60  ? -2.617  1.409   -7.396  1.000 17.012  ? 1038 ILE AAA CG1 1 ? 
ATOM   521  C  CG2 . ILE A 1 60  ? -3.291  1.328   -9.810  1.000 17.409  ? 1038 ILE AAA CG2 1 ? 
ATOM   522  C  CD1 . ILE A 1 60  ? -3.151  0.033   -6.932  1.000 16.873  ? 1038 ILE AAA CD1 1 ? 
ATOM   523  N  N   . ASP A 1 61  ? -5.085  4.348   -9.732  1.000 18.384  ? 1039 ASP AAA N   1 ? 
ATOM   524  C  CA  . ASP A 1 61  ? -5.905  4.795   -10.848 1.000 20.210  ? 1039 ASP AAA CA  1 ? 
ATOM   525  C  C   . ASP A 1 61  ? -5.585  6.233   -11.272 1.000 23.175  ? 1039 ASP AAA C   1 ? 
ATOM   526  O  O   . ASP A 1 61  ? -5.792  6.583   -12.439 1.000 24.965  ? 1039 ASP AAA O   1 ? 
ATOM   527  C  CB  . ASP A 1 61  ? -7.381  4.675   -10.505 1.000 19.891  ? 1039 ASP AAA CB  1 ? 
ATOM   528  C  CG  . ASP A 1 61  ? -7.867  3.223   -10.359 1.000 24.969  ? 1039 ASP AAA CG  1 ? 
ATOM   529  O  OD1 . ASP A 1 61  ? -7.156  2.293   -10.838 1.000 26.383  ? 1039 ASP AAA OD1 1 ? 
ATOM   530  O  OD2 . ASP A 1 61  ? -8.949  2.998   -9.776  1.000 26.221  ? 1039 ASP AAA OD2 1 ? 
ATOM   531  N  N   . LEU A 1 62  ? -5.047  7.037   -10.365 1.000 20.352  ? 1040 LEU AAA N   1 ? 
ATOM   532  C  CA  . LEU A 1 62  ? -4.598  8.384   -10.727 1.000 19.376  ? 1040 LEU AAA CA  1 ? 
ATOM   533  C  C   . LEU A 1 62  ? -3.180  8.377   -11.293 1.000 21.332  ? 1040 LEU AAA C   1 ? 
ATOM   534  O  O   . LEU A 1 62  ? -2.532  9.413   -11.499 1.000 23.572  ? 1040 LEU AAA O   1 ? 
ATOM   535  C  CB  . LEU A 1 62  ? -4.661  9.259   -9.476  1.000 19.782  ? 1040 LEU AAA CB  1 ? 
ATOM   536  C  CG  . LEU A 1 62  ? -6.076  9.635   -9.075  1.000 20.180  ? 1040 LEU AAA CG  1 ? 
ATOM   537  C  CD1 . LEU A 1 62  ? -6.076  10.242  -7.693  1.000 22.587  ? 1040 LEU AAA CD1 1 ? 
ATOM   538  C  CD2 . LEU A 1 62  ? -6.701  10.658  -10.057 1.000 23.554  ? 1040 LEU AAA CD2 1 ? 
ATOM   539  N  N   . HIS A 1 63  ? -2.573  7.202   -11.532 1.000 19.228  ? 1041 HIS AAA N   1 ? 
ATOM   540  C  CA  . HIS A 1 63  ? -1.239  7.108   -12.082 1.000 19.738  ? 1041 HIS AAA CA  1 ? 
ATOM   541  C  C   . HIS A 1 63  ? -0.186  7.715   -11.169 1.000 20.383  ? 1041 HIS AAA C   1 ? 
ATOM   542  O  O   . HIS A 1 63  ? 0.890   8.157   -11.581 1.000 25.525  ? 1041 HIS AAA O   1 ? 
ATOM   543  C  CB  . HIS A 1 63  ? -1.154  7.707   -13.509 1.000 21.796  ? 1041 HIS AAA CB  1 ? 
ATOM   544  C  CG  . HIS A 1 63  ? -2.064  7.078   -14.471 1.000 21.058  ? 1041 HIS AAA CG  1 ? 
ATOM   545  N  ND1 . HIS A 1 63  ? -1.846  7.237   -15.856 1.000 27.064  ? 1041 HIS AAA ND1 1 ? 
ATOM   546  C  CD2 . HIS A 1 63  ? -3.158  6.304   -14.351 1.000 21.782  ? 1041 HIS AAA CD2 1 ? 
ATOM   547  C  CE1 . HIS A 1 63  ? -2.821  6.611   -16.480 1.000 26.031  ? 1041 HIS AAA CE1 1 ? 
ATOM   548  N  NE2 . HIS A 1 63  ? -3.652  6.054   -15.626 1.000 28.587  ? 1041 HIS AAA NE2 1 ? 
ATOM   549  N  N   . LYS A 1 64  ? -0.399  7.551   -9.875  1.000 19.035  ? 1042 LYS AAA N   1 ? 
ATOM   550  C  CA  . LYS A 1 64  ? 0.572   8.101   -8.949  1.000 19.660  ? 1042 LYS AAA CA  1 ? 
ATOM   551  C  C   . LYS A 1 64  ? 1.746   7.184   -8.677  1.000 20.008  ? 1042 LYS AAA C   1 ? 
ATOM   552  O  O   . LYS A 1 64  ? 2.773   7.637   -8.172  1.000 23.722  ? 1042 LYS AAA O   1 ? 
ATOM   553  C  CB  . LYS A 1 64  ? -0.061  8.453   -7.602  1.000 21.208  ? 1042 LYS AAA CB  1 ? 
ATOM   554  C  CG  . LYS A 1 64  ? -1.242  9.398   -7.667  1.000 26.317  ? 1042 LYS AAA CG  1 ? 
ATOM   555  C  CD  . LYS A 1 64  ? -0.807  10.799  -7.877  1.000 34.745  ? 1042 LYS AAA CD  1 ? 
ATOM   556  C  CE  . LYS A 1 64  ? -1.948  11.736  -7.525  1.000 37.819  ? 1042 LYS AAA CE  1 ? 
ATOM   557  N  NZ  . LYS A 1 64  ? -1.547  13.111  -7.887  1.000 49.740  ? 1042 LYS AAA NZ  1 ? 
ATOM   558  N  N   . TYR A 1 65  ? 1.625   5.877   -8.992  1.000 18.775  ? 1043 TYR AAA N   1 ? 
ATOM   559  C  CA  . TYR A 1 65  ? 2.722   4.974   -8.795  1.000 18.959  ? 1043 TYR AAA CA  1 ? 
ATOM   560  C  C   . TYR A 1 65  ? 3.342   4.645   -10.141 1.000 20.223  ? 1043 TYR AAA C   1 ? 
ATOM   561  O  O   . TYR A 1 65  ? 2.661   4.090   -11.007 1.000 23.960  ? 1043 TYR AAA O   1 ? 
ATOM   562  C  CB  . TYR A 1 65  ? 2.276   3.679   -8.081  1.000 18.904  ? 1043 TYR AAA CB  1 ? 
ATOM   563  C  CG  . TYR A 1 65  ? 1.566   3.884   -6.751  1.000 18.247  ? 1043 TYR AAA CG  1 ? 
ATOM   564  C  CD1 . TYR A 1 65  ? 2.193   4.519   -5.688  1.000 18.801  ? 1043 TYR AAA CD1 1 ? 
ATOM   565  C  CD2 . TYR A 1 65  ? 0.253   3.459   -6.605  1.000 18.019  ? 1043 TYR AAA CD2 1 ? 
ATOM   566  C  CE1 . TYR A 1 65  ? 1.543   4.653   -4.466  1.000 18.882  ? 1043 TYR AAA CE1 1 ? 
ATOM   567  C  CE2 . TYR A 1 65  ? -0.426  3.593   -5.397  1.000 18.268  ? 1043 TYR AAA CE2 1 ? 
ATOM   568  C  CZ  . TYR A 1 65  ? 0.236   4.177   -4.334  1.000 18.574  ? 1043 TYR AAA CZ  1 ? 
ATOM   569  O  OH  . TYR A 1 65  ? -0.456  4.338   -3.169  1.000 19.586  ? 1043 TYR AAA OH  1 ? 
ATOM   570  N  N   . LEU A 1 66  ? 4.615   4.961   -10.231 1.000 20.471  ? 1044 LEU AAA N   1 ? 
ATOM   571  C  CA  . LEU A 1 66  ? 5.332   4.612   -11.466 1.000 20.492  ? 1044 LEU AAA CA  1 ? 
ATOM   572  C  C   . LEU A 1 66  ? 6.344   3.507   -11.197 1.000 20.502  ? 1044 LEU AAA C   1 ? 
ATOM   573  O  O   . LEU A 1 66  ? 6.960   2.996   -12.127 1.000 20.507  ? 1044 LEU AAA O   1 ? 
ATOM   574  C  CB  . LEU A 1 66  ? 6.101   5.836   -11.976 1.000 23.354  ? 1044 LEU AAA CB  1 ? 
ATOM   575  C  CG  . LEU A 1 66  ? 5.260   7.040   -12.447 1.000 29.206  ? 1044 LEU AAA CG  1 ? 
ATOM   576  C  CD1 . LEU A 1 66  ? 6.175   7.960   -13.269 1.000 31.735  ? 1044 LEU AAA CD1 1 ? 
ATOM   577  C  CD2 . LEU A 1 66  ? 4.034   6.611   -13.248 1.000 34.162  ? 1044 LEU AAA CD2 1 ? 
ATOM   578  N  N   . THR A 1 67  ? 6.494   3.027   -9.935  1.000 18.732  ? 1045 THR AAA N   1 ? 
ATOM   579  C  CA  . THR A 1 67  ? 7.333   1.895   -9.631  1.000 18.829  ? 1045 THR AAA CA  1 ? 
ATOM   580  C  C   . THR A 1 67  ? 6.700   1.124   -8.472  1.000 18.779  ? 1045 THR AAA C   1 ? 
ATOM   581  O  O   . THR A 1 67  ? 5.861   1.694   -7.738  1.000 18.495  ? 1045 THR AAA O   1 ? 
ATOM   582  C  CB  . THR A 1 67  ? 8.733   2.293   -9.195  1.000 19.060  ? 1045 THR AAA CB  1 ? 
ATOM   583  O  OG1 . THR A 1 67  ? 8.623   2.979   -7.928  1.000 21.223  ? 1045 THR AAA OG1 1 ? 
ATOM   584  C  CG2 . THR A 1 67  ? 9.421   3.160   -10.233 1.000 21.502  ? 1045 THR AAA CG2 1 ? 
ATOM   585  N  N   . VAL A 1 68  ? 7.085   -0.141  -8.331  1.000 17.668  ? 1046 VAL AAA N   1 ? 
ATOM   586  C  CA  . VAL A 1 68  ? 6.618   -0.894  -7.166  1.000 18.027  ? 1046 VAL AAA CA  1 ? 
ATOM   587  C  C   . VAL A 1 68  ? 7.221   -0.331  -5.900  1.000 19.890  ? 1046 VAL AAA C   1 ? 
ATOM   588  O  O   . VAL A 1 68  ? 6.547   -0.322  -4.857  1.000 18.878  ? 1046 VAL AAA O   1 ? 
ATOM   589  C  CB  . VAL A 1 68  ? 6.855   -2.396  -7.310  1.000 17.236  ? 1046 VAL AAA CB  1 ? 
ATOM   590  C  CG1 . VAL A 1 68  ? 6.283   -3.107  -6.075  1.000 19.766  ? 1046 VAL AAA CG1 1 ? 
ATOM   591  C  CG2 . VAL A 1 68  ? 6.127   -2.932  -8.573  1.000 20.970  ? 1046 VAL AAA CG2 1 ? 
ATOM   592  N  N   . LYS A 1 69  ? 8.428   0.226   -5.953  1.000 18.944  ? 1047 LYS AAA N   1 ? 
ATOM   593  C  CA  . LYS A 1 69  ? 8.986   0.853   -4.767  1.000 21.033  ? 1047 LYS AAA CA  1 ? 
ATOM   594  C  C   . LYS A 1 69  ? 8.073   1.974   -4.266  1.000 21.294  ? 1047 LYS AAA C   1 ? 
ATOM   595  O  O   . LYS A 1 69  ? 7.851   2.114   -3.037  1.000 23.053  ? 1047 LYS AAA O   1 ? 
ATOM   596  C  CB  . LYS A 1 69  ? 10.411  1.297   -5.133  1.000 25.517  ? 1047 LYS AAA CB  1 ? 
ATOM   597  C  CG  . LYS A 1 69  ? 11.153  2.040   -4.047  1.000 34.539  ? 1047 LYS AAA CG  1 ? 
ATOM   598  C  CD  . LYS A 1 69  ? 12.645  2.128   -4.388  1.000 38.568  ? 1047 LYS AAA CD  1 ? 
ATOM   599  C  CE  . LYS A 1 69  ? 13.232  0.784   -4.789  1.000 47.803  ? 1047 LYS AAA CE  1 ? 
ATOM   600  N  NZ  . LYS A 1 69  ? 14.672  0.658   -4.444  1.000 62.391  ? 1047 LYS AAA NZ  1 ? 
ATOM   601  N  N   . ASP A 1 70  ? 7.497   2.837   -5.122  1.000 18.757  ? 1048 ASP AAA N   1 ? 
ATOM   602  C  CA  . ASP A 1 70  ? 6.641   3.913   -4.673  1.000 21.503  ? 1048 ASP AAA CA  1 ? 
ATOM   603  C  C   . ASP A 1 70  ? 5.377   3.333   -4.010  1.000 21.728  ? 1048 ASP AAA C   1 ? 
ATOM   604  O  O   . ASP A 1 70  ? 4.869   3.889   -3.041  1.000 21.264  ? 1048 ASP AAA O   1 ? 
ATOM   605  C  CB  . ASP A 1 70  ? 6.368   4.885   -5.821  1.000 26.264  ? 1048 ASP AAA CB  1 ? 
ATOM   606  C  CG  . ASP A 1 70  ? 7.617   5.735   -6.173  1.000 29.585  ? 1048 ASP AAA CG  1 ? 
ATOM   607  O  OD1 . ASP A 1 70  ? 8.604   5.725   -5.392  1.000 36.627  ? 1048 ASP AAA OD1 1 ? 
ATOM   608  O  OD2 . ASP A 1 70  ? 7.618   6.311   -7.218  1.000 42.386  ? 1048 ASP AAA OD2 1 ? 
ATOM   609  N  N   . TYR A 1 71  ? 4.811   2.246   -4.571  1.000 18.027  ? 1049 TYR AAA N   1 ? 
ATOM   610  C  CA  . TYR A 1 71  ? 3.637   1.638   -3.981  1.000 17.048  ? 1049 TYR AAA CA  1 ? 
ATOM   611  C  C   . TYR A 1 71  ? 4.019   1.093   -2.597  1.000 17.507  ? 1049 TYR AAA C   1 ? 
ATOM   612  O  O   . TYR A 1 71  ? 3.228   1.264   -1.642  1.000 17.100  ? 1049 TYR AAA O   1 ? 
ATOM   613  C  CB  . TYR A 1 71  ? 3.276   0.484   -4.917  1.000 16.505  ? 1049 TYR AAA CB  1 ? 
ATOM   614  C  CG  . TYR A 1 71  ? 2.220   -0.456  -4.414  1.000 14.185  ? 1049 TYR AAA CG  1 ? 
ATOM   615  C  CD1 . TYR A 1 71  ? 0.857   -0.195  -4.515  1.000 15.192  ? 1049 TYR AAA CD1 1 ? 
ATOM   616  C  CD2 . TYR A 1 71  ? 2.634   -1.656  -3.804  1.000 15.005  ? 1049 TYR AAA CD2 1 ? 
ATOM   617  C  CE1 . TYR A 1 71  ? -0.102  -1.115  -4.070  1.000 15.101  ? 1049 TYR AAA CE1 1 ? 
ATOM   618  C  CE2 . TYR A 1 71  ? 1.687   -2.576  -3.351  1.000 15.343  ? 1049 TYR AAA CE2 1 ? 
ATOM   619  C  CZ  . TYR A 1 71  ? 0.333   -2.299  -3.464  1.000 15.321  ? 1049 TYR AAA CZ  1 ? 
ATOM   620  O  OH  . TYR A 1 71  ? -0.610  -3.189  -3.008  1.000 15.960  ? 1049 TYR AAA OH  1 ? 
ATOM   621  N  N   . LEU A 1 72  ? 5.167   0.434   -2.473  1.000 16.956  ? 1050 LEU AAA N   1 ? 
ATOM   622  C  CA  . LEU A 1 72  ? 5.552   -0.157  -1.190  1.000 17.762  ? 1050 LEU AAA CA  1 ? 
ATOM   623  C  C   . LEU A 1 72  ? 5.772   0.934   -0.159  1.000 19.878  ? 1050 LEU AAA C   1 ? 
ATOM   624  O  O   . LEU A 1 72  ? 5.571   0.663   1.029   1.000 19.481  ? 1050 LEU AAA O   1 ? 
ATOM   625  C  CB  . LEU A 1 72  ? 6.743   -1.099  -1.295  1.000 18.770  ? 1050 LEU AAA CB  1 ? 
ATOM   626  C  CG  . LEU A 1 72  ? 6.406   -2.393  -2.004  1.000 18.887  ? 1050 LEU AAA CG  1 ? 
ATOM   627  C  CD1 . LEU A 1 72  ? 7.664   -3.174  -2.278  1.000 22.951  ? 1050 LEU AAA CD1 1 ? 
ATOM   628  C  CD2 . LEU A 1 72  ? 5.399   -3.227  -1.240  1.000 20.738  ? 1050 LEU AAA CD2 1 ? 
ATOM   629  N  N   . ARG A 1 73  ? 6.119   2.148   -0.536  1.000 18.498  ? 1051 ARG AAA N   1 ? 
ATOM   630  C  CA  . ARG A 1 73  ? 6.249   3.220   0.437   1.000 21.754  ? 1051 ARG AAA CA  1 ? 
ATOM   631  C  C   . ARG A 1 73  ? 4.898   3.463   1.071   1.000 18.453  ? 1051 ARG AAA C   1 ? 
ATOM   632  O  O   . ARG A 1 73  ? 4.833   3.783   2.276   1.000 19.066  ? 1051 ARG AAA O   1 ? 
ATOM   633  C  CB  . ARG A 1 73  ? 6.746   4.502   -0.245  1.000 26.029  ? 1051 ARG AAA CB  1 ? 
ATOM   634  C  CG  . ARG A 1 73  ? 8.251   4.472   -0.439  1.000 36.296  ? 1051 ARG AAA CG  1 ? 
ATOM   635  C  CD  . ARG A 1 73  ? 8.756   5.885   -0.741  1.000 44.635  ? 1051 ARG AAA CD  1 ? 
ATOM   636  N  NE  . ARG A 1 73  ? 9.607   5.888   -1.929  1.000 58.703  ? 1051 ARG AAA NE  1 ? 
ATOM   637  C  CZ  . ARG A 1 73  ? 10.825  5.356   -2.010  1.000 64.609  ? 1051 ARG AAA CZ  1 ? 
ATOM   638  N  NH1 . ARG A 1 73  ? 11.497  5.431   -3.146  1.000 72.445  ? 1051 ARG AAA NH1 1 ? 
ATOM   639  N  NH2 . ARG A 1 73  ? 11.367  4.747   -0.969  1.000 69.513  ? 1051 ARG AAA NH2 1 ? 
ATOM   640  N  N   . ASP A 1 74  ? 3.810   3.363   0.319   1.000 17.426  ? 1052 ASP AAA N   1 ? 
ATOM   641  C  CA  . ASP A 1 74  ? 2.493   3.599   0.901   1.000 17.662  ? 1052 ASP AAA CA  1 ? 
ATOM   642  C  C   . ASP A 1 74  ? 2.024   2.384   1.726   1.000 17.444  ? 1052 ASP AAA C   1 ? 
ATOM   643  O  O   . ASP A 1 74  ? 1.373   2.579   2.757   1.000 18.079  ? 1052 ASP AAA O   1 ? 
ATOM   644  C  CB  . ASP A 1 74  ? 1.434   3.986   -0.129  1.000 18.429  ? 1052 ASP AAA CB  1 ? 
ATOM   645  C  CG  . ASP A 1 74  ? 1.498   5.458   -0.533  1.000 20.564  ? 1052 ASP AAA CG  1 ? 
ATOM   646  O  OD1 . ASP A 1 74  ? 2.201   6.224   0.177   1.000 23.678  ? 1052 ASP AAA OD1 1 ? 
ATOM   647  O  OD2 . ASP A 1 74  ? 0.807   5.842   -1.462  1.000 21.566  ? 1052 ASP AAA OD2 1 ? 
ATOM   648  N  N   . ILE A 1 75  ? 2.365   1.174   1.295   1.000 15.931  ? 1053 ILE AAA N   1 ? 
ATOM   649  C  CA  . ILE A 1 75  ? 2.090   0.025   2.130   1.000 17.139  ? 1053 ILE AAA CA  1 ? 
ATOM   650  C  C   . ILE A 1 75  ? 2.834   0.190   3.445   1.000 17.623  ? 1053 ILE AAA C   1 ? 
ATOM   651  O  O   . ILE A 1 75  ? 2.261   -0.081  4.536   1.000 17.723  ? 1053 ILE AAA O   1 ? 
ATOM   652  C  CB  . ILE A 1 75  ? 2.499   -1.271  1.398   1.000 16.559  ? 1053 ILE AAA CB  1 ? 
ATOM   653  C  CG1 . ILE A 1 75  ? 1.660   -1.468  0.134   1.000 17.293  ? 1053 ILE AAA CG1 1 ? 
ATOM   654  C  CG2 . ILE A 1 75  ? 2.355   -2.480  2.345   1.000 18.581  ? 1053 ILE AAA CG2 1 ? 
ATOM   655  C  CD1 . ILE A 1 75  ? 0.164   -1.535  0.339   1.000 18.892  ? 1053 ILE AAA CD1 1 ? 
ATOM   656  N  N   . ASP A 1 76  ? 4.107   0.586   3.414   1.000 17.147  ? 1054 ASP AAA N   1 ? 
ATOM   657  C  CA  . ASP A 1 76  ? 4.900   0.779   4.620   1.000 17.302  ? 1054 ASP AAA CA  1 ? 
ATOM   658  C  C   . ASP A 1 76  ? 4.202   1.822   5.500   1.000 19.259  ? 1054 ASP AAA C   1 ? 
ATOM   659  O  O   . ASP A 1 76  ? 4.261   1.650   6.725   1.000 20.374  ? 1054 ASP AAA O   1 ? 
ATOM   660  C  CB  . ASP A 1 76  ? 6.320   1.258   4.285   1.000 20.276  ? 1054 ASP AAA CB  1 ? 
ATOM   661  C  CG  . ASP A 1 76  ? 7.203   0.194   3.681   1.000 25.682  ? 1054 ASP AAA CG  1 ? 
ATOM   662  O  OD1 . ASP A 1 76  ? 6.942   -0.944  3.882   1.000 28.376  ? 1054 ASP AAA OD1 1 ? 
ATOM   663  O  OD2 . ASP A 1 76  ? 8.255   0.575   3.134   1.000 31.985  ? 1054 ASP AAA OD2 1 ? 
ATOM   664  N  N   . LEU A 1 77  ? 3.562   2.865   4.950   1.000 17.667  ? 1055 LEU AAA N   1 ? 
ATOM   665  C  CA  . LEU A 1 77  ? 2.908   3.875   5.764   1.000 20.720  ? 1055 LEU AAA CA  1 ? 
ATOM   666  C  C   . LEU A 1 77  ? 1.731   3.263   6.509   1.000 21.965  ? 1055 LEU AAA C   1 ? 
ATOM   667  O  O   . LEU A 1 77  ? 1.417   3.649   7.636   1.000 22.659  ? 1055 LEU AAA O   1 ? 
ATOM   668  C  CB  . LEU A 1 77  ? 2.311   4.956   4.873   1.000 26.248  ? 1055 LEU AAA CB  1 ? 
ATOM   669  C  CG  . LEU A 1 77  ? 3.015   6.283   4.708   1.000 31.276  ? 1055 LEU AAA CG  1 ? 
ATOM   670  C  CD1 . LEU A 1 77  ? 2.056   7.164   3.904   1.000 28.722  ? 1055 LEU AAA CD1 1 ? 
ATOM   671  C  CD2 . LEU A 1 77  ? 3.308   6.922   6.101   1.000 26.759  ? 1055 LEU AAA CD2 1 ? 
ATOM   672  N  N   . ILE A 1 78  ? 0.984   2.343   5.878   1.000 21.874  ? 1056 ILE AAA N   1 ? 
ATOM   673  C  CA  . ILE A 1 78  ? -0.157  1.777   6.556   1.000 22.046  ? 1056 ILE AAA CA  1 ? 
ATOM   674  C  C   . ILE A 1 78  ? 0.365   1.108   7.810   1.000 24.512  ? 1056 ILE AAA C   1 ? 
ATOM   675  O  O   . ILE A 1 78  ? -0.250  1.230   8.893   1.000 26.570  ? 1056 ILE AAA O   1 ? 
ATOM   676  C  CB  . ILE A 1 78  ? -0.875  0.754   5.633   1.000 24.035  ? 1056 ILE AAA CB  1 ? 
ATOM   677  C  CG1 . ILE A 1 78  ? -1.533  1.487   4.470   1.000 24.682  ? 1056 ILE AAA CG1 1 ? 
ATOM   678  C  CG2 . ILE A 1 78  ? -1.829  -0.100  6.479   1.000 25.324  ? 1056 ILE AAA CG2 1 ? 
ATOM   679  C  CD1 . ILE A 1 78  ? -2.213  0.594   3.378   1.000 24.231  ? 1056 ILE AAA CD1 1 ? 
ATOM   680  N  N   . CYS A 1 79  ? 1.493   0.406   7.737   1.000 20.589  ? 1057 CYS AAA N   1 ? 
ATOM   681  C  CA  . CYS A 1 79  ? 2.116   -0.297  8.831   1.000 22.804  ? 1057 CYS AAA CA  1 ? 
ATOM   682  C  C   . CYS A 1 79  ? 2.663   0.680   9.883   1.000 24.731  ? 1057 CYS AAA C   1 ? 
ATOM   683  O  O   . CYS A 1 79  ? 2.384   0.587   11.084  1.000 22.477  ? 1057 CYS AAA O   1 ? 
ATOM   684  C  CB  . CYS A 1 79  ? 3.168   -1.278  8.331   1.000 23.941  ? 1057 CYS AAA CB  1 ? 
ATOM   685  S  SG  . CYS A 1 79  ? 4.035   -2.145  9.646   1.000 29.438  ? 1057 CYS AAA SG  1 ? 
ATOM   686  N  N   . SER A 1 80  ? 3.459   1.657   9.449   1.000 19.663  ? 1058 SER AAA N   1 ? 
ATOM   687  C  CA  . SER A 1 80  ? 4.109   2.526   10.412  1.000 20.418  ? 1058 SER AAA CA  1 ? 
ATOM   688  C  C   . SER A 1 80  ? 3.071   3.434   11.059  1.000 19.849  ? 1058 SER AAA C   1 ? 
ATOM   689  O  O   . SER A 1 80  ? 3.260   3.725   12.266  1.000 20.975  ? 1058 SER AAA O   1 ? 
ATOM   690  C  CB  . SER A 1 80  ? 5.254   3.314   9.735   1.000 22.871  ? 1058 SER AAA CB  1 ? 
ATOM   691  O  OG  . SER A 1 80  ? 4.708   4.179   8.764   1.000 23.919  ? 1058 SER AAA OG  1 ? 
ATOM   692  N  N   . ASN A 1 81  ? 1.996   3.824   10.387  1.000 18.803  ? 1059 ASN AAA N   1 ? 
ATOM   693  C  CA  . ASN A 1 81  ? 0.955   4.639   11.006  1.000 19.322  ? 1059 ASN AAA CA  1 ? 
ATOM   694  C  C   . ASN A 1 81  ? 0.335   3.826   12.143  1.000 23.341  ? 1059 ASN AAA C   1 ? 
ATOM   695  O  O   . ASN A 1 81  ? 0.075   4.376   13.206  1.000 22.496  ? 1059 ASN AAA O   1 ? 
ATOM   696  C  CB  . ASN A 1 81  ? -0.142  5.105   10.066  1.000 20.011  ? 1059 ASN AAA CB  1 ? 
ATOM   697  C  CG  . ASN A 1 81  ? 0.332   6.159   9.076   1.000 21.366  ? 1059 ASN AAA CG  1 ? 
ATOM   698  O  OD1 . ASN A 1 81  ? 1.342   6.802   9.363   1.000 22.364  ? 1059 ASN AAA OD1 1 ? 
ATOM   699  N  ND2 . ASN A 1 81  ? -0.451  6.373   8.049   1.000 22.708  ? 1059 ASN AAA ND2 1 ? 
ATOM   700  N  N   . ALA A 1 82  ? 0.121   2.523   11.927  1.000 21.750  ? 1060 ALA AAA N   1 ? 
ATOM   701  C  CA  . ALA A 1 82  ? -0.530  1.759   12.979  1.000 23.102  ? 1060 ALA AAA CA  1 ? 
ATOM   702  C  C   . ALA A 1 82  ? 0.444   1.547   14.138  1.000 21.373  ? 1060 ALA AAA C   1 ? 
ATOM   703  O  O   . ALA A 1 82  ? -0.005  1.581   15.312  1.000 25.979  ? 1060 ALA AAA O   1 ? 
ATOM   704  C  CB  . ALA A 1 82  ? -0.985  0.442   12.368  1.000 25.844  ? 1060 ALA AAA CB  1 ? 
ATOM   705  N  N   . LEU A 1 83  ? 1.739   1.321   13.958  1.000 22.626  ? 1061 LEU AAA N   1 ? 
ATOM   706  C  CA  . LEU A 1 83  ? 2.742   1.242   15.000  1.000 25.038  ? 1061 LEU AAA CA  1 ? 
ATOM   707  C  C   . LEU A 1 83  ? 2.787   2.524   15.822  1.000 29.916  ? 1061 LEU AAA C   1 ? 
ATOM   708  O  O   . LEU A 1 83  ? 2.972   2.477   17.049  1.000 33.953  ? 1061 LEU AAA O   1 ? 
ATOM   709  C  CB  . LEU A 1 83  ? 4.122   0.868   14.468  1.000 29.350  ? 1061 LEU AAA CB  1 ? 
ATOM   710  C  CG  . LEU A 1 83  ? 4.193   -0.370  13.568  1.000 31.182  ? 1061 LEU AAA CG  1 ? 
ATOM   711  C  CD1 . LEU A 1 83  ? 5.650   -0.689  13.263  1.000 34.056  ? 1061 LEU AAA CD1 1 ? 
ATOM   712  C  CD2 . LEU A 1 83  ? 3.536   -1.566  14.255  1.000 35.218  ? 1061 LEU AAA CD2 1 ? 
ATOM   713  N  N   . GLU A 1 84  ? 2.570   3.665   15.158  1.000 25.917  ? 1062 GLU AAA N   1 ? 
ATOM   714  C  CA  . GLU A 1 84  ? 2.668   4.946   15.841  1.000 27.180  ? 1062 GLU AAA CA  1 ? 
ATOM   715  C  C   . GLU A 1 84  ? 1.379   5.245   16.593  1.000 23.890  ? 1062 GLU AAA C   1 ? 
ATOM   716  O  O   . GLU A 1 84  ? 1.447   5.697   17.754  1.000 28.078  ? 1062 GLU AAA O   1 ? 
ATOM   717  C  CB  . GLU A 1 84  ? 2.996   6.077   14.840  1.000 25.502  ? 1062 GLU AAA CB  1 ? 
ATOM   718  C  CG  . GLU A 1 84  ? 2.954   7.453   15.534  1.000 34.572  ? 1062 GLU AAA CG  1 ? 
ATOM   719  C  CD  . GLU A 1 84  ? 3.277   8.694   14.700  1.000 54.517  ? 1062 GLU AAA CD  1 ? 
ATOM   720  O  OE1 . GLU A 1 84  ? 3.325   9.815   15.293  1.000 54.560  ? 1062 GLU AAA OE1 1 ? 
ATOM   721  O  OE2 . GLU A 1 84  ? 3.444   8.555   13.456  1.000 52.318  ? 1062 GLU AAA OE2 1 ? 
ATOM   722  N  N   . TYR A 1 85  ? 0.214   5.047   15.993  1.000 22.890  ? 1063 TYR AAA N   1 ? 
ATOM   723  C  CA  . TYR A 1 85  ? -1.043  5.409   16.598  1.000 22.501  ? 1063 TYR AAA CA  1 ? 
ATOM   724  C  C   . TYR A 1 85  ? -1.440  4.390   17.676  1.000 25.370  ? 1063 TYR AAA C   1 ? 
ATOM   725  O  O   . TYR A 1 85  ? -2.153  4.790   18.586  1.000 26.311  ? 1063 TYR AAA O   1 ? 
ATOM   726  C  CB  . TYR A 1 85  ? -2.180  5.519   15.596  1.000 25.079  ? 1063 TYR AAA CB  1 ? 
ATOM   727  C  CG  . TYR A 1 85  ? -3.397  6.173   16.184  1.000 29.794  ? 1063 TYR AAA CG  1 ? 
ATOM   728  C  CD1 . TYR A 1 85  ? -3.382  7.536   16.470  1.000 31.785  ? 1063 TYR AAA CD1 1 ? 
ATOM   729  C  CD2 . TYR A 1 85  ? -4.537  5.441   16.470  1.000 31.804  ? 1063 TYR AAA CD2 1 ? 
ATOM   730  C  CE1 . TYR A 1 85  ? -4.485  8.151   17.040  1.000 32.347  ? 1063 TYR AAA CE1 1 ? 
ATOM   731  C  CE2 . TYR A 1 85  ? -5.645  6.042   17.041  1.000 34.165  ? 1063 TYR AAA CE2 1 ? 
ATOM   732  C  CZ  . TYR A 1 85  ? -5.611  7.400   17.320  1.000 36.035  ? 1063 TYR AAA CZ  1 ? 
ATOM   733  O  OH  . TYR A 1 85  ? -6.682  8.035   17.883  1.000 45.797  ? 1063 TYR AAA OH  1 ? 
ATOM   734  N  N   . ASN A 1 86  ? -0.977  3.131   17.577  1.000 20.378  ? 1064 ASN AAA N   1 ? 
ATOM   735  C  CA  . ASN A 1 86  ? -1.478  2.078   18.504  1.000 19.460  ? 1064 ASN AAA CA  1 ? 
ATOM   736  C  C   . ASN A 1 86  ? -0.266  1.425   19.127  1.000 21.152  ? 1064 ASN AAA C   1 ? 
ATOM   737  O  O   . ASN A 1 86  ? -0.045  0.247   18.897  1.000 22.521  ? 1064 ASN AAA O   1 ? 
ATOM   738  C  CB  . ASN A 1 86  ? -2.301  1.031   17.717  1.000 19.789  ? 1064 ASN AAA CB  1 ? 
ATOM   739  C  CG  . ASN A 1 86  ? -3.500  1.657   17.070  1.000 23.004  ? 1064 ASN AAA CG  1 ? 
ATOM   740  O  OD1 . ASN A 1 86  ? -4.546  1.857   17.690  1.000 30.134  ? 1064 ASN AAA OD1 1 ? 
ATOM   741  N  ND2 . ASN A 1 86  ? -3.358  2.000   15.791  1.000 24.885  ? 1064 ASN AAA ND2 1 ? 
ATOM   742  N  N   . PRO A 1 87  ? 0.583   2.109   19.943  1.000 21.993  ? 1065 PRO AAA N   1 ? 
ATOM   743  C  CA  . PRO A 1 87  ? 1.811   1.556   20.471  1.000 20.515  ? 1065 PRO AAA CA  1 ? 
ATOM   744  C  C   . PRO A 1 87  ? 1.753   0.837   21.835  1.000 20.791  ? 1065 PRO AAA C   1 ? 
ATOM   745  O  O   . PRO A 1 87  ? 2.798   0.338   22.244  1.000 25.463  ? 1065 PRO AAA O   1 ? 
ATOM   746  C  CB  . PRO A 1 87  ? 2.671   2.829   20.708  1.000 22.853  ? 1065 PRO AAA CB  1 ? 
ATOM   747  C  CG  . PRO A 1 87  ? 1.624   3.820   21.133  1.000 23.295  ? 1065 PRO AAA CG  1 ? 
ATOM   748  C  CD  . PRO A 1 87  ? 0.395   3.546   20.299  1.000 24.342  ? 1065 PRO AAA CD  1 ? 
ATOM   749  N  N   . ASP A 1 88  ? 0.546   0.751   22.393  1.000 23.234  ? 1066 ASP AAA N   1 ? 
ATOM   750  C  CA  . ASP A 1 88  ? 0.385   0.304   23.783  1.000 24.192  ? 1066 ASP AAA CA  1 ? 
ATOM   751  C  C   . ASP A 1 88  ? 0.420   -1.217  23.877  1.000 26.845  ? 1066 ASP AAA C   1 ? 
ATOM   752  O  O   . ASP A 1 88  ? 0.371   -1.970  22.893  1.000 23.594  ? 1066 ASP AAA O   1 ? 
ATOM   753  C  CB  . ASP A 1 88  ? -0.931  0.836   24.317  1.000 23.810  ? 1066 ASP AAA CB  1 ? 
ATOM   754  C  CG  . ASP A 1 88  ? -0.913  2.358   24.500  1.000 31.619  ? 1066 ASP AAA CG  1 ? 
ATOM   755  O  OD1 . ASP A 1 88  ? 0.201   2.978   24.429  1.000 33.491  ? 1066 ASP AAA OD1 1 ? 
ATOM   756  O  OD2 . ASP A 1 88  ? -1.984  2.903   24.717  1.000 38.216  ? 1066 ASP AAA OD2 1 ? 
ATOM   757  N  N   . ARG A 1 89  ? 0.506   -1.714  25.123  1.000 23.419  ? 1067 ARG AAA N   1 ? 
ATOM   758  C  CA  . ARG A 1 89  ? 0.715   -3.137  25.335  1.000 23.861  ? 1067 ARG AAA CA  1 ? 
ATOM   759  C  C   . ARG A 1 89  ? -0.621  -3.872  25.378  1.000 22.132  ? 1067 ARG AAA C   1 ? 
ATOM   760  O  O   . ARG A 1 89  ? -0.592  -5.097  25.319  1.000 23.993  ? 1067 ARG AAA O   1 ? 
ATOM   761  C  CB  . ARG A 1 89  ? 1.576   -3.451  26.580  1.000 26.537  ? 1067 ARG AAA CB  1 ? 
ATOM   762  C  CG  . ARG A 1 89  ? 0.930   -3.262  27.963  1.000 27.166  ? 1067 ARG AAA CG  1 ? 
ATOM   763  C  CD  . ARG A 1 89  ? 0.065   -4.395  28.636  1.000 22.070  ? 1067 ARG AAA CD  1 ? 
ATOM   764  N  NE  . ARG A 1 89  ? 0.686   -5.700  28.459  1.000 25.155  ? 1067 ARG AAA NE  1 ? 
ATOM   765  C  CZ  . ARG A 1 89  ? -0.081  -6.829  28.396  1.000 23.184  ? 1067 ARG AAA CZ  1 ? 
ATOM   766  N  NH1 . ARG A 1 89  ? -1.399  -6.649  28.503  1.000 20.824  ? 1067 ARG AAA NH1 1 ? 
ATOM   767  N  NH2 . ARG A 1 89  ? 0.516   -8.044  28.250  1.000 21.418  ? 1067 ARG AAA NH2 1 ? 
ATOM   768  N  N   . ASP A 1 90  ? -1.706  -3.129  25.402  1.000 21.734  ? 1068 ASP AAA N   1 ? 
ATOM   769  C  CA  . ASP A 1 90  ? -2.996  -3.778  25.544  1.000 27.326  ? 1068 ASP AAA CA  1 ? 
ATOM   770  C  C   . ASP A 1 90  ? -3.353  -4.525  24.270  1.000 26.766  ? 1068 ASP AAA C   1 ? 
ATOM   771  O  O   . ASP A 1 90  ? -2.858  -4.253  23.162  1.000 23.350  ? 1068 ASP AAA O   1 ? 
ATOM   772  C  CB  . ASP A 1 90  ? -4.120  -2.828  25.863  1.000 31.234  ? 1068 ASP AAA CB  1 ? 
ATOM   773  C  CG  . ASP A 1 90  ? -4.338  -1.830  24.762  1.000 36.306  ? 1068 ASP AAA CG  1 ? 
ATOM   774  O  OD1 . ASP A 1 90  ? -3.605  -0.811  24.780  1.000 45.440  ? 1068 ASP AAA OD1 1 ? 
ATOM   775  O  OD2 . ASP A 1 90  ? -5.190  -2.111  23.855  1.000 47.247  ? 1068 ASP AAA OD2 1 ? 
ATOM   776  N  N   . PRO A 1 91  ? -4.222  -5.521  24.387  1.000 21.722  ? 1069 PRO AAA N   1 ? 
ATOM   777  C  CA  . PRO A 1 91  ? -4.469  -6.405  23.267  1.000 20.819  ? 1069 PRO AAA CA  1 ? 
ATOM   778  C  C   . PRO A 1 91  ? -5.076  -5.679  22.070  1.000 19.337  ? 1069 PRO AAA C   1 ? 
ATOM   779  O  O   . PRO A 1 91  ? -4.837  -6.183  20.959  1.000 18.215  ? 1069 PRO AAA O   1 ? 
ATOM   780  C  CB  . PRO A 1 91  ? -5.497  -7.416  23.824  1.000 22.698  ? 1069 PRO AAA CB  1 ? 
ATOM   781  C  CG  . PRO A 1 91  ? -5.267  -7.399  25.335  1.000 27.056  ? 1069 PRO AAA CG  1 ? 
ATOM   782  C  CD  . PRO A 1 91  ? -4.888  -5.962  25.660  1.000 21.511  ? 1069 PRO AAA CD  1 ? 
ATOM   783  N  N   . GLY A 1 92  ? -5.894  -4.657  22.219  1.000 20.948  ? 1070 GLY AAA N   1 ? 
ATOM   784  C  CA  . GLY A 1 92  ? -6.469  -4.019  21.031  1.000 20.966  ? 1070 GLY AAA CA  1 ? 
ATOM   785  C  C   . GLY A 1 92  ? -5.349  -3.406  20.178  1.000 22.720  ? 1070 GLY AAA C   1 ? 
ATOM   786  O  O   . GLY A 1 92  ? -5.308  -3.597  18.949  1.000 22.590  ? 1070 GLY AAA O   1 ? 
ATOM   787  N  N   . ASP A 1 93  ? -4.400  -2.718  20.812  1.000 21.465  ? 1071 ASP AAA N   1 ? 
ATOM   788  C  CA  . ASP A 1 93  ? -3.307  -2.114  20.060  1.000 21.910  ? 1071 ASP AAA CA  1 ? 
ATOM   789  C  C   . ASP A 1 93  ? -2.385  -3.207  19.536  1.000 21.692  ? 1071 ASP AAA C   1 ? 
ATOM   790  O  O   . ASP A 1 93  ? -1.903  -3.130  18.385  1.000 21.170  ? 1071 ASP AAA O   1 ? 
ATOM   791  C  CB  . ASP A 1 93  ? -2.493  -1.158  20.939  1.000 22.437  ? 1071 ASP AAA CB  1 ? 
ATOM   792  C  CG  . ASP A 1 93  ? -3.087  0.232   21.103  1.000 23.428  ? 1071 ASP AAA CG  1 ? 
ATOM   793  O  OD1 . ASP A 1 93  ? -4.292  0.470   20.772  1.000 28.264  ? 1071 ASP AAA OD1 1 ? 
ATOM   794  O  OD2 . ASP A 1 93  ? -2.264  1.114   21.499  1.000 26.974  ? 1071 ASP AAA OD2 1 ? 
ATOM   795  N  N   . ARG A 1 94  ? -2.096  -4.283  20.282  1.000 19.083  ? 1072 ARG AAA N   1 ? 
ATOM   796  C  CA  . ARG A 1 94  ? -1.198  -5.300  19.789  1.000 19.921  ? 1072 ARG AAA CA  1 ? 
ATOM   797  C  C   . ARG A 1 94  ? -1.828  -5.972  18.557  1.000 19.721  ? 1072 ARG AAA C   1 ? 
ATOM   798  O  O   . ARG A 1 94  ? -1.082  -6.335  17.652  1.000 19.779  ? 1072 ARG AAA O   1 ? 
ATOM   799  C  CB  . ARG A 1 94  ? -0.843  -6.339  20.871  1.000 19.897  ? 1072 ARG AAA CB  1 ? 
ATOM   800  C  CG  . ARG A 1 94  ? 0.148   -5.725  21.861  1.000 24.917  ? 1072 ARG AAA CG  1 ? 
ATOM   801  C  CD  . ARG A 1 94  ? 0.639   -6.736  22.885  1.000 29.651  ? 1072 ARG AAA CD  1 ? 
ATOM   802  N  NE  . ARG A 1 94  ? 1.749   -6.200  23.704  1.000 35.311  ? 1072 ARG AAA NE  1 ? 
ATOM   803  C  CZ  . ARG A 1 94  ? 2.198   -6.738  24.849  1.000 47.724  ? 1072 ARG AAA CZ  1 ? 
ATOM   804  N  NH1 . ARG A 1 94  ? 1.632   -7.824  25.350  1.000 56.747  ? 1072 ARG AAA NH1 1 ? 
ATOM   805  N  NH2 . ARG A 1 94  ? 3.219   -6.186  25.491  1.000 44.911  ? 1072 ARG AAA NH2 1 ? 
ATOM   806  N  N   . LEU A 1 95  ? -3.126  -6.207  18.590  1.000 18.899  ? 1073 LEU AAA N   1 ? 
ATOM   807  C  CA  . LEU A 1 95  ? -3.764  -6.887  17.452  1.000 17.513  ? 1073 LEU AAA CA  1 ? 
ATOM   808  C  C   . LEU A 1 95  ? -3.654  -5.991  16.200  1.000 20.082  ? 1073 LEU AAA C   1 ? 
ATOM   809  O  O   . LEU A 1 95  ? -3.309  -6.546  15.135  1.000 19.124  ? 1073 LEU AAA O   1 ? 
ATOM   810  C  CB  . LEU A 1 95  ? -5.224  -7.145  17.760  1.000 18.216  ? 1073 LEU AAA CB  1 ? 
ATOM   811  C  CG  . LEU A 1 95  ? -6.050  -7.802  16.649  1.000 17.986  ? 1073 LEU AAA CG  1 ? 
ATOM   812  C  CD1 . LEU A 1 95  ? -5.483  -9.158  16.232  1.000 19.547  ? 1073 LEU AAA CD1 1 ? 
ATOM   813  C  CD2 . LEU A 1 95  ? -7.523  -7.907  17.069  1.000 21.467  ? 1073 LEU AAA CD2 1 ? 
ATOM   814  N  N   . ILE A 1 96  ? -3.916  -4.684  16.314  1.000 18.924  ? 1074 ILE AAA N   1 ? 
ATOM   815  C  CA  . ILE A 1 96  ? -3.799  -3.803  15.136  1.000 20.981  ? 1074 ILE AAA CA  1 ? 
ATOM   816  C  C   . ILE A 1 96  ? -2.359  -3.795  14.644  1.000 22.754  ? 1074 ILE AAA C   1 ? 
ATOM   817  O  O   . ILE A 1 96  ? -2.100  -3.894  13.428  1.000 20.369  ? 1074 ILE AAA O   1 ? 
ATOM   818  C  CB  . ILE A 1 96  ? -4.323  -2.391  15.445  1.000 22.738  ? 1074 ILE AAA CB  1 ? 
ATOM   819  C  CG1 . ILE A 1 96  ? -5.810  -2.366  15.797  1.000 25.543  ? 1074 ILE AAA CG1 1 ? 
ATOM   820  C  CG2 . ILE A 1 96  ? -4.082  -1.500  14.222  1.000 30.366  ? 1074 ILE AAA CG2 1 ? 
ATOM   821  C  CD1 . ILE A 1 96  ? -6.323  -1.091  16.540  1.000 29.443  ? 1074 ILE AAA CD1 1 ? 
ATOM   822  N  N   . ARG A 1 97  ? -1.361  -3.688  15.503  1.000 19.457  ? 1075 ARG AAA N   1 ? 
ATOM   823  C  CA  . ARG A 1 97  ? 0.028   -3.712  15.074  1.000 20.717  ? 1075 ARG AAA CA  1 ? 
ATOM   824  C  C   . ARG A 1 97  ? 0.342   -5.019  14.356  1.000 21.599  ? 1075 ARG AAA C   1 ? 
ATOM   825  O  O   . ARG A 1 97  ? 1.059   -5.033  13.341  1.000 21.256  ? 1075 ARG AAA O   1 ? 
ATOM   826  C  CB  . ARG A 1 97  ? 1.035   -3.514  16.216  1.000 22.726  ? 1075 ARG AAA CB  1 ? 
ATOM   827  C  CG  . ARG A 1 97  ? 0.870   -2.144  16.844  1.000 22.336  ? 1075 ARG AAA CG  1 ? 
ATOM   828  C  CD  . ARG A 1 97  ? 2.155   -1.840  17.595  1.000 23.368  ? 1075 ARG AAA CD  1 ? 
ATOM   829  N  NE  . ARG A 1 97  ? 2.551   -2.750  18.679  1.000 25.954  ? 1075 ARG AAA NE  1 ? 
ATOM   830  C  CZ  . ARG A 1 97  ? 2.056   -2.720  19.926  1.000 23.923  ? 1075 ARG AAA CZ  1 ? 
ATOM   831  N  NH1 . ARG A 1 97  ? 1.054   -1.936  20.233  1.000 23.815  ? 1075 ARG AAA NH1 1 ? 
ATOM   832  N  NH2 . ARG A 1 97  ? 2.519   -3.575  20.823  1.000 29.018  ? 1075 ARG AAA NH2 1 ? 
ATOM   833  N  N   . HIS A 1 98  ? -0.063  -6.171  14.922  1.000 20.513  ? 1076 HIS AAA N   1 ? 
ATOM   834  C  CA  . HIS A 1 98  ? 0.282   -7.430  14.306  1.000 18.843  ? 1076 HIS AAA CA  1 ? 
ATOM   835  C  C   . HIS A 1 98  ? -0.417  -7.497  12.932  1.000 18.181  ? 1076 HIS AAA C   1 ? 
ATOM   836  O  O   . HIS A 1 98  ? 0.288   -7.962  12.002  1.000 19.706  ? 1076 HIS AAA O   1 ? 
ATOM   837  C  CB  . HIS A 1 98  ? -0.236  -8.590  15.204  1.000 19.557  ? 1076 HIS AAA CB  1 ? 
ATOM   838  C  CG  . HIS A 1 98  ? 0.243   -9.933  14.792  1.000 20.709  ? 1076 HIS AAA CG  1 ? 
ATOM   839  N  ND1 . HIS A 1 98  ? -0.497  -10.747 13.917  1.000 25.396  ? 1076 HIS AAA ND1 1 ? 
ATOM   840  C  CD2 . HIS A 1 98  ? 1.389   -10.596 15.059  1.000 24.223  ? 1076 HIS AAA CD2 1 ? 
ATOM   841  C  CE1 . HIS A 1 98  ? 0.166   -11.871 13.719  1.000 25.595  ? 1076 HIS AAA CE1 1 ? 
ATOM   842  N  NE2 . HIS A 1 98  ? 1.330   -11.809 14.403  1.000 25.733  ? 1076 HIS AAA NE2 1 ? 
ATOM   843  N  N   . ARG A 1 99  ? -1.659  -7.049  12.824  1.000 16.610  ? 1077 ARG AAA N   1 ? 
ATOM   844  C  CA  . ARG A 1 99  ? -2.354  -7.084  11.517  1.000 16.681  ? 1077 ARG AAA CA  1 ? 
ATOM   845  C  C   . ARG A 1 99  ? -1.647  -6.130  10.539  1.000 19.944  ? 1077 ARG AAA C   1 ? 
ATOM   846  O  O   . ARG A 1 99  ? -1.485  -6.486  9.370   1.000 19.043  ? 1077 ARG AAA O   1 ? 
ATOM   847  C  CB  . ARG A 1 99  ? -3.809  -6.698  11.651  1.000 17.259  ? 1077 ARG AAA CB  1 ? 
ATOM   848  C  CG  . ARG A 1 99  ? -4.580  -7.845  12.336  1.000 17.616  ? 1077 ARG AAA CG  1 ? 
ATOM   849  C  CD  . ARG A 1 99  ? -5.928  -7.340  12.719  1.000 18.463  ? 1077 ARG AAA CD  1 ? 
ATOM   850  N  NE  . ARG A 1 99  ? -6.846  -8.440  13.045  1.000 19.603  ? 1077 ARG AAA NE  1 ? 
ATOM   851  C  CZ  . ARG A 1 99  ? -8.103  -8.229  13.401  1.000 20.344  ? 1077 ARG AAA CZ  1 ? 
ATOM   852  N  NH1 . ARG A 1 99  ? -8.586  -7.024  13.621  1.000 22.744  ? 1077 ARG AAA NH1 1 ? 
ATOM   853  N  NH2 . ARG A 1 99  ? -8.871  -9.293  13.620  1.000 24.579  ? 1077 ARG AAA NH2 1 ? 
ATOM   854  N  N   . ALA A 1 100 ? -1.239  -4.936  10.987  1.000 19.784  ? 1078 ALA AAA N   1 ? 
ATOM   855  C  CA  . ALA A 1 100 ? -0.622  -3.975  10.065  1.000 21.195  ? 1078 ALA AAA CA  1 ? 
ATOM   856  C  C   . ALA A 1 100 ? 0.716   -4.509  9.605   1.000 20.698  ? 1078 ALA AAA C   1 ? 
ATOM   857  O  O   . ALA A 1 100 ? 1.013   -4.373  8.369   1.000 23.946  ? 1078 ALA AAA O   1 ? 
ATOM   858  C  CB  . ALA A 1 100 ? -0.412  -2.644  10.804  1.000 23.287  ? 1078 ALA AAA CB  1 ? 
ATOM   859  N  N   . CYS A 1 101 ? 1.516   -5.148  10.424  1.000 24.328  ? 1079 CYS AAA N   1 ? 
ATOM   860  C  CA  . CYS A 1 101 ? 2.795   -5.761  10.098  1.000 25.064  ? 1079 CYS AAA CA  1 ? 
ATOM   861  C  C   . CYS A 1 101 ? 2.558   -6.924  9.143   1.000 23.677  ? 1079 CYS AAA C   1 ? 
ATOM   862  O  O   . CYS A 1 101 ? 3.355   -7.141  8.226   1.000 23.056  ? 1079 CYS AAA O   1 ? 
ATOM   863  C  CB  . CYS A 1 101 ? 3.594   -6.312  11.281  1.000 31.557  ? 1079 CYS AAA CB  1 ? 
ATOM   864  S  SG  . CYS A 1 101 ? 4.452   -5.000  12.209  1.000 41.023  ? 1079 CYS AAA SG  1 ? 
ATOM   865  N  N   . ALA A 1 102 ? 1.492   -7.689  9.400   1.000 20.732  ? 1080 ALA AAA N   1 ? 
ATOM   866  C  CA  . ALA A 1 102 ? 1.198   -8.813  8.533   1.000 18.650  ? 1080 ALA AAA CA  1 ? 
ATOM   867  C  C   . ALA A 1 102 ? 0.777   -8.314  7.153   1.000 18.887  ? 1080 ALA AAA C   1 ? 
ATOM   868  O  O   . ALA A 1 102 ? 1.111   -8.981  6.179   1.000 17.377  ? 1080 ALA AAA O   1 ? 
ATOM   869  C  CB  . ALA A 1 102 ? 0.138   -9.721  9.144   1.000 18.284  ? 1080 ALA AAA CB  1 ? 
ATOM   870  N  N   A LEU A 1 103 ? 0.075   -7.195  7.065   0.500 18.309  ? 1081 LEU AAA N   1 ? 
ATOM   871  N  N   B LEU A 1 103 ? -0.003  -7.210  7.090   0.500 16.870  ? 1081 LEU AAA N   1 ? 
ATOM   872  C  CA  A LEU A 1 103 ? -0.260  -6.650  5.754   0.500 17.025  ? 1081 LEU AAA CA  1 ? 
ATOM   873  C  CA  B LEU A 1 103 ? -0.433  -6.638  5.804   0.500 14.750  ? 1081 LEU AAA CA  1 ? 
ATOM   874  C  C   A LEU A 1 103 ? 1.046   -6.389  5.008   0.500 17.569  ? 1081 LEU AAA C   1 ? 
ATOM   875  C  C   B LEU A 1 103 ? 0.802   -6.195  5.015   0.500 15.554  ? 1081 LEU AAA C   1 ? 
ATOM   876  O  O   A LEU A 1 103 ? 1.334   -6.787  3.861   0.500 13.817  ? 1081 LEU AAA O   1 ? 
ATOM   877  O  O   B LEU A 1 103 ? 0.792   -6.506  3.808   0.500 14.985  ? 1081 LEU AAA O   1 ? 
ATOM   878  C  CB  A LEU A 1 103 ? -0.892  -5.297  6.064   0.500 17.916  ? 1081 LEU AAA CB  1 ? 
ATOM   879  C  CB  B LEU A 1 103 ? -1.519  -5.554  5.946   0.500 14.188  ? 1081 LEU AAA CB  1 ? 
ATOM   880  C  CG  A LEU A 1 103 ? -1.157  -4.488  4.803   0.500 21.631  ? 1081 LEU AAA CG  1 ? 
ATOM   881  C  CG  B LEU A 1 103 ? -1.942  -4.793  4.675   0.500 15.369  ? 1081 LEU AAA CG  1 ? 
ATOM   882  C  CD1 A LEU A 1 103 ? -2.277  -5.170  4.043   0.500 21.948  ? 1081 LEU AAA CD1 1 ? 
ATOM   883  C  CD1 B LEU A 1 103 ? -3.200  -4.003  4.934   0.500 16.638  ? 1081 LEU AAA CD1 1 ? 
ATOM   884  C  CD2 A LEU A 1 103 ? -1.525  -3.059  5.161   0.500 22.319  ? 1081 LEU AAA CD2 1 ? 
ATOM   885  C  CD2 B LEU A 1 103 ? -0.841  -3.852  4.152   0.500 15.837  ? 1081 LEU AAA CD2 1 ? 
ATOM   886  N  N   . ARG A 1 104 ? 1.856   -5.598  5.656   1.000 17.400  ? 1082 ARG AAA N   1 ? 
ATOM   887  C  CA  . ARG A 1 104 ? 3.102   -5.210  5.020   1.000 19.264  ? 1082 ARG AAA CA  1 ? 
ATOM   888  C  C   . ARG A 1 104 ? 3.879   -6.441  4.588   1.000 19.467  ? 1082 ARG AAA C   1 ? 
ATOM   889  O  O   . ARG A 1 104 ? 4.347   -6.521  3.419   1.000 18.960  ? 1082 ARG AAA O   1 ? 
ATOM   890  C  CB  . ARG A 1 104 ? 3.882   -4.251  5.931   1.000 22.357  ? 1082 ARG AAA CB  1 ? 
ATOM   891  C  CG  . ARG A 1 104 ? 5.324   -4.019  5.493   1.000 24.790  ? 1082 ARG AAA CG  1 ? 
ATOM   892  C  CD  . ARG A 1 104 ? 5.907   -2.927  6.375   1.000 31.175  ? 1082 ARG AAA CD  1 ? 
ATOM   893  N  NE  . ARG A 1 104 ? 7.187   -2.563  5.768   1.000 41.166  ? 1082 ARG AAA NE  1 ? 
ATOM   894  C  CZ  . ARG A 1 104 ? 8.355   -3.119  6.091   1.000 50.065  ? 1082 ARG AAA CZ  1 ? 
ATOM   895  N  NH1 . ARG A 1 104 ? 8.391   -4.050  7.033   1.000 49.483  ? 1082 ARG AAA NH1 1 ? 
ATOM   896  N  NH2 . ARG A 1 104 ? 9.465   -2.759  5.462   1.000 42.877  ? 1082 ARG AAA NH2 1 ? 
ATOM   897  N  N   . ASP A 1 105 ? 4.029   -7.450  5.473   1.000 19.077  ? 1083 ASP AAA N   1 ? 
ATOM   898  C  CA  . ASP A 1 105 ? 4.815   -8.617  5.133   1.000 18.449  ? 1083 ASP AAA CA  1 ? 
ATOM   899  C  C   . ASP A 1 105 ? 4.153   -9.384  3.980   1.000 17.322  ? 1083 ASP AAA C   1 ? 
ATOM   900  O  O   . ASP A 1 105 ? 4.888   -9.944  3.142   1.000 18.982  ? 1083 ASP AAA O   1 ? 
ATOM   901  C  CB  . ASP A 1 105 ? 5.010   -9.587  6.302   1.000 23.176  ? 1083 ASP AAA CB  1 ? 
ATOM   902  C  CG  . ASP A 1 105 ? 5.817   -8.969  7.439   1.000 28.715  ? 1083 ASP AAA CG  1 ? 
ATOM   903  O  OD1 . ASP A 1 105 ? 6.544   -7.951  7.241   1.000 29.561  ? 1083 ASP AAA OD1 1 ? 
ATOM   904  O  OD2 . ASP A 1 105 ? 5.604   -9.484  8.562   1.000 31.967  ? 1083 ASP AAA OD2 1 ? 
ATOM   905  N  N   . THR A 1 106 ? 2.821   -9.426  3.971   1.000 15.846  ? 1084 THR AAA N   1 ? 
ATOM   906  C  CA  . THR A 1 106 ? 2.146   -10.130 2.892   1.000 16.622  ? 1084 THR AAA CA  1 ? 
ATOM   907  C  C   . THR A 1 106 ? 2.372   -9.410  1.546   1.000 16.842  ? 1084 THR AAA C   1 ? 
ATOM   908  O  O   . THR A 1 106 ? 2.608   -10.090 0.538   1.000 16.169  ? 1084 THR AAA O   1 ? 
ATOM   909  C  CB  . THR A 1 106 ? 0.656   -10.251 3.177   1.000 17.311  ? 1084 THR AAA CB  1 ? 
ATOM   910  O  OG1 . THR A 1 106 ? 0.491   -11.012 4.401   1.000 18.579  ? 1084 THR AAA OG1 1 ? 
ATOM   911  C  CG2 . THR A 1 106 ? -0.111  -10.948 2.067   1.000 18.275  ? 1084 THR AAA CG2 1 ? 
ATOM   912  N  N   . ALA A 1 107 ? 2.258   -8.081  1.529   1.000 15.631  ? 1085 ALA AAA N   1 ? 
ATOM   913  C  CA  . ALA A 1 107 ? 2.495   -7.370  0.278   1.000 14.897  ? 1085 ALA AAA CA  1 ? 
ATOM   914  C  C   . ALA A 1 107 ? 3.913   -7.626  -0.191  1.000 16.619  ? 1085 ALA AAA C   1 ? 
ATOM   915  O  O   . ALA A 1 107 ? 4.138   -7.912  -1.386  1.000 16.209  ? 1085 ALA AAA O   1 ? 
ATOM   916  C  CB  . ALA A 1 107 ? 2.257   -5.891  0.494   1.000 15.813  ? 1085 ALA AAA CB  1 ? 
ATOM   917  N  N   . TYR A 1 108 ? 4.913   -7.540  0.681   1.000 15.864  ? 1086 TYR AAA N   1 ? 
ATOM   918  C  CA  . TYR A 1 108 ? 6.291   -7.801  0.269   1.000 16.645  ? 1086 TYR AAA CA  1 ? 
ATOM   919  C  C   . TYR A 1 108 ? 6.461   -9.234  -0.212  1.000 17.275  ? 1086 TYR AAA C   1 ? 
ATOM   920  O  O   . TYR A 1 108 ? 7.214   -9.431  -1.172  1.000 17.876  ? 1086 TYR AAA O   1 ? 
ATOM   921  C  CB  . TYR A 1 108 ? 7.303   -7.528  1.402   1.000 17.899  ? 1086 TYR AAA CB  1 ? 
ATOM   922  C  CG  . TYR A 1 108 ? 7.662   -6.059  1.502   1.000 18.152  ? 1086 TYR AAA CG  1 ? 
ATOM   923  C  CD1 . TYR A 1 108 ? 6.840   -5.104  2.076   1.000 19.448  ? 1086 TYR AAA CD1 1 ? 
ATOM   924  C  CD2 . TYR A 1 108 ? 8.853   -5.600  0.945   1.000 21.163  ? 1086 TYR AAA CD2 1 ? 
ATOM   925  C  CE1 . TYR A 1 108 ? 7.225   -3.769  2.201   1.000 19.326  ? 1086 TYR AAA CE1 1 ? 
ATOM   926  C  CE2 . TYR A 1 108 ? 9.258   -4.273  1.044   1.000 20.996  ? 1086 TYR AAA CE2 1 ? 
ATOM   927  C  CZ  . TYR A 1 108 ? 8.421   -3.348  1.656   1.000 22.396  ? 1086 TYR AAA CZ  1 ? 
ATOM   928  O  OH  . TYR A 1 108 ? 8.824   -2.040  1.784   1.000 23.009  ? 1086 TYR AAA OH  1 ? 
ATOM   929  N  N   . ALA A 1 109 ? 5.797   -10.211 0.416   1.000 16.843  ? 1087 ALA AAA N   1 ? 
ATOM   930  C  CA  . ALA A 1 109 ? 5.970   -11.595 0.003   1.000 17.921  ? 1087 ALA AAA CA  1 ? 
ATOM   931  C  C   . ALA A 1 109 ? 5.335   -11.828 -1.376  1.000 17.615  ? 1087 ALA AAA C   1 ? 
ATOM   932  O  O   . ALA A 1 109 ? 5.885   -12.569 -2.186  1.000 18.230  ? 1087 ALA AAA O   1 ? 
ATOM   933  C  CB  . ALA A 1 109 ? 5.381   -12.531 1.058   1.000 20.024  ? 1087 ALA AAA CB  1 ? 
ATOM   934  N  N   . ILE A 1 110 ? 4.164   -11.259 -1.639  1.000 16.210  ? 1088 ILE AAA N   1 ? 
ATOM   935  C  CA  . ILE A 1 110 ? 3.539   -11.441 -2.958  1.000 15.934  ? 1088 ILE AAA CA  1 ? 
ATOM   936  C  C   . ILE A 1 110 ? 4.465   -10.801 -3.988  1.000 16.616  ? 1088 ILE AAA C   1 ? 
ATOM   937  O  O   . ILE A 1 110 ? 4.695   -11.403 -5.054  1.000 17.266  ? 1088 ILE AAA O   1 ? 
ATOM   938  C  CB  . ILE A 1 110 ? 2.167   -10.730 -2.976  1.000 15.973  ? 1088 ILE AAA CB  1 ? 
ATOM   939  C  CG1 . ILE A 1 110 ? 1.154   -11.507 -2.136  1.000 17.202  ? 1088 ILE AAA CG1 1 ? 
ATOM   940  C  CG2 . ILE A 1 110 ? 1.671   -10.653 -4.435  1.000 16.904  ? 1088 ILE AAA CG2 1 ? 
ATOM   941  C  CD1 . ILE A 1 110 ? -0.158  -10.792 -1.904  1.000 17.482  ? 1088 ILE AAA CD1 1 ? 
ATOM   942  N  N   . ILE A 1 111 ? 5.003   -9.617  -3.729  1.000 16.439  ? 1089 ILE AAA N   1 ? 
ATOM   943  C  CA  . ILE A 1 111 ? 5.876   -8.953  -4.685  1.000 17.530  ? 1089 ILE AAA CA  1 ? 
ATOM   944  C  C   . ILE A 1 111 ? 7.160   -9.766  -4.884  1.000 18.945  ? 1089 ILE AAA C   1 ? 
ATOM   945  O  O   . ILE A 1 111 ? 7.604   -9.997  -6.021  1.000 18.984  ? 1089 ILE AAA O   1 ? 
ATOM   946  C  CB  . ILE A 1 111 ? 6.069   -7.495  -4.245  1.000 19.958  ? 1089 ILE AAA CB  1 ? 
ATOM   947  C  CG1 . ILE A 1 111 ? 4.772   -6.733  -4.609  1.000 21.995  ? 1089 ILE AAA CG1 1 ? 
ATOM   948  C  CG2 . ILE A 1 111 ? 7.358   -6.896  -4.830  1.000 24.973  ? 1089 ILE AAA CG2 1 ? 
ATOM   949  C  CD1 . ILE A 1 111 ? 4.525   -5.417  -3.807  1.000 24.659  ? 1089 ILE AAA CD1 1 ? 
ATOM   950  N  N   . LYS A 1 112 ? 7.702   -10.367 -3.806  1.000 19.094  ? 1090 LYS AAA N   1 ? 
ATOM   951  C  CA  . LYS A 1 112 ? 8.945   -11.132 -3.995  1.000 21.638  ? 1090 LYS AAA CA  1 ? 
ATOM   952  C  C   . LYS A 1 112 ? 8.666   -12.303 -4.945  1.000 20.749  ? 1090 LYS AAA C   1 ? 
ATOM   953  O  O   . LYS A 1 112 ? 9.515   -12.634 -5.785  1.000 24.299  ? 1090 LYS AAA O   1 ? 
ATOM   954  C  CB  . LYS A 1 112 ? 9.407   -11.588 -2.604  1.000 23.351  ? 1090 LYS AAA CB  1 ? 
ATOM   955  C  CG  . LYS A 1 112 ? 10.692  -12.424 -2.639  1.000 31.105  ? 1090 LYS AAA CG  1 ? 
ATOM   956  C  CD  . LYS A 1 112 ? 11.056  -12.983 -1.256  1.000 39.711  ? 1090 LYS AAA CD  1 ? 
ATOM   957  C  CE  . LYS A 1 112 ? 12.340  -13.797 -1.261  1.000 47.439  ? 1090 LYS AAA CE  1 ? 
ATOM   958  N  NZ  . LYS A 1 112 ? 13.485  -12.910 -1.568  1.000 52.750  ? 1090 LYS AAA NZ  1 ? 
ATOM   959  N  N   . GLU A 1 113 ? 7.504   -12.935 -4.826  1.000 19.587  ? 1091 GLU AAA N   1 ? 
ATOM   960  C  CA  . GLU A 1 113 ? 7.201   -14.143 -5.586  1.000 19.333  ? 1091 GLU AAA CA  1 ? 
ATOM   961  C  C   . GLU A 1 113 ? 6.723   -13.817 -7.000  1.000 20.493  ? 1091 GLU AAA C   1 ? 
ATOM   962  O  O   . GLU A 1 113 ? 6.833   -14.711 -7.866  1.000 22.278  ? 1091 GLU AAA O   1 ? 
ATOM   963  C  CB  . GLU A 1 113 ? 6.061   -14.921 -4.924  1.000 25.094  ? 1091 GLU AAA CB  1 ? 
ATOM   964  C  CG  . GLU A 1 113 ? 6.503   -15.675 -3.665  1.000 35.053  ? 1091 GLU AAA CG  1 ? 
ATOM   965  C  CD  . GLU A 1 113 ? 5.601   -16.869 -3.394  1.000 46.210  ? 1091 GLU AAA CD  1 ? 
ATOM   966  O  OE1 . GLU A 1 113 ? 4.370   -16.664 -3.321  1.000 42.947  ? 1091 GLU AAA OE1 1 ? 
ATOM   967  O  OE2 . GLU A 1 113 ? 6.118   -18.010 -3.301  1.000 51.221  ? 1091 GLU AAA OE2 1 ? 
ATOM   968  N  N   . GLU A 1 114 ? 6.125   -12.624 -7.237  1.000 16.972  ? 1092 GLU AAA N   1 ? 
ATOM   969  C  CA  . GLU A 1 114 ? 5.370   -12.431 -8.476  1.000 17.517  ? 1092 GLU AAA CA  1 ? 
ATOM   970  C  C   . GLU A 1 114 ? 5.859   -11.222 -9.290  1.000 17.419  ? 1092 GLU AAA C   1 ? 
ATOM   971  O  O   . GLU A 1 114 ? 5.435   -11.091 -10.428 1.000 20.224  ? 1092 GLU AAA O   1 ? 
ATOM   972  C  CB  . GLU A 1 114 ? 3.876   -12.208 -8.165  1.000 15.824  ? 1092 GLU AAA CB  1 ? 
ATOM   973  C  CG  . GLU A 1 114 ? 3.306   -13.419 -7.436  1.000 17.672  ? 1092 GLU AAA CG  1 ? 
ATOM   974  C  CD  . GLU A 1 114 ? 1.852   -13.290 -7.060  1.000 18.143  ? 1092 GLU AAA CD  1 ? 
ATOM   975  O  OE1 . GLU A 1 114 ? 1.070   -12.577 -7.694  1.000 18.341  ? 1092 GLU AAA OE1 1 ? 
ATOM   976  O  OE2 . GLU A 1 114 ? 1.489   -13.992 -6.049  1.000 18.945  ? 1092 GLU AAA OE2 1 ? 
ATOM   977  N  N   . LEU A 1 115 ? 6.668   -10.333 -8.761  1.000 18.256  ? 1093 LEU AAA N   1 ? 
ATOM   978  C  CA  . LEU A 1 115 ? 7.183   -9.197  -9.536  1.000 17.541  ? 1093 LEU AAA CA  1 ? 
ATOM   979  C  C   . LEU A 1 115 ? 8.487   -9.642  -10.192 1.000 19.536  ? 1093 LEU AAA C   1 ? 
ATOM   980  O  O   . LEU A 1 115 ? 9.453   -10.006 -9.504  1.000 21.482  ? 1093 LEU AAA O   1 ? 
ATOM   981  C  CB  . LEU A 1 115 ? 7.501   -8.053  -8.568  1.000 19.024  ? 1093 LEU AAA CB  1 ? 
ATOM   982  C  CG  . LEU A 1 115 ? 8.278   -6.865  -9.167  1.000 21.304  ? 1093 LEU AAA CG  1 ? 
ATOM   983  C  CD1 . LEU A 1 115 ? 7.489   -6.242  -10.295 1.000 21.401  ? 1093 LEU AAA CD1 1 ? 
ATOM   984  C  CD2 . LEU A 1 115 ? 8.645   -5.815  -8.113  1.000 21.244  ? 1093 LEU AAA CD2 1 ? 
ATOM   985  N  N   . ASP A 1 116 ? 8.562   -9.496  -11.521 1.000 18.511  ? 1094 ASP AAA N   1 ? 
ATOM   986  C  CA  . ASP A 1 116 ? 9.867   -9.716  -12.136 1.000 19.778  ? 1094 ASP AAA CA  1 ? 
ATOM   987  C  C   . ASP A 1 116 ? 10.783  -8.516  -11.884 1.000 18.604  ? 1094 ASP AAA C   1 ? 
ATOM   988  O  O   . ASP A 1 116 ? 10.396  -7.375  -12.138 1.000 19.003  ? 1094 ASP AAA O   1 ? 
ATOM   989  C  CB  . ASP A 1 116 ? 9.599   -9.880  -13.630 1.000 20.794  ? 1094 ASP AAA CB  1 ? 
ATOM   990  C  CG  . ASP A 1 116 ? 10.828  -10.344 -14.404 1.000 26.033  ? 1094 ASP AAA CG  1 ? 
ATOM   991  O  OD1 . ASP A 1 116 ? 11.902  -9.722  -14.299 1.000 28.481  ? 1094 ASP AAA OD1 1 ? 
ATOM   992  O  OD2 . ASP A 1 116 ? 10.730  -11.395 -15.055 1.000 27.751  ? 1094 ASP AAA OD2 1 ? 
ATOM   993  N  N   . GLU A 1 117 ? 12.018  -8.791  -11.431 1.000 20.871  ? 1095 GLU AAA N   1 ? 
ATOM   994  C  CA  . GLU A 1 117 ? 12.945  -7.723  -11.085 1.000 20.386  ? 1095 GLU AAA CA  1 ? 
ATOM   995  C  C   . GLU A 1 117 ? 13.296  -6.839  -12.291 1.000 21.143  ? 1095 GLU AAA C   1 ? 
ATOM   996  O  O   . GLU A 1 117 ? 13.561  -5.642  -12.105 1.000 21.598  ? 1095 GLU AAA O   1 ? 
ATOM   997  C  CB  . GLU A 1 117 ? 14.249  -8.286  -10.502 1.000 26.763  ? 1095 GLU AAA CB  1 ? 
ATOM   998  C  CG  . GLU A 1 117 ? 14.107  -8.871  -9.105  1.000 46.045  ? 1095 GLU AAA CG  1 ? 
ATOM   999  C  CD  . GLU A 1 117 ? 15.369  -9.565  -8.593  1.000 58.823  ? 1095 GLU AAA CD  1 ? 
ATOM   1000 O  OE1 . GLU A 1 117 ? 16.491  -9.249  -9.103  1.000 60.052  ? 1095 GLU AAA OE1 1 ? 
ATOM   1001 O  OE2 . GLU A 1 117 ? 15.231  -10.441 -7.702  1.000 68.054  ? 1095 GLU AAA OE2 1 ? 
ATOM   1002 N  N   . ASP A 1 118 ? 13.288  -7.457  -13.491 1.000 20.768  ? 1096 ASP AAA N   1 ? 
ATOM   1003 C  CA  . ASP A 1 118 ? 13.599  -6.664  -14.673 1.000 19.583  ? 1096 ASP AAA CA  1 ? 
ATOM   1004 C  C   . ASP A 1 118 ? 12.450  -5.752  -15.072 1.000 18.802  ? 1096 ASP AAA C   1 ? 
ATOM   1005 O  O   . ASP A 1 118 ? 12.638  -4.720  -15.694 1.000 19.583  ? 1096 ASP AAA O   1 ? 
ATOM   1006 C  CB  . ASP A 1 118 ? 13.965  -7.577  -15.839 1.000 20.454  ? 1096 ASP AAA CB  1 ? 
ATOM   1007 C  CG  . ASP A 1 118 ? 15.324  -8.219  -15.647 1.000 26.136  ? 1096 ASP AAA CG  1 ? 
ATOM   1008 O  OD1 . ASP A 1 118 ? 16.159  -7.666  -14.886 1.000 26.893  ? 1096 ASP AAA OD1 1 ? 
ATOM   1009 O  OD2 . ASP A 1 118 ? 15.465  -9.322  -16.169 1.000 34.465  ? 1096 ASP AAA OD2 1 ? 
ATOM   1010 N  N   . PHE A 1 119 ? 11.211  -6.117  -14.674 1.000 18.149  ? 1097 PHE AAA N   1 ? 
ATOM   1011 C  CA  . PHE A 1 119 ? 10.073  -5.256  -14.921 1.000 17.021  ? 1097 PHE AAA CA  1 ? 
ATOM   1012 C  C   . PHE A 1 119 ? 10.174  -4.047  -13.978 1.000 17.468  ? 1097 PHE AAA C   1 ? 
ATOM   1013 O  O   . PHE A 1 119 ? 9.986   -2.917  -14.415 1.000 17.551  ? 1097 PHE AAA O   1 ? 
ATOM   1014 C  CB  . PHE A 1 119 ? 8.780   -6.058  -14.679 1.000 17.510  ? 1097 PHE AAA CB  1 ? 
ATOM   1015 C  CG  . PHE A 1 119 ? 7.553   -5.225  -14.923 1.000 16.534  ? 1097 PHE AAA CG  1 ? 
ATOM   1016 C  CD1 . PHE A 1 119 ? 7.012   -5.035  -16.211 1.000 17.771  ? 1097 PHE AAA CD1 1 ? 
ATOM   1017 C  CD2 . PHE A 1 119 ? 7.001   -4.519  -13.856 1.000 16.536  ? 1097 PHE AAA CD2 1 ? 
ATOM   1018 C  CE1 . PHE A 1 119 ? 5.933   -4.200  -16.415 1.000 18.367  ? 1097 PHE AAA CE1 1 ? 
ATOM   1019 C  CE2 . PHE A 1 119 ? 5.933   -3.671  -14.067 1.000 16.450  ? 1097 PHE AAA CE2 1 ? 
ATOM   1020 C  CZ  . PHE A 1 119 ? 5.400   -3.516  -15.337 1.000 17.520  ? 1097 PHE AAA CZ  1 ? 
ATOM   1021 N  N   . GLU A 1 120 ? 10.508  -4.311  -12.705 1.000 18.283  ? 1098 GLU AAA N   1 ? 
ATOM   1022 C  CA  . GLU A 1 120 ? 10.645  -3.174  -11.801 1.000 19.219  ? 1098 GLU AAA CA  1 ? 
ATOM   1023 C  C   . GLU A 1 120 ? 11.785  -2.273  -12.274 1.000 18.493  ? 1098 GLU AAA C   1 ? 
ATOM   1024 O  O   . GLU A 1 120 ? 11.654  -1.068  -12.181 1.000 18.438  ? 1098 GLU AAA O   1 ? 
ATOM   1025 C  CB  . GLU A 1 120 ? 10.908  -3.712  -10.391 1.000 20.891  ? 1098 GLU AAA CB  1 ? 
ATOM   1026 C  CG  . GLU A 1 120 ? 11.236  -2.630  -9.388  1.000 21.602  ? 1098 GLU AAA CG  1 ? 
ATOM   1027 C  CD  . GLU A 1 120 ? 10.131  -1.606  -9.105  1.000 22.396  ? 1098 GLU AAA CD  1 ? 
ATOM   1028 O  OE1 . GLU A 1 120 ? 9.054   -1.673  -9.699  1.000 24.035  ? 1098 GLU AAA OE1 1 ? 
ATOM   1029 O  OE2 . GLU A 1 120 ? 10.391  -0.652  -8.281  1.000 26.527  ? 1098 GLU AAA OE2 1 ? 
ATOM   1030 N  N   . GLN A 1 121 ? 12.901  -2.894  -12.707 1.000 18.879  ? 1099 GLN AAA N   1 ? 
ATOM   1031 C  CA  . GLN A 1 121 ? 14.044  -2.082  -13.131 1.000 21.127  ? 1099 GLN AAA CA  1 ? 
ATOM   1032 C  C   . GLN A 1 121 ? 13.664  -1.209  -14.323 1.000 20.868  ? 1099 GLN AAA C   1 ? 
ATOM   1033 O  O   . GLN A 1 121 ? 14.006  -0.026  -14.396 1.000 21.556  ? 1099 GLN AAA O   1 ? 
ATOM   1034 C  CB  . GLN A 1 121 ? 15.192  -3.018  -13.474 1.000 21.763  ? 1099 GLN AAA CB  1 ? 
ATOM   1035 C  CG  . GLN A 1 121 ? 16.466  -2.209  -13.802 1.000 23.184  ? 1099 GLN AAA CG  1 ? 
ATOM   1036 C  CD  . GLN A 1 121 ? 16.997  -1.477  -12.595 1.000 29.674  ? 1099 GLN AAA CD  1 ? 
ATOM   1037 O  OE1 . GLN A 1 121 ? 16.869  -1.945  -11.463 1.000 33.281  ? 1099 GLN AAA OE1 1 ? 
ATOM   1038 N  NE2 . GLN A 1 121 ? 17.537  -0.295  -12.833 1.000 30.529  ? 1099 GLN AAA NE2 1 ? 
ATOM   1039 N  N   . LEU A 1 122 ? 12.911  -1.757  -15.288 1.000 18.310  ? 1100 LEU AAA N   1 ? 
ATOM   1040 C  CA  . LEU A 1 122 ? 12.399  -0.966  -16.386 1.000 19.815  ? 1100 LEU AAA CA  1 ? 
ATOM   1041 C  C   . LEU A 1 122 ? 11.567  0.234   -15.916 1.000 22.061  ? 1100 LEU AAA C   1 ? 
ATOM   1042 O  O   . LEU A 1 122 ? 11.705  1.380   -16.416 1.000 20.829  ? 1100 LEU AAA O   1 ? 
ATOM   1043 C  CB  . LEU A 1 122 ? 11.644  -1.867  -17.378 1.000 20.155  ? 1100 LEU AAA CB  1 ? 
ATOM   1044 C  CG  . LEU A 1 122 ? 10.965  -1.118  -18.531 1.000 20.222  ? 1100 LEU AAA CG  1 ? 
ATOM   1045 C  CD1 . LEU A 1 122 ? 12.002  -0.362  -19.422 1.000 22.210  ? 1100 LEU AAA CD1 1 ? 
ATOM   1046 C  CD2 . LEU A 1 122 ? 10.180  -2.091  -19.395 1.000 22.495  ? 1100 LEU AAA CD2 1 ? 
ATOM   1047 N  N   . CYS A 1 123 ? 10.594  -0.025  -14.995 1.000 20.143  ? 1101 CYS AAA N   1 ? 
ATOM   1048 C  CA  . CYS A 1 123 ? 9.780   1.084   -14.492 1.000 20.239  ? 1101 CYS AAA CA  1 ? 
ATOM   1049 C  C   . CYS A 1 123 ? 10.688  2.162   -13.880 1.000 20.293  ? 1101 CYS AAA C   1 ? 
ATOM   1050 O  O   . CYS A 1 123 ? 10.395  3.348   -14.059 1.000 21.746  ? 1101 CYS AAA O   1 ? 
ATOM   1051 C  CB  . CYS A 1 123 ? 8.798   0.577   -13.427 1.000 18.149  ? 1101 CYS AAA CB  1 ? 
ATOM   1052 S  SG  . CYS A 1 123 ? 7.478   -0.483  -14.088 1.000 19.444  ? 1101 CYS AAA SG  1 ? 
ATOM   1053 N  N   . GLU A 1 124 ? 11.658  1.730   -13.085 1.000 20.280  ? 1102 GLU AAA N   1 ? 
ATOM   1054 C  CA  . GLU A 1 124 ? 12.585  2.660   -12.416 1.000 23.481  ? 1102 GLU AAA CA  1 ? 
ATOM   1055 C  C   . GLU A 1 124 ? 13.296  3.513   -13.471 1.000 26.251  ? 1102 GLU AAA C   1 ? 
ATOM   1056 O  O   . GLU A 1 124 ? 13.431  4.734   -13.326 1.000 29.318  ? 1102 GLU AAA O   1 ? 
ATOM   1057 C  CB  . GLU A 1 124 ? 13.520  1.925   -11.449 1.000 23.449  ? 1102 GLU AAA CB  1 ? 
ATOM   1058 C  CG  . GLU A 1 124 ? 12.767  1.338   -10.228 1.000 29.947  ? 1102 GLU AAA CG  1 ? 
ATOM   1059 C  CD  . GLU A 1 124 ? 13.526  0.669   -9.080  1.000 39.808  ? 1102 GLU AAA CD  1 ? 
ATOM   1060 O  OE1 . GLU A 1 124 ? 14.753  0.867   -9.040  1.000 45.576  ? 1102 GLU AAA OE1 1 ? 
ATOM   1061 O  OE2 . GLU A 1 124 ? 12.876  -0.025  -8.165  1.000 34.978  ? 1102 GLU AAA OE2 1 ? 
ATOM   1062 N  N   . GLU A 1 125 ? 13.721  2.869   -14.573 1.000 22.889  ? 1103 GLU AAA N   1 ? 
ATOM   1063 C  CA  . GLU A 1 125 ? 14.503  3.634   -15.555 1.000 25.183  ? 1103 GLU AAA CA  1 ? 
ATOM   1064 C  C   . GLU A 1 125 ? 13.602  4.572   -16.325 1.000 26.927  ? 1103 GLU AAA C   1 ? 
ATOM   1065 O  O   . GLU A 1 125 ? 14.076  5.668   -16.633 1.000 31.346  ? 1103 GLU AAA O   1 ? 
ATOM   1066 C  CB  . GLU A 1 125 ? 15.384  2.699   -16.397 1.000 22.993  ? 1103 GLU AAA CB  1 ? 
ATOM   1067 C  CG  . GLU A 1 125 ? 16.449  2.036   -15.553 1.000 22.805  ? 1103 GLU AAA CG  1 ? 
ATOM   1068 C  CD  . GLU A 1 125 ? 17.403  1.027   -16.226 1.000 23.883  ? 1103 GLU AAA CD  1 ? 
ATOM   1069 O  OE1 . GLU A 1 125 ? 17.260  0.834   -17.467 1.000 24.585  ? 1103 GLU AAA OE1 1 ? 
ATOM   1070 O  OE2 . GLU A 1 125 ? 18.226  0.372   -15.534 1.000 26.408  ? 1103 GLU AAA OE2 1 ? 
ATOM   1071 N  N   . ILE A 1 126 ? 12.359  4.216   -16.678 1.000 23.770  ? 1104 ILE AAA N   1 ? 
ATOM   1072 C  CA  . ILE A 1 126 ? 11.474  5.162   -17.311 1.000 24.814  ? 1104 ILE AAA CA  1 ? 
ATOM   1073 C  C   . ILE A 1 126 ? 11.213  6.323   -16.342 1.000 29.083  ? 1104 ILE AAA C   1 ? 
ATOM   1074 O  O   . ILE A 1 126 ? 11.271  7.487   -16.725 1.000 31.733  ? 1104 ILE AAA O   1 ? 
ATOM   1075 C  CB  . ILE A 1 126 ? 10.161  4.502   -17.751 1.000 25.388  ? 1104 ILE AAA CB  1 ? 
ATOM   1076 C  CG1 . ILE A 1 126 ? 10.410  3.260   -18.624 1.000 24.649  ? 1104 ILE AAA CG1 1 ? 
ATOM   1077 C  CG2 . ILE A 1 126 ? 9.229   5.517   -18.417 1.000 26.789  ? 1104 ILE AAA CG2 1 ? 
ATOM   1078 C  CD1 . ILE A 1 126 ? 9.157   2.404   -18.801 1.000 27.913  ? 1104 ILE AAA CD1 1 ? 
ATOM   1079 N  N   . GLN A 1 127 ? 10.913  6.035   -15.069 1.000 30.705  ? 1105 GLN AAA N   1 ? 
ATOM   1080 C  CA  . GLN A 1 127 ? 10.579  7.088   -14.111 1.000 33.160  ? 1105 GLN AAA CA  1 ? 
ATOM   1081 C  C   . GLN A 1 127 ? 11.738  8.084   -14.017 1.000 35.151  ? 1105 GLN AAA C   1 ? 
ATOM   1082 O  O   . GLN A 1 127 ? 11.527  9.301   -13.982 1.000 37.552  ? 1105 GLN AAA O   1 ? 
ATOM   1083 C  CB  . GLN A 1 127 ? 10.270  6.474   -12.730 1.000 27.772  ? 1105 GLN AAA CB  1 ? 
ATOM   1084 C  CG  . GLN A 1 127 ? 10.212  7.491   -11.587 1.000 33.755  ? 1105 GLN AAA CG  1 ? 
ATOM   1085 C  CD  . GLN A 1 127 ? 10.019  6.848   -10.232 1.000 40.654  ? 1105 GLN AAA CD  1 ? 
ATOM   1086 O  OE1 . GLN A 1 127 ? 10.896  6.137   -9.724  1.000 39.414  ? 1105 GLN AAA OE1 1 ? 
ATOM   1087 N  NE2 . GLN A 1 127 ? 8.870   7.104   -9.614  1.000 39.436  ? 1105 GLN AAA NE2 1 ? 
ATOM   1088 N  N   . GLU A 1 128 ? 12.961  7.571   -13.976 1.000 33.324  ? 1106 GLU AAA N   1 ? 
ATOM   1089 C  CA  . GLU A 1 128 ? 14.154  8.389   -13.807 1.000 38.599  ? 1106 GLU AAA CA  1 ? 
ATOM   1090 C  C   . GLU A 1 128 ? 14.393  9.246   -15.054 1.000 43.695  ? 1106 GLU AAA C   1 ? 
ATOM   1091 O  O   . GLU A 1 128 ? 15.049  10.288  -14.961 1.000 48.429  ? 1106 GLU AAA O   1 ? 
ATOM   1092 C  CB  . GLU A 1 128 ? 15.320  7.484   -13.401 1.000 36.269  ? 1106 GLU AAA CB  1 ? 
ATOM   1093 C  CG  . GLU A 1 128 ? 16.693  8.009   -13.761 1.000 59.899  ? 1106 GLU AAA CG  1 ? 
ATOM   1094 C  CD  . GLU A 1 128 ? 17.238  8.990   -12.747 1.000 71.112  ? 1106 GLU AAA CD  1 ? 
ATOM   1095 O  OE1 . GLU A 1 128 ? 16.977  10.204  -12.906 1.000 78.291  ? 1106 GLU AAA OE1 1 ? 
ATOM   1096 O  OE2 . GLU A 1 128 ? 17.903  8.532   -11.791 1.000 83.650  ? 1106 GLU AAA OE2 1 ? 
ATOM   1097 N  N   . SER A 1 129 ? 13.857  8.825   -16.209 1.000 44.388  ? 1107 SER AAA N   1 ? 
ATOM   1098 C  CA  . SER A 1 129 ? 14.076  9.516   -17.478 1.000 50.551  ? 1107 SER AAA CA  1 ? 
ATOM   1099 C  C   . SER A 1 129 ? 13.082  10.663  -17.658 1.000 53.572  ? 1107 SER AAA C   1 ? 
ATOM   1100 O  O   . SER A 1 129 ? 13.085  11.321  -18.692 1.000 57.056  ? 1107 SER AAA O   1 ? 
ATOM   1101 C  CB  . SER A 1 129 ? 13.944  8.561   -18.640 1.000 43.788  ? 1107 SER AAA CB  1 ? 
ATOM   1102 O  OG  . SER A 1 129 ? 12.562  8.383   -18.955 1.000 46.741  ? 1107 SER AAA OG  1 ? 
ATOM   1103 N  N   . ARG A 1 130 ? 12.184  10.857  -16.692 1.000 56.759  ? 1108 ARG AAA N   1 ? 
ATOM   1104 C  CA  . ARG A 1 130 ? 11.138  11.851  -16.867 1.000 65.015  ? 1108 ARG AAA CA  1 ? 
ATOM   1105 C  C   . ARG A 1 130 ? 11.493  13.122  -16.087 1.000 69.379  ? 1108 ARG AAA C   1 ? 
ATOM   1106 O  O   . ARG A 1 130 ? 12.182  13.080  -15.058 1.000 72.186  ? 1108 ARG AAA O   1 ? 
ATOM   1107 C  CB  . ARG A 1 130 ? 9.754   11.280  -16.544 1.000 59.542  ? 1108 ARG AAA CB  1 ? 
ATOM   1108 C  CG  . ARG A 1 130 ? 9.168   10.523  -17.725 1.000 63.860  ? 1108 ARG AAA CG  1 ? 
ATOM   1109 C  CD  . ARG A 1 130 ? 7.932   9.669   -17.521 1.000 60.516  ? 1108 ARG AAA CD  1 ? 
ATOM   1110 N  NE  . ARG A 1 130 ? 7.640   9.033   -18.806 1.000 55.912  ? 1108 ARG AAA NE  1 ? 
ATOM   1111 C  CZ  . ARG A 1 130 ? 6.595   8.243   -19.065 1.000 57.875  ? 1108 ARG AAA CZ  1 ? 
ATOM   1112 N  NH1 . ARG A 1 130 ? 6.447   7.716   -20.273 1.000 49.460  ? 1108 ARG AAA NH1 1 ? 
ATOM   1113 N  NH2 . ARG A 1 130 ? 5.726   7.960   -18.111 1.000 69.816  ? 1108 ARG AAA NH2 1 ? 
ATOM   1114 O  OXT . ARG A 1 130 ? 11.095  14.210  -16.504 1.000 74.835  ? 1108 ARG AAA OXT 1 ? 
HETATM 1115 S  S   . SO4 B 2 .   ? -5.737  1.200   -16.686 1.000 30.690  ? 1201 SO4 AAA S   1 ? 
HETATM 1116 O  O1  . SO4 B 2 .   ? -5.221  2.079   -17.632 1.000 27.983  ? 1201 SO4 AAA O1  1 ? 
HETATM 1117 O  O2  . SO4 B 2 .   ? -5.994  -0.088  -17.358 1.000 36.498  ? 1201 SO4 AAA O2  1 ? 
HETATM 1118 O  O3  . SO4 B 2 .   ? -6.971  1.591   -16.061 1.000 30.987  ? 1201 SO4 AAA O3  1 ? 
HETATM 1119 O  O4  . SO4 B 2 .   ? -4.728  0.984   -15.684 1.000 34.151  ? 1201 SO4 AAA O4  1 ? 
HETATM 1120 CL CL  . CL  C 3 .   ? -11.576 -8.229  14.708  1.000 69.864  ? 1202 CL  AAA CL  1 ? 
HETATM 1121 C  C1  . EDO D 4 .   ? 4.385   -7.069  -13.760 1.000 20.446  ? 1203 EDO AAA C1  1 ? 
HETATM 1122 O  O1  . EDO D 4 .   ? 3.576   -8.003  -14.417 1.000 20.389  ? 1203 EDO AAA O1  1 ? 
HETATM 1123 C  C2  . EDO D 4 .   ? 5.123   -7.713  -12.622 1.000 25.771  ? 1203 EDO AAA C2  1 ? 
HETATM 1124 O  O2  . EDO D 4 .   ? 6.216   -8.512  -13.136 1.000 25.121  ? 1203 EDO AAA O2  1 ? 
HETATM 1125 C  C1  . EDO E 4 .   ? 10.318  -0.559  -0.924  1.000 44.319  ? 1204 EDO AAA C1  1 ? 
HETATM 1126 O  O1  . EDO E 4 .   ? 10.627  -1.442  0.111   1.000 58.399  ? 1204 EDO AAA O1  1 ? 
HETATM 1127 C  C2  . EDO E 4 .   ? 10.611  0.815   -0.509  1.000 53.189  ? 1204 EDO AAA C2  1 ? 
HETATM 1128 O  O2  . EDO E 4 .   ? 9.522   1.577   -0.949  1.000 39.060  ? 1204 EDO AAA O2  1 ? 
HETATM 1129 C  C1  . EDO F 4 .   ? 11.276  -4.464  -5.858  1.000 57.533  ? 1205 EDO AAA C1  1 ? 
HETATM 1130 O  O1  . EDO F 4 .   ? 11.185  -5.277  -4.724  1.000 60.653  ? 1205 EDO AAA O1  1 ? 
HETATM 1131 C  C2  . EDO F 4 .   ? 10.405  -3.307  -5.612  1.000 53.532  ? 1205 EDO AAA C2  1 ? 
HETATM 1132 O  O2  . EDO F 4 .   ? 11.037  -2.463  -4.693  1.000 55.077  ? 1205 EDO AAA O2  1 ? 
HETATM 1133 C  C1  . EDO G 4 .   ? 8.473   -7.005  4.936   1.000 50.943  ? 1206 EDO AAA C1  1 ? 
HETATM 1134 O  O1  . EDO G 4 .   ? 8.766   -8.400  4.980   1.000 49.690  ? 1206 EDO AAA O1  1 ? 
HETATM 1135 C  C2  . EDO G 4 .   ? 9.600   -6.089  4.603   1.000 57.799  ? 1206 EDO AAA C2  1 ? 
HETATM 1136 O  O2  . EDO G 4 .   ? 10.875  -6.696  4.660   1.000 63.171  ? 1206 EDO AAA O2  1 ? 
HETATM 1137 S  S   . SO4 H 2 .   ? 0.153   12.006  -3.993  0.500 73.982  ? 1207 SO4 AAA S   1 ? 
HETATM 1138 O  O1  . SO4 H 2 .   ? 1.093   11.155  -4.678  0.500 63.011  ? 1207 SO4 AAA O1  1 ? 
HETATM 1139 O  O2  . SO4 H 2 .   ? -1.118  11.338  -3.880  0.500 66.674  ? 1207 SO4 AAA O2  1 ? 
HETATM 1140 O  O3  . SO4 H 2 .   ? -0.021  13.227  -4.740  0.500 66.909  ? 1207 SO4 AAA O3  1 ? 
HETATM 1141 O  O4  . SO4 H 2 .   ? 0.653   12.309  -2.676  0.500 68.010  ? 1207 SO4 AAA O4  1 ? 
HETATM 1142 C  C4  . IIV I 5 .   ? -6.718  1.542   14.044  1.000 84.777  ? 1208 IIV AAA C4  1 ? 
HETATM 1143 C  C5  . IIV I 5 .   ? -5.901  2.562   13.296  1.000 66.652  ? 1208 IIV AAA C5  1 ? 
HETATM 1144 C  C6  . IIV I 5 .   ? -9.071  1.396   14.113  1.000 109.755 ? 1208 IIV AAA C6  1 ? 
HETATM 1145 C  C7  . IIV I 5 .   ? -10.382 3.250   13.077  1.000 124.153 ? 1208 IIV AAA C7  1 ? 
HETATM 1146 C  C8  . IIV I 5 .   ? -11.631 3.219   13.854  1.000 144.071 ? 1208 IIV AAA C8  1 ? 
HETATM 1147 C  C9  . IIV I 5 .   ? -12.432 3.254   14.763  1.000 160.600 ? 1208 IIV AAA C9  1 ? 
HETATM 1148 N  N1  . IIV I 5 .   ? -7.793  2.174   16.162  1.000 95.865  ? 1208 IIV AAA N1  1 ? 
HETATM 1149 N  N2  . IIV I 5 .   ? -4.686  2.785   13.758  1.000 39.495  ? 1208 IIV AAA N2  1 ? 
HETATM 1150 C  C3  . IIV I 5 .   ? -7.919  2.209   14.706  1.000 99.662  ? 1208 IIV AAA C3  1 ? 
HETATM 1151 N  N3  . IIV I 5 .   ? -9.756  1.930   13.092  1.000 116.026 ? 1208 IIV AAA N3  1 ? 
HETATM 1152 C  C1  . IIV I 5 .   ? -9.582  3.696   16.734  1.000 92.268  ? 1208 IIV AAA C1  1 ? 
HETATM 1153 C  C2  . IIV I 5 .   ? -8.215  3.142   16.979  1.000 93.828  ? 1208 IIV AAA C2  1 ? 
HETATM 1154 O  O1  . IIV I 5 .   ? -7.501  3.562   17.885  1.000 95.100  ? 1208 IIV AAA O1  1 ? 
HETATM 1155 O  O2  . IIV I 5 .   ? -6.362  3.127   12.308  1.000 81.516  ? 1208 IIV AAA O2  1 ? 
HETATM 1156 O  O3  . IIV I 5 .   ? -9.307  0.266   14.547  1.000 92.129  ? 1208 IIV AAA O3  1 ? 
HETATM 1157 BR BR1 . IIV I 5 .   ? -13.853 2.641   15.967  1.000 200.320 ? 1208 IIV AAA BR1 1 ? 
HETATM 1158 O  O   . HOH J 6 .   ? -4.100  -3.214  -20.809 1.000 33.031  ? 1301 HOH AAA O   1 ? 
HETATM 1159 O  O   . HOH J 6 .   ? -5.709  -11.448 -10.211 1.000 41.516  ? 1302 HOH AAA O   1 ? 
HETATM 1160 O  O   . HOH J 6 .   ? 9.093   1.864   1.572   1.000 44.324  ? 1303 HOH AAA O   1 ? 
HETATM 1161 O  O   . HOH J 6 .   ? 0.804   6.070   -17.864 1.000 51.693  ? 1304 HOH AAA O   1 ? 
HETATM 1162 O  O   . HOH J 6 .   ? -3.995  -1.042  -16.189 1.000 37.426  ? 1305 HOH AAA O   1 ? 
HETATM 1163 O  O   . HOH J 6 .   ? 5.780   6.711   -8.462  1.000 29.417  ? 1306 HOH AAA O   1 ? 
HETATM 1164 O  O   . HOH J 6 .   ? 2.391   2.716   25.013  1.000 48.836  ? 1307 HOH AAA O   1 ? 
HETATM 1165 O  O   . HOH J 6 .   ? 4.860   6.985   12.364  1.000 45.828  ? 1308 HOH AAA O   1 ? 
HETATM 1166 O  O   . HOH J 6 .   ? -6.356  -10.112 -6.940  1.000 35.739  ? 1309 HOH AAA O   1 ? 
HETATM 1167 O  O   . HOH J 6 .   ? -2.431  4.072   -20.205 1.000 52.299  ? 1310 HOH AAA O   1 ? 
HETATM 1168 O  O   . HOH J 6 .   ? 2.392   -15.669 -4.458  1.000 38.034  ? 1311 HOH AAA O   1 ? 
HETATM 1169 O  O   . HOH J 6 .   ? 13.142  5.706   -10.691 1.000 51.591  ? 1312 HOH AAA O   1 ? 
HETATM 1170 O  O   . HOH J 6 .   ? 16.381  6.390   -17.285 1.000 38.622  ? 1313 HOH AAA O   1 ? 
HETATM 1171 O  O   . HOH J 6 .   ? -3.595  11.184  -4.310  1.000 47.163  ? 1314 HOH AAA O   1 ? 
HETATM 1172 O  O   . HOH J 6 .   ? -0.601  9.160   -16.916 1.000 59.383  ? 1315 HOH AAA O   1 ? 
HETATM 1173 O  O   . HOH J 6 .   ? 12.275  6.786   -20.945 1.000 42.096  ? 1316 HOH AAA O   1 ? 
HETATM 1174 O  O   . HOH J 6 .   ? 3.364   -3.466  -24.778 1.000 54.932  ? 1317 HOH AAA O   1 ? 
HETATM 1175 O  O   . HOH J 6 .   ? 3.756   -11.145 9.137   1.000 50.540  ? 1318 HOH AAA O   1 ? 
HETATM 1176 O  O   . HOH J 6 .   ? -10.026 0.687   -9.697  1.000 40.885  ? 1319 HOH AAA O   1 ? 
HETATM 1177 O  O   . HOH J 6 .   ? -0.930  10.729  -1.396  1.000 41.210  ? 1320 HOH AAA O   1 ? 
HETATM 1178 O  O   . HOH J 6 .   ? -3.201  3.568   11.673  1.000 29.883  ? 1321 HOH AAA O   1 ? 
HETATM 1179 O  O   . HOH J 6 .   ? 4.539   0.801   18.236  1.000 39.108  ? 1322 HOH AAA O   1 ? 
HETATM 1180 O  O   . HOH J 6 .   ? -10.215 4.887   -8.550  1.000 29.897  ? 1323 HOH AAA O   1 ? 
HETATM 1181 O  O   . HOH J 6 .   ? 10.684  -10.581 -7.304  1.000 43.443  ? 1324 HOH AAA O   1 ? 
HETATM 1182 O  O   . HOH J 6 .   ? -6.422  6.835   4.875   1.000 34.621  ? 1325 HOH AAA O   1 ? 
HETATM 1183 O  O   . HOH J 6 .   ? -3.157  3.531   21.838  1.000 43.562  ? 1326 HOH AAA O   1 ? 
HETATM 1184 O  O   . HOH J 6 .   ? 5.761   -8.558  -17.689 1.000 23.615  ? 1327 HOH AAA O   1 ? 
HETATM 1185 O  O   . HOH J 6 .   ? 2.019   13.371  15.256  1.000 49.931  ? 1328 HOH AAA O   1 ? 
HETATM 1186 O  O   . HOH J 6 .   ? -1.328  16.005  7.605   1.000 37.095  ? 1329 HOH AAA O   1 ? 
HETATM 1187 O  O   . HOH J 6 .   ? -3.300  5.481   8.145   1.000 27.912  ? 1330 HOH AAA O   1 ? 
HETATM 1188 O  O   . HOH J 6 .   ? -0.539  -13.504 4.642   1.000 33.475  ? 1331 HOH AAA O   1 ? 
HETATM 1189 O  O   . HOH J 6 .   ? 2.531   -9.330  12.191  1.000 40.605  ? 1332 HOH AAA O   1 ? 
HETATM 1190 O  O   . HOH J 6 .   ? -2.632  2.247   9.415   1.000 29.116  ? 1333 HOH AAA O   1 ? 
HETATM 1191 O  O   . HOH J 6 .   ? 17.306  -5.681  -13.565 1.000 39.159  ? 1334 HOH AAA O   1 ? 
HETATM 1192 O  O   . HOH J 6 .   ? 20.318  1.615   -14.484 1.000 38.875  ? 1335 HOH AAA O   1 ? 
HETATM 1193 O  O   . HOH J 6 .   ? 1.836   8.852   0.226   1.000 36.479  ? 1336 HOH AAA O   1 ? 
HETATM 1194 O  O   . HOH J 6 .   ? -7.511  -1.118  23.026  1.000 59.697  ? 1337 HOH AAA O   1 ? 
HETATM 1195 O  O   . HOH J 6 .   ? -11.782 -8.628  10.396  1.000 44.356  ? 1338 HOH AAA O   1 ? 
HETATM 1196 O  O   . HOH J 6 .   ? -4.855  2.280   7.550   1.000 28.171  ? 1339 HOH AAA O   1 ? 
HETATM 1197 O  O   . HOH J 6 .   ? -1.992  10.759  3.365   1.000 38.509  ? 1340 HOH AAA O   1 ? 
HETATM 1198 O  O   . HOH J 6 .   ? 3.966   6.577   9.880   1.000 24.328  ? 1341 HOH AAA O   1 ? 
HETATM 1199 O  O   . HOH J 6 .   ? 13.725  -1.601  -6.161  1.000 58.113  ? 1342 HOH AAA O   1 ? 
HETATM 1200 O  O   . HOH J 6 .   ? -2.757  -0.192  27.257  1.000 42.794  ? 1343 HOH AAA O   1 ? 
HETATM 1201 O  O   . HOH J 6 .   ? -7.520  -3.558  -6.137  1.000 39.787  ? 1344 HOH AAA O   1 ? 
HETATM 1202 O  O   . HOH J 6 .   ? -12.548 -5.491  1.180   1.000 39.842  ? 1345 HOH AAA O   1 ? 
HETATM 1203 O  O   . HOH J 6 .   ? -6.455  -12.683 -0.125  1.000 32.556  ? 1346 HOH AAA O   1 ? 
HETATM 1204 O  O   . HOH J 6 .   ? -9.903  7.363   -2.145  1.000 41.035  ? 1347 HOH AAA O   1 ? 
HETATM 1205 O  O   . HOH J 6 .   ? 3.611   6.285   19.257  1.000 38.731  ? 1348 HOH AAA O   1 ? 
HETATM 1206 O  O   . HOH J 6 .   ? 6.600   -5.546  8.466   1.000 48.346  ? 1349 HOH AAA O   1 ? 
HETATM 1207 O  O   . HOH J 6 .   ? -10.602 -7.091  4.488   1.000 27.176  ? 1350 HOH AAA O   1 ? 
HETATM 1208 O  O   . HOH J 6 .   ? 8.533   -16.820 -7.856  1.000 44.611  ? 1351 HOH AAA O   1 ? 
HETATM 1209 O  O   . HOH J 6 .   ? -7.547  -4.530  13.402  1.000 42.353  ? 1352 HOH AAA O   1 ? 
HETATM 1210 O  O   . HOH J 6 .   ? -4.092  -8.788  21.017  1.000 24.083  ? 1353 HOH AAA O   1 ? 
HETATM 1211 O  O   . HOH J 6 .   ? 4.687   6.556   -2.573  1.000 40.144  ? 1354 HOH AAA O   1 ? 
HETATM 1212 O  O   . HOH J 6 .   ? 1.676   -9.566  -13.265 1.000 18.200  ? 1355 HOH AAA O   1 ? 
HETATM 1213 O  O   . HOH J 6 .   ? 13.550  -11.255 -16.136 1.000 47.097  ? 1356 HOH AAA O   1 ? 
HETATM 1214 O  O   . HOH J 6 .   ? -7.701  -4.108  17.745  1.000 41.350  ? 1357 HOH AAA O   1 ? 
HETATM 1215 O  O   . HOH J 6 .   ? 7.543   -10.452 3.661   1.000 25.728  ? 1358 HOH AAA O   1 ? 
HETATM 1216 O  O   . HOH J 6 .   ? 4.025   10.444  7.461   1.000 41.678  ? 1359 HOH AAA O   1 ? 
HETATM 1217 O  O   . HOH J 6 .   ? 5.816   4.098   13.169  1.000 45.460  ? 1360 HOH AAA O   1 ? 
HETATM 1218 O  O   . HOH J 6 .   ? 4.907   -0.153  20.567  1.000 45.242  ? 1361 HOH AAA O   1 ? 
HETATM 1219 O  O   . HOH J 6 .   ? 6.658   4.871   4.007   1.000 24.599  ? 1362 HOH AAA O   1 ? 
HETATM 1220 O  O   . HOH J 6 .   ? -3.639  14.037  8.819   1.000 37.966  ? 1363 HOH AAA O   1 ? 
HETATM 1221 O  O   . HOH J 6 .   ? 4.375   8.325   -23.960 1.000 50.301  ? 1364 HOH AAA O   1 ? 
HETATM 1222 O  O   . HOH J 6 .   ? 7.520   9.394   -10.307 1.000 55.765  ? 1365 HOH AAA O   1 ? 
HETATM 1223 O  O   . HOH J 6 .   ? -0.037  4.062   -18.982 1.000 31.349  ? 1366 HOH AAA O   1 ? 
HETATM 1224 O  O   . HOH J 6 .   ? 0.687   -13.760 7.537   1.000 51.421  ? 1367 HOH AAA O   1 ? 
HETATM 1225 O  O   . HOH J 6 .   ? -5.645  -5.925  -11.663 1.000 15.615  ? 1368 HOH AAA O   1 ? 
HETATM 1226 O  O   . HOH J 6 .   ? 8.285   -12.467 -15.748 1.000 32.926  ? 1369 HOH AAA O   1 ? 
HETATM 1227 O  O   . HOH J 6 .   ? -3.080  -4.507  28.998  1.000 26.980  ? 1370 HOH AAA O   1 ? 
HETATM 1228 O  O   . HOH J 6 .   ? 9.933   2.999   -25.921 1.000 50.259  ? 1371 HOH AAA O   1 ? 
HETATM 1229 O  O   . HOH J 6 .   ? -0.489  5.541   23.644  1.000 45.034  ? 1372 HOH AAA O   1 ? 
HETATM 1230 O  O   . HOH J 6 .   ? -4.742  8.747   2.275   1.000 42.950  ? 1373 HOH AAA O   1 ? 
HETATM 1231 O  O   . HOH J 6 .   ? 16.420  2.096   -19.812 1.000 24.637  ? 1374 HOH AAA O   1 ? 
HETATM 1232 O  O   . HOH J 6 .   ? -7.415  -3.862  24.436  1.000 43.654  ? 1375 HOH AAA O   1 ? 
HETATM 1233 O  O   . HOH J 6 .   ? 6.928   -3.585  -20.443 1.000 32.479  ? 1376 HOH AAA O   1 ? 
HETATM 1234 O  O   . HOH J 6 .   ? -1.605  -12.910 10.762  1.000 29.600  ? 1377 HOH AAA O   1 ? 
HETATM 1235 O  O   . HOH J 6 .   ? 3.041   -11.535 -11.834 1.000 22.889  ? 1378 HOH AAA O   1 ? 
HETATM 1236 O  O   . HOH J 6 .   ? 10.913  4.477   -7.263  1.000 39.449  ? 1379 HOH AAA O   1 ? 
HETATM 1237 O  O   . HOH J 6 .   ? -8.847  -5.749  10.467  1.000 31.530  ? 1380 HOH AAA O   1 ? 
HETATM 1238 O  O   . HOH J 6 .   ? 6.566   4.333   6.649   1.000 28.528  ? 1381 HOH AAA O   1 ? 
HETATM 1239 O  O   . HOH J 6 .   ? 1.803   9.569   8.962   1.000 27.128  ? 1382 HOH AAA O   1 ? 
HETATM 1240 O  O   . HOH J 6 .   ? -10.397 6.426   0.115   1.000 49.156  ? 1383 HOH AAA O   1 ? 
HETATM 1241 O  O   . HOH J 6 .   ? 14.537  -4.462  -9.709  1.000 40.789  ? 1384 HOH AAA O   1 ? 
HETATM 1242 O  O   . HOH J 6 .   ? 12.703  -11.538 -10.970 1.000 36.251  ? 1385 HOH AAA O   1 ? 
HETATM 1243 O  O   . HOH J 6 .   ? -10.802 3.458   -3.887  1.000 34.301  ? 1386 HOH AAA O   1 ? 
HETATM 1244 O  O   . HOH J 6 .   ? 3.802   -1.557  24.157  1.000 42.379  ? 1387 HOH AAA O   1 ? 
HETATM 1245 O  O   . HOH J 6 .   ? 2.359   -10.116 -17.800 1.000 17.982  ? 1388 HOH AAA O   1 ? 
HETATM 1246 O  O   . HOH J 6 .   ? -1.760  -7.744  25.196  1.000 25.996  ? 1389 HOH AAA O   1 ? 
HETATM 1247 O  O   . HOH J 6 .   ? 3.726   -4.095  23.463  1.000 39.240  ? 1390 HOH AAA O   1 ? 
HETATM 1248 O  O   . HOH J 6 .   ? 9.698   -8.031  -1.728  1.000 33.457  ? 1391 HOH AAA O   1 ? 
HETATM 1249 O  O   . HOH J 6 .   ? -7.273  3.080   7.984   1.000 40.771  ? 1392 HOH AAA O   1 ? 
HETATM 1250 O  O   . HOH J 6 .   ? -9.870  -13.819 4.574   1.000 38.699  ? 1393 HOH AAA O   1 ? 
HETATM 1251 O  O   . HOH J 6 .   ? -0.274  4.219   -10.489 1.000 19.288  ? 1394 HOH AAA O   1 ? 
HETATM 1252 O  O   . HOH J 6 .   ? 3.324   10.488  -8.489  1.000 48.211  ? 1395 HOH AAA O   1 ? 
HETATM 1253 O  O   . HOH J 6 .   ? -10.872 1.858   9.277   1.000 51.138  ? 1396 HOH AAA O   1 ? 
HETATM 1254 O  O   . HOH J 6 .   ? -3.798  -11.524 1.699   1.000 34.016  ? 1397 HOH AAA O   1 ? 
HETATM 1255 O  O   . HOH J 6 .   ? 14.684  -2.090  -9.490  1.000 49.239  ? 1398 HOH AAA O   1 ? 
HETATM 1256 O  O   . HOH J 6 .   ? 7.766   -14.498 -0.987  1.000 38.380  ? 1399 HOH AAA O   1 ? 
HETATM 1257 O  O   . HOH J 6 .   ? -8.784  7.309   -8.535  1.000 26.711  ? 1400 HOH AAA O   1 ? 
HETATM 1258 O  O   . HOH J 6 .   ? -5.644  8.952   -14.196 1.000 48.199  ? 1401 HOH AAA O   1 ? 
HETATM 1259 O  O   . HOH J 6 .   ? 0.833   4.691   -13.611 1.000 24.794  ? 1402 HOH AAA O   1 ? 
HETATM 1260 O  O   . HOH J 6 .   ? 10.904  -8.179  -4.120  1.000 52.230  ? 1403 HOH AAA O   1 ? 
HETATM 1261 O  O   . HOH J 6 .   ? -10.240 -1.302  0.159   1.000 36.538  ? 1404 HOH AAA O   1 ? 
HETATM 1262 O  O   . HOH J 6 .   ? 6.612   0.136   7.779   1.000 32.222  ? 1405 HOH AAA O   1 ? 
HETATM 1263 O  O   . HOH J 6 .   ? 6.469   -2.309  -23.155 1.000 44.916  ? 1406 HOH AAA O   1 ? 
HETATM 1264 O  O   . HOH J 6 .   ? -5.062  5.478   -18.210 1.000 55.774  ? 1407 HOH AAA O   1 ? 
HETATM 1265 O  O   . HOH J 6 .   ? 8.923   0.140   -22.134 1.000 31.965  ? 1408 HOH AAA O   1 ? 
HETATM 1266 O  O   . HOH J 6 .   ? 2.385   10.790  11.316  1.000 30.977  ? 1409 HOH AAA O   1 ? 
HETATM 1267 O  O   . HOH J 6 .   ? 6.282   -10.234 -15.598 1.000 37.491  ? 1410 HOH AAA O   1 ? 
HETATM 1268 O  O   . HOH J 6 .   ? -7.064  -0.609  20.244  1.000 47.499  ? 1411 HOH AAA O   1 ? 
HETATM 1269 O  O   . HOH J 6 .   ? -8.180  5.612   -14.038 1.000 38.132  ? 1412 HOH AAA O   1 ? 
HETATM 1270 O  O   . HOH J 6 .   ? -2.017  -2.425  -21.768 0.500 39.898  ? 1413 HOH AAA O   1 ? 
HETATM 1271 O  O   . HOH J 6 .   ? 3.185   8.118   -3.988  1.000 48.178  ? 1414 HOH AAA O   1 ? 
HETATM 1272 O  O   . HOH J 6 .   ? 14.332  -11.424 -13.427 1.000 52.731  ? 1415 HOH AAA O   1 ? 
HETATM 1273 O  O   . HOH J 6 .   ? -2.596  12.449  -10.856 1.000 68.457  ? 1416 HOH AAA O   1 ? 
HETATM 1274 O  O   . HOH J 6 .   ? 1.793   -7.483  17.989  1.000 46.443  ? 1417 HOH AAA O   1 ? 
HETATM 1275 O  O   . HOH J 6 .   ? -4.781  4.772   20.262  1.000 51.787  ? 1418 HOH AAA O   1 ? 
HETATM 1276 O  O   . HOH J 6 .   ? -5.946  4.149   -14.582 1.000 37.393  ? 1419 HOH AAA O   1 ? 
HETATM 1277 O  O   . HOH J 6 .   ? 1.711   0.265   27.236  1.000 30.850  ? 1420 HOH AAA O   1 ? 
HETATM 1278 O  O   . HOH J 6 .   ? -9.426  -2.877  14.658  1.000 52.445  ? 1421 HOH AAA O   1 ? 
HETATM 1279 O  O   . HOH J 6 .   ? 0.838   19.412  11.485  1.000 42.935  ? 1422 HOH AAA O   1 ? 
HETATM 1280 O  O   . HOH J 6 .   ? 2.224   -12.003 6.896   1.000 41.213  ? 1423 HOH AAA O   1 ? 
HETATM 1281 O  O   . HOH J 6 .   ? 5.449   5.452   -29.459 1.000 58.515  ? 1424 HOH AAA O   1 ? 
HETATM 1282 O  O   . HOH J 6 .   ? 9.000   3.696   3.463   1.000 34.457  ? 1425 HOH AAA O   1 ? 
HETATM 1283 O  O   . HOH J 6 .   ? -7.767  8.486   8.090   1.000 50.277  ? 1426 HOH AAA O   1 ? 
HETATM 1284 O  O   . HOH J 6 .   ? -8.897  -1.508  -1.917  1.000 38.529  ? 1427 HOH AAA O   1 ? 
HETATM 1285 O  O   . HOH J 6 .   ? 11.752  7.411   -24.453 1.000 54.166  ? 1428 HOH AAA O   1 ? 
HETATM 1286 O  O   . HOH J 6 .   ? -1.364  7.763   19.804  1.000 49.408  ? 1429 HOH AAA O   1 ? 
HETATM 1287 O  O   . HOH J 6 .   ? 7.893   9.878   -26.071 1.000 70.710  ? 1430 HOH AAA O   1 ? 
HETATM 1288 O  O   . HOH J 6 .   ? -7.634  -14.817 10.159  1.000 68.063  ? 1431 HOH AAA O   1 ? 
HETATM 1289 O  O   . HOH J 6 .   ? -13.565 -0.967  7.674   1.000 53.404  ? 1432 HOH AAA O   1 ? 
HETATM 1290 O  O   . HOH J 6 .   ? -11.368 -6.676  11.587  1.000 48.354  ? 1433 HOH AAA O   1 ? 
HETATM 1291 O  O   . HOH J 6 .   ? 3.928   -12.855 4.766   1.000 40.870  ? 1434 HOH AAA O   1 ? 
HETATM 1292 O  O   . HOH J 6 .   ? 12.513  -5.919  -7.865  1.000 46.321  ? 1435 HOH AAA O   1 ? 
HETATM 1293 O  O   . HOH J 6 .   ? -7.438  -6.463  -9.465  1.000 26.685  ? 1436 HOH AAA O   1 ? 
HETATM 1294 O  O   . HOH J 6 .   ? -11.201 -10.978 11.662  1.000 57.181  ? 1437 HOH AAA O   1 ? 
HETATM 1295 O  O   . HOH J 6 .   ? -6.444  6.108   7.446   1.000 36.091  ? 1438 HOH AAA O   1 ? 
HETATM 1296 O  O   . HOH J 6 .   ? -11.334 4.044   -6.198  1.000 46.514  ? 1439 HOH AAA O   1 ? 
HETATM 1297 O  O   . HOH J 6 .   ? 5.501   -2.528  -25.251 1.000 59.455  ? 1440 HOH AAA O   1 ? 
HETATM 1298 O  O   . HOH J 6 .   ? -7.451  -2.428  26.593  1.000 52.329  ? 1441 HOH AAA O   1 ? 
HETATM 1299 O  O   . HOH J 6 .   ? -13.219 -4.245  10.825  1.000 62.844  ? 1442 HOH AAA O   1 ? 
HETATM 1300 O  O   . HOH J 6 .   ? 1.720   6.594   -15.564 1.000 35.180  ? 1443 HOH AAA O   1 ? 
HETATM 1301 O  O   . HOH J 6 .   ? -4.877  -6.071  29.475  1.000 57.673  ? 1444 HOH AAA O   1 ? 
HETATM 1302 O  O   . HOH J 6 .   ? -2.842  -16.423 7.889   1.000 52.991  ? 1445 HOH AAA O   1 ? 
HETATM 1303 O  O   . HOH J 6 .   ? -3.829  10.387  -14.781 1.000 58.517  ? 1446 HOH AAA O   1 ? 
HETATM 1304 O  O   . HOH J 6 .   ? 9.128   -11.168 1.638   1.000 31.598  ? 1447 HOH AAA O   1 ? 
HETATM 1305 O  O   . HOH J 6 .   ? -9.032  7.996   -11.238 1.000 32.075  ? 1448 HOH AAA O   1 ? 
HETATM 1306 O  O   . HOH J 6 .   ? 6.241   7.762   3.326   1.000 49.065  ? 1449 HOH AAA O   1 ? 
HETATM 1307 O  O   . HOH J 6 .   ? 0.915   -13.025 10.586  1.000 38.023  ? 1450 HOH AAA O   1 ? 
HETATM 1308 O  O   . HOH J 6 .   ? -5.506  -15.516 10.053  1.000 47.606  ? 1451 HOH AAA O   1 ? 
HETATM 1309 O  O   . HOH J 6 .   ? 3.492   5.064   24.392  1.000 47.225  ? 1452 HOH AAA O   1 ? 
HETATM 1310 O  O   . HOH J 6 .   ? 5.247   12.678  7.979   1.000 45.146  ? 1453 HOH AAA O   1 ? 
HETATM 1311 O  O   . HOH J 6 .   ? 6.955   -12.774 4.947   1.000 45.337  ? 1454 HOH AAA O   1 ? 
HETATM 1312 O  O   . HOH J 6 .   ? -9.208  -4.999  -8.205  1.000 41.365  ? 1455 HOH AAA O   1 ? 
HETATM 1313 O  O   . HOH J 6 .   ? 10.822  -9.178  0.563   1.000 37.905  ? 1456 HOH AAA O   1 ? 
HETATM 1314 O  O   . HOH J 6 .   ? -0.882  -9.003  -12.084 1.000 19.214  ? 1457 HOH AAA O   1 ? 
HETATM 1315 O  O   . HOH J 6 .   ? -13.052 -8.468  4.796   1.000 46.867  ? 1458 HOH AAA O   1 ? 
HETATM 1316 O  O   . HOH J 6 .   ? 7.133   -0.160  10.168  1.000 56.503  ? 1459 HOH AAA O   1 ? 
HETATM 1317 O  O   . HOH J 6 .   ? 8.416   2.848   7.315   1.000 46.437  ? 1460 HOH AAA O   1 ? 
HETATM 1318 O  O   . HOH J 6 .   ? 9.718   -15.801 -2.679  1.000 54.654  ? 1461 HOH AAA O   1 ? 
HETATM 1319 O  O   . HOH J 6 .   ? -3.283  6.268   -19.963 1.000 59.373  ? 1462 HOH AAA O   1 ? 
HETATM 1320 O  O   . HOH J 6 .   ? -10.755 9.850   -2.859  1.000 43.979  ? 1463 HOH AAA O   1 ? 
HETATM 1321 O  O   . HOH J 6 .   ? -5.870  9.831   -4.111  1.000 53.820  ? 1464 HOH AAA O   1 ? 
HETATM 1322 O  O   . HOH J 6 .   ? 4.053   -7.916  14.426  1.000 52.071  ? 1465 HOH AAA O   1 ? 
HETATM 1323 O  O   . HOH J 6 .   ? -12.263 -3.035  0.302   1.000 52.587  ? 1466 HOH AAA O   1 ? 
HETATM 1324 O  O   . HOH J 6 .   ? 5.617   8.443   8.517   1.000 38.251  ? 1467 HOH AAA O   1 ? 
HETATM 1325 O  O   . HOH J 6 .   ? -11.352 0.724   -3.161  1.000 56.155  ? 1468 HOH AAA O   1 ? 
HETATM 1326 O  O   . HOH J 6 .   ? 8.511   -13.761 -18.047 1.000 54.239  ? 1469 HOH AAA O   1 ? 
HETATM 1327 O  O   . HOH J 6 .   ? -2.051  -9.139  22.903  1.000 26.319  ? 1470 HOH AAA O   1 ? 
HETATM 1328 O  O   . HOH J 6 .   ? 7.591   2.064   11.772  1.000 48.317  ? 1471 HOH AAA O   1 ? 
HETATM 1329 O  O   . HOH J 6 .   ? -8.993  -2.061  -7.836  1.000 49.483  ? 1472 HOH AAA O   1 ? 
HETATM 1330 O  O   . HOH J 6 .   ? 8.848   -13.780 1.334   1.000 39.102  ? 1473 HOH AAA O   1 ? 
HETATM 1331 O  O   . HOH J 6 .   ? -8.965  10.127  -12.690 1.000 45.451  ? 1474 HOH AAA O   1 ? 
HETATM 1332 O  O   . HOH J 6 .   ? -14.436 -8.878  0.277   1.000 55.627  ? 1475 HOH AAA O   1 ? 
HETATM 1333 O  O   . HOH J 6 .   ? -2.398  -13.218 0.303   1.000 39.297  ? 1476 HOH AAA O   1 ? 
HETATM 1334 O  O   . HOH J 6 .   ? 7.406   -14.802 3.335   1.000 48.601  ? 1477 HOH AAA O   1 ? 
HETATM 1335 O  O   . HOH J 6 .   ? -6.889  12.912  6.386   1.000 55.145  ? 1478 HOH AAA O   1 ? 
HETATM 1336 O  O   . HOH J 6 .   ? 5.571   -16.113 2.255   1.000 52.207  ? 1479 HOH AAA O   1 ? 
HETATM 1337 O  O   . HOH J 6 .   ? -11.610 -1.136  -5.974  1.000 60.096  ? 1480 HOH AAA O   1 ? 
# 
